data_7L8Z
#
_entry.id   7L8Z
#
loop_
_entity.id
_entity.type
_entity.pdbx_description
1 polymer 'Rh.33311 pAbC-7 - Heavy Chain'
2 polymer 'Rh.33311 pAbC-7 - Light Chain'
3 polymer 'BG505 SOSIP.v5.2 N241/N289 - gp120'
4 polymer 'BG505 SOSIP.v5.2 N241/N289 - gp41'
5 branched 2-acetamido-2-deoxy-beta-D-glucopyranose-(1-4)-2-acetamido-2-deoxy-beta-D-glucopyranose
6 branched alpha-D-mannopyranose-(1-2)-alpha-D-mannopyranose-(1-3)-[alpha-D-mannopyranose-(1-6)]beta-D-mannopyranose-(1-4)-2-acetamido-2-deoxy-beta-D-glucopyranose-(1-4)-2-acetamido-2-deoxy-beta-D-glucopyranose
7 branched alpha-D-mannopyranose-(1-3)-[alpha-D-mannopyranose-(1-6)]beta-D-mannopyranose-(1-4)-2-acetamido-2-deoxy-beta-D-glucopyranose-(1-4)-2-acetamido-2-deoxy-beta-D-glucopyranose
8 branched beta-D-mannopyranose-(1-4)-2-acetamido-2-deoxy-beta-D-glucopyranose-(1-4)-2-acetamido-2-deoxy-beta-D-glucopyranose
9 non-polymer 2-acetamido-2-deoxy-beta-D-glucopyranose
#
loop_
_entity_poly.entity_id
_entity_poly.type
_entity_poly.pdbx_seq_one_letter_code
_entity_poly.pdbx_strand_id
1 'polypeptide(L)'
;(UNK)(UNK)(UNK)(UNK)(UNK)(UNK)(UNK)(UNK)(UNK)(UNK)(UNK)(UNK)(UNK)(UNK)(UNK)(UNK)
(UNK)(UNK)(UNK)(UNK)(UNK)(UNK)(UNK)(UNK)(UNK)(UNK)(UNK)(UNK)(UNK)(UNK)(UNK)(UNK)
(UNK)(UNK)(UNK)(UNK)(UNK)(UNK)(UNK)(UNK)(UNK)(UNK)(UNK)(UNK)(UNK)(UNK)(UNK)(UNK)
(UNK)(UNK)(UNK)(UNK)(UNK)(UNK)(UNK)(UNK)(UNK)(UNK)(UNK)(UNK)(UNK)(UNK)(UNK)(UNK)
(UNK)(UNK)(UNK)(UNK)(UNK)(UNK)(UNK)(UNK)(UNK)(UNK)(UNK)(UNK)(UNK)(UNK)(UNK)(UNK)
(UNK)(UNK)(UNK)(UNK)(UNK)(UNK)(UNK)(UNK)(UNK)(UNK)(UNK)(UNK)(UNK)(UNK)(UNK)(UNK)
(UNK)(UNK)(UNK)(UNK)(UNK)(UNK)(UNK)(UNK)(UNK)(UNK)(UNK)(UNK)(UNK)
;
H
2 'polypeptide(L)'
;(UNK)(UNK)(UNK)(UNK)(UNK)(UNK)(UNK)(UNK)(UNK)(UNK)(UNK)(UNK)(UNK)(UNK)(UNK)(UNK)
(UNK)(UNK)(UNK)(UNK)(UNK)(UNK)(UNK)(UNK)(UNK)(UNK)(UNK)(UNK)(UNK)(UNK)(UNK)(UNK)
(UNK)(UNK)(UNK)(UNK)(UNK)(UNK)(UNK)(UNK)(UNK)(UNK)(UNK)(UNK)(UNK)(UNK)(UNK)(UNK)
(UNK)(UNK)(UNK)(UNK)(UNK)(UNK)(UNK)(UNK)(UNK)(UNK)(UNK)(UNK)(UNK)(UNK)(UNK)(UNK)
(UNK)(UNK)(UNK)(UNK)(UNK)(UNK)(UNK)(UNK)(UNK)(UNK)(UNK)(UNK)(UNK)(UNK)(UNK)(UNK)
(UNK)(UNK)(UNK)(UNK)(UNK)
;
L
3 'polypeptide(L)'
;MKRGLCCVLLLCGAVFVSPSQEIHARFRRGARAENLWVTVYYGVPVWKDAETTLFCASDAKAYETKKHNVWATHCCVPTD
PNPQEIHLENVTEEFNMWKNNMVEQMHTDIISLWDQSLKPCVKLTPLCVTLQCTNVTNNITDDMRGELKNCSFNMTTELR
DKKQKVYSLFYRLDVVQINENQGNRSNNSNKEYRLINCNTSAITQACPKVSFEPIPIHYCAPAGFAILKCKDKKFNGTGP
CTNVSTVQCTHGIKPVVSTQLLLNGSLAEEEVIIRSENITNNAKNILVQLNESVQINCTRPNNNTRKSIRIGPGQWFYAT
GDIIGDIRQAHCNVSKATWNETLGKVVKQLRKHFGNNTIIRFANSSGGDLEVTTHSFNCGGEFFYCNTSGLFNSTWISNT
SVQGSNSTGSNDSITLPCRIKQIINMWQRIGQAMYAPPIQGVIRCVSNITGLILTRDGGSTNSTTETFRPGGGDMRDNWR
SELYKYKVVKIEPLGVAPTRCKR
;
A,C,D
4 'polypeptide(L)'
;LGFLGAAGSTMGAASMTLTVQARNLLSGIVQQQSNLLRAPECQQHLLKLTVWGIKQLQARVLAVERYLRDQQLLGIWGCS
GKLICCTNVPWNSTWSNRNLSEIWDNMTWLQWDKEISNYTQIIYGLLEESQNQQEKNEQDLLALD
;
B,E,F
#
loop_
_chem_comp.id
_chem_comp.type
_chem_comp.name
_chem_comp.formula
BMA D-saccharide, beta linking beta-D-mannopyranose 'C6 H12 O6'
MAN D-saccharide, alpha linking alpha-D-mannopyranose 'C6 H12 O6'
NAG D-saccharide, beta linking 2-acetamido-2-deoxy-beta-D-glucopyranose 'C8 H15 N O6'
#
# COMPACT_ATOMS: atom_id res chain seq x y z
N UNK A 1 2.15 61.31 -17.20
CA UNK A 1 1.95 60.79 -18.55
C UNK A 1 2.05 61.97 -19.52
N UNK A 2 2.55 61.70 -20.75
CA UNK A 2 2.74 62.65 -21.84
C UNK A 2 2.86 61.82 -23.11
N UNK A 3 2.64 62.40 -24.27
CA UNK A 3 2.85 61.66 -25.52
C UNK A 3 3.08 62.60 -26.68
N UNK A 4 3.67 62.09 -27.76
CA UNK A 4 3.87 62.90 -28.96
C UNK A 4 3.77 62.06 -30.22
N UNK A 5 3.47 62.71 -31.35
CA UNK A 5 3.34 62.01 -32.62
C UNK A 5 3.63 62.91 -33.82
N UNK A 6 3.96 62.29 -34.96
CA UNK A 6 4.20 63.04 -36.20
C UNK A 6 3.83 62.28 -37.50
N UNK A 7 3.41 63.05 -38.49
CA UNK A 7 3.02 62.58 -39.83
C UNK A 7 2.88 63.78 -40.77
N UNK A 8 2.79 63.54 -42.08
CA UNK A 8 2.52 64.64 -43.01
C UNK A 8 1.55 64.16 -44.09
N UNK A 9 0.64 65.06 -44.48
CA UNK A 9 -0.32 64.75 -45.53
C UNK A 9 0.37 64.75 -46.89
N UNK A 10 -0.08 63.89 -47.79
CA UNK A 10 0.48 63.86 -49.14
C UNK A 10 -0.45 63.20 -50.13
N UNK A 11 -0.27 63.53 -51.41
CA UNK A 11 -0.98 62.88 -52.53
C UNK A 11 -0.15 61.75 -53.12
N UNK A 12 1.02 61.54 -52.53
CA UNK A 12 1.99 60.54 -52.94
C UNK A 12 1.54 59.15 -52.53
N UNK A 13 2.08 58.15 -53.23
CA UNK A 13 1.82 56.72 -52.94
C UNK A 13 2.51 56.28 -51.65
N UNK A 14 2.06 55.13 -51.10
CA UNK A 14 2.59 54.55 -49.85
C UNK A 14 2.19 55.46 -48.68
N UNK A 15 2.70 55.18 -47.48
CA UNK A 15 2.44 56.03 -46.33
C UNK A 15 3.36 55.66 -45.20
N UNK A 16 3.61 56.59 -44.29
CA UNK A 16 4.35 56.30 -43.06
C UNK A 16 3.98 57.29 -41.98
N UNK A 17 4.06 56.86 -40.73
CA UNK A 17 3.80 57.71 -39.56
C UNK A 17 4.54 57.17 -38.33
N UNK A 18 4.73 58.03 -37.31
CA UNK A 18 5.37 57.54 -36.08
C UNK A 18 4.86 58.24 -34.84
N UNK A 19 5.00 57.59 -33.70
CA UNK A 19 4.59 58.14 -32.41
C UNK A 19 5.40 57.57 -31.27
N UNK A 20 5.40 58.25 -30.13
CA UNK A 20 6.09 57.67 -28.98
C UNK A 20 5.56 58.13 -27.63
N UNK A 21 5.79 57.25 -26.64
CA UNK A 21 5.54 57.49 -25.24
C UNK A 21 6.53 58.48 -24.72
N UNK A 22 6.15 59.20 -23.69
CA UNK A 22 7.04 60.15 -23.09
C UNK A 22 7.17 59.90 -21.58
N UNK A 23 6.41 60.62 -20.77
CA UNK A 23 6.54 60.51 -19.31
C UNK A 23 6.22 59.13 -18.75
N UNK A 24 5.27 58.43 -19.32
CA UNK A 24 4.90 57.13 -18.81
C UNK A 24 5.62 56.08 -19.62
N UNK A 25 5.88 54.93 -18.99
CA UNK A 25 6.49 53.82 -19.70
C UNK A 25 5.54 53.28 -20.74
N UNK A 26 6.07 52.82 -21.87
CA UNK A 26 5.25 52.20 -22.90
C UNK A 26 4.72 50.85 -22.42
N UNK A 27 5.38 50.30 -21.43
CA UNK A 27 5.11 48.99 -20.86
C UNK A 27 3.81 48.95 -20.10
N UNK A 28 3.25 47.73 -20.00
CA UNK A 28 2.05 47.45 -19.24
C UNK A 28 0.85 48.27 -19.66
N UNK A 29 0.69 48.42 -20.96
CA UNK A 29 -0.44 49.11 -21.54
C UNK A 29 -0.60 48.70 -22.99
N UNK A 30 -1.80 48.91 -23.52
CA UNK A 30 -2.09 48.76 -24.93
C UNK A 30 -2.25 50.16 -25.48
N UNK A 31 -1.96 50.38 -26.78
CA UNK A 31 -2.12 51.71 -27.39
C UNK A 31 -2.58 51.67 -28.85
N UNK A 32 -3.23 52.76 -29.30
CA UNK A 32 -3.82 52.88 -30.64
C UNK A 32 -3.85 54.31 -31.16
N UNK A 33 -4.02 54.52 -32.48
CA UNK A 33 -4.13 55.89 -33.01
C UNK A 33 -5.15 56.02 -34.14
N UNK A 34 -5.75 57.22 -34.26
CA UNK A 34 -6.72 57.47 -35.35
C UNK A 34 -6.68 58.92 -35.81
N UNK A 35 -6.89 59.12 -37.12
CA UNK A 35 -6.85 60.46 -37.73
C UNK A 35 -8.11 61.33 -37.77
N UNK A 36 -9.31 60.79 -38.03
CA UNK A 36 -10.47 61.69 -38.25
C UNK A 36 -10.20 62.62 -39.44
N UNK A 37 -9.76 62.01 -40.55
CA UNK A 37 -9.41 62.69 -41.80
C UNK A 37 -10.58 63.41 -42.41
N UNK A 38 -10.30 64.56 -43.03
CA UNK A 38 -11.30 65.33 -43.74
C UNK A 38 -12.54 65.65 -42.90
N UNK A 39 -12.32 66.01 -41.65
CA UNK A 39 -13.35 66.35 -40.66
C UNK A 39 -14.32 65.20 -40.36
N UNK A 40 -13.88 63.98 -40.65
CA UNK A 40 -14.60 62.76 -40.37
C UNK A 40 -14.50 62.39 -38.92
N UNK A 41 -15.37 61.52 -38.47
CA UNK A 41 -15.23 61.03 -37.11
C UNK A 41 -13.93 60.25 -37.04
N UNK A 42 -13.29 60.23 -35.88
CA UNK A 42 -12.14 59.34 -35.81
C UNK A 42 -12.71 57.96 -36.01
N UNK A 43 -12.07 57.10 -36.78
CA UNK A 43 -12.66 55.80 -36.97
C UNK A 43 -11.64 54.69 -37.13
N UNK A 44 -10.80 54.51 -36.14
CA UNK A 44 -9.82 53.45 -36.21
C UNK A 44 -9.42 53.04 -34.82
N UNK A 45 -9.10 51.78 -34.67
CA UNK A 45 -8.58 51.33 -33.41
C UNK A 45 -7.63 50.18 -33.62
N UNK A 46 -6.68 50.39 -34.52
CA UNK A 46 -5.64 49.41 -34.71
C UNK A 46 -4.92 49.46 -33.41
N UNK A 47 -4.37 48.37 -32.94
CA UNK A 47 -3.74 48.49 -31.63
C UNK A 47 -2.60 47.56 -31.44
N UNK A 48 -1.75 47.92 -30.50
CA UNK A 48 -0.69 47.03 -30.13
C UNK A 48 -0.47 47.03 -28.64
N UNK A 49 -0.18 45.86 -28.13
CA UNK A 49 0.13 45.66 -26.75
C UNK A 49 1.59 45.90 -26.60
N UNK A 50 1.99 46.57 -25.54
CA UNK A 50 3.41 46.77 -25.28
C UNK A 50 4.05 45.40 -25.10
N UNK A 51 3.20 44.39 -24.91
CA UNK A 51 3.62 43.00 -24.73
C UNK A 51 3.60 41.99 -25.89
N UNK A 52 4.12 42.41 -27.04
CA UNK A 52 4.20 41.58 -28.26
C UNK A 52 2.87 41.05 -28.81
N UNK A 53 1.84 41.88 -28.73
CA UNK A 53 0.51 41.58 -29.25
C UNK A 53 0.09 42.81 -30.05
N UNK A 54 -0.63 42.62 -31.17
CA UNK A 54 -1.06 43.68 -32.09
C UNK A 54 -2.08 43.19 -33.15
N UNK A 55 -2.78 44.14 -33.77
CA UNK A 55 -3.76 43.89 -34.81
C UNK A 55 -4.11 45.15 -35.59
N UNK A 56 -4.38 44.97 -36.86
CA UNK A 56 -4.81 46.05 -37.74
C UNK A 56 -6.28 46.33 -37.54
N UNK A 57 -6.70 47.50 -37.96
CA UNK A 57 -8.10 47.88 -37.94
C UNK A 57 -8.68 47.27 -39.21
N UNK A 58 -9.86 47.70 -39.64
CA UNK A 58 -10.45 47.11 -40.85
C UNK A 58 -9.52 47.28 -42.07
N UNK A 59 -8.72 48.34 -42.03
CA UNK A 59 -7.77 48.72 -43.04
C UNK A 59 -6.62 47.74 -43.13
N UNK A 60 -5.98 47.68 -44.29
CA UNK A 60 -4.83 46.82 -44.53
C UNK A 60 -3.52 47.41 -44.01
N UNK A 61 -3.60 48.59 -43.42
CA UNK A 61 -2.45 49.33 -42.89
C UNK A 61 -1.68 48.55 -41.84
N UNK A 62 -0.36 48.72 -41.87
CA UNK A 62 0.61 48.11 -40.98
C UNK A 62 0.71 48.86 -39.66
N UNK A 63 1.13 48.13 -38.63
CA UNK A 63 1.39 48.71 -37.32
C UNK A 63 2.66 48.09 -36.74
N UNK A 64 3.39 48.87 -35.95
CA UNK A 64 4.63 48.43 -35.33
C UNK A 64 4.92 49.15 -34.01
N UNK A 65 5.92 48.64 -33.27
CA UNK A 65 6.35 49.24 -32.01
C UNK A 65 7.83 48.95 -31.77
N UNK A 66 8.49 49.77 -30.94
CA UNK A 66 9.91 49.54 -30.67
C UNK A 66 10.46 50.12 -29.35
N UNK A 67 11.56 49.51 -28.90
CA UNK A 67 12.27 49.94 -27.71
C UNK A 67 11.28 50.01 -26.56
N UNK A 68 11.29 51.11 -25.82
CA UNK A 68 10.38 51.25 -24.68
C UNK A 68 9.54 52.50 -24.83
N UNK A 69 9.39 52.96 -26.07
CA UNK A 69 8.64 54.18 -26.28
C UNK A 69 7.98 54.28 -27.65
N UNK A 70 8.60 53.73 -28.68
CA UNK A 70 8.16 54.00 -30.03
C UNK A 70 6.99 53.17 -30.49
N UNK A 71 6.30 53.74 -31.47
CA UNK A 71 5.19 53.18 -32.19
C UNK A 71 5.28 53.65 -33.62
N UNK A 72 4.69 52.89 -34.54
CA UNK A 72 4.73 53.30 -35.95
C UNK A 72 3.61 52.72 -36.77
N UNK A 73 3.39 53.33 -37.93
CA UNK A 73 2.38 52.84 -38.86
C UNK A 73 2.77 53.09 -40.31
N UNK A 74 2.18 52.30 -41.21
CA UNK A 74 2.44 52.47 -42.64
C UNK A 74 1.28 51.99 -43.49
N UNK A 75 1.17 52.55 -44.68
CA UNK A 75 0.06 52.19 -45.55
C UNK A 75 0.35 52.49 -47.02
N UNK A 76 -0.71 52.46 -47.80
CA UNK A 76 -0.67 52.74 -49.22
C UNK A 76 -1.93 53.49 -49.61
N UNK A 77 -1.92 54.80 -49.38
CA UNK A 77 -3.11 55.61 -49.54
C UNK A 77 -2.70 57.01 -49.87
N UNK A 78 -3.57 57.81 -50.45
CA UNK A 78 -3.16 59.17 -50.77
C UNK A 78 -4.27 60.19 -50.74
N UNK A 79 -3.87 61.43 -50.55
CA UNK A 79 -4.69 62.63 -50.58
C UNK A 79 -5.85 62.65 -49.58
N UNK A 80 -5.60 62.16 -48.37
CA UNK A 80 -6.58 62.20 -47.30
C UNK A 80 -5.85 62.28 -46.00
N UNK A 81 -6.23 63.21 -45.12
CA UNK A 81 -5.53 63.30 -43.85
C UNK A 81 -6.22 64.10 -42.76
N UNK A 82 -5.76 63.81 -41.55
CA UNK A 82 -5.96 64.51 -40.30
C UNK A 82 -4.91 63.97 -39.42
N UNK A 83 -4.62 64.66 -38.35
CA UNK A 83 -3.61 64.14 -37.48
C UNK A 83 -4.02 62.90 -36.76
N UNK A 84 -3.13 61.89 -36.79
CA UNK A 84 -3.40 60.64 -36.10
C UNK A 84 -2.79 60.69 -34.73
N UNK A 85 -3.65 60.76 -33.74
CA UNK A 85 -3.16 60.90 -32.38
C UNK A 85 -3.17 59.57 -31.70
N UNK A 86 -2.06 59.27 -31.05
CA UNK A 86 -1.91 58.05 -30.31
C UNK A 86 -2.40 58.21 -28.89
N UNK A 87 -2.97 57.14 -28.33
CA UNK A 87 -3.41 57.16 -26.94
C UNK A 87 -3.33 55.78 -26.34
N UNK A 88 -3.19 55.70 -25.02
CA UNK A 88 -3.26 54.38 -24.43
C UNK A 88 -4.69 53.91 -24.61
N UNK A 89 -4.84 52.66 -24.98
CA UNK A 89 -6.13 52.03 -25.18
C UNK A 89 -6.61 51.26 -23.96
N UNK A 90 -5.70 50.65 -23.21
CA UNK A 90 -6.12 49.82 -22.10
C UNK A 90 -5.02 49.53 -21.12
N UNK A 91 -5.40 49.15 -19.90
CA UNK A 91 -4.43 48.68 -18.91
C UNK A 91 -3.73 47.40 -19.39
N UNK A 92 -4.44 46.53 -20.10
CA UNK A 92 -3.89 45.26 -20.60
C UNK A 92 -3.26 44.42 -19.49
N UNK A 93 -3.88 44.41 -18.31
CA UNK A 93 -3.35 43.68 -17.16
C UNK A 93 -4.03 42.38 -16.76
N UNK A 94 -5.31 42.20 -17.09
CA UNK A 94 -6.18 41.07 -16.63
C UNK A 94 -6.52 41.13 -15.13
N UNK A 95 -5.55 41.48 -14.29
CA UNK A 95 -5.70 41.59 -12.84
C UNK A 95 -5.93 43.04 -12.42
N UNK A 96 -6.20 43.91 -13.37
CA UNK A 96 -6.44 45.32 -13.09
C UNK A 96 -7.36 45.90 -14.15
N UNK A 97 -7.98 47.05 -13.86
CA UNK A 97 -8.88 47.69 -14.82
C UNK A 97 -8.85 49.21 -14.71
N UNK A 98 -9.18 49.89 -15.80
CA UNK A 98 -9.24 51.35 -15.86
C UNK A 98 -10.09 51.81 -17.03
N UNK A 99 -10.53 53.07 -17.02
CA UNK A 99 -11.24 53.62 -18.17
C UNK A 99 -10.31 53.63 -19.38
N UNK A 100 -10.85 53.30 -20.55
CA UNK A 100 -10.06 53.23 -21.79
C UNK A 100 -9.84 54.57 -22.51
N UNK A 101 -10.44 55.64 -22.03
CA UNK A 101 -10.29 56.91 -22.73
C UNK A 101 -8.85 57.45 -22.71
N UNK A 102 -8.14 57.22 -21.62
CA UNK A 102 -6.76 57.69 -21.44
C UNK A 102 -6.62 59.16 -21.83
N UNK A 103 -5.57 59.45 -22.60
CA UNK A 103 -5.31 60.76 -23.13
C UNK A 103 -4.53 60.61 -24.41
N UNK A 104 -4.81 61.46 -25.38
CA UNK A 104 -4.14 61.39 -26.67
C UNK A 104 -3.03 62.41 -26.84
N UNK A 105 -2.08 62.02 -27.67
CA UNK A 105 -0.94 62.79 -28.12
C UNK A 105 -1.31 63.90 -29.04
N UNK A 106 -0.51 64.93 -29.05
CA UNK A 106 -0.66 65.92 -30.08
C UNK A 106 -0.22 65.20 -31.33
N UNK A 107 -0.73 65.58 -32.48
CA UNK A 107 -0.29 64.87 -33.67
C UNK A 107 -0.38 65.73 -34.91
N UNK A 108 0.37 65.35 -35.94
CA UNK A 108 0.35 66.04 -37.23
C UNK A 108 -0.39 65.19 -38.26
N UNK A 109 -0.96 65.85 -39.32
CA UNK A 109 -1.67 65.21 -40.45
C UNK A 109 -0.70 64.63 -41.45
N UNK B 1 -26.89 62.42 -33.60
CA UNK B 1 -27.01 63.83 -33.21
C UNK B 1 -26.23 64.71 -34.18
N UNK B 2 -26.88 65.09 -35.28
CA UNK B 2 -26.25 65.92 -36.30
C UNK B 2 -25.86 67.31 -35.76
N UNK B 3 -26.73 67.91 -34.96
CA UNK B 3 -26.46 69.24 -34.41
C UNK B 3 -27.29 69.53 -33.15
N UNK B 4 -26.77 70.43 -32.31
CA UNK B 4 -27.44 70.83 -31.07
C UNK B 4 -27.16 72.29 -30.72
N UNK B 5 -28.07 72.92 -29.99
CA UNK B 5 -27.84 74.28 -29.50
C UNK B 5 -28.76 74.56 -28.31
N UNK B 6 -28.37 75.51 -27.47
CA UNK B 6 -29.18 75.95 -26.35
C UNK B 6 -28.81 77.36 -25.95
N UNK B 7 -29.73 78.09 -25.34
CA UNK B 7 -29.44 79.43 -24.86
C UNK B 7 -28.34 79.37 -23.83
N UNK B 8 -27.46 80.35 -23.83
CA UNK B 8 -26.32 80.36 -22.92
C UNK B 8 -26.74 80.17 -21.49
N UNK B 9 -25.95 79.36 -20.77
CA UNK B 9 -26.13 78.99 -19.37
C UNK B 9 -27.35 78.10 -19.13
N UNK B 10 -28.03 77.66 -20.18
CA UNK B 10 -29.09 76.68 -20.03
C UNK B 10 -28.45 75.34 -19.79
N UNK B 11 -29.07 74.45 -19.03
CA UNK B 11 -28.44 73.15 -18.98
C UNK B 11 -28.61 72.57 -20.36
N UNK B 12 -27.62 71.86 -20.86
CA UNK B 12 -27.76 71.27 -22.17
C UNK B 12 -26.97 69.98 -22.35
N UNK B 13 -27.52 69.09 -23.18
CA UNK B 13 -26.88 67.82 -23.56
C UNK B 13 -27.43 67.30 -24.89
N UNK B 14 -26.64 66.47 -25.56
CA UNK B 14 -27.07 65.77 -26.76
C UNK B 14 -26.29 64.47 -26.88
N UNK B 15 -26.90 63.45 -27.45
CA UNK B 15 -26.23 62.17 -27.63
C UNK B 15 -26.97 61.31 -28.65
N UNK B 16 -26.29 60.27 -29.14
CA UNK B 16 -26.90 59.33 -30.07
C UNK B 16 -26.29 57.96 -29.87
N UNK B 17 -27.01 56.91 -30.26
CA UNK B 17 -26.53 55.54 -30.16
C UNK B 17 -27.27 54.65 -31.12
N UNK B 18 -26.68 53.49 -31.39
CA UNK B 18 -27.31 52.47 -32.20
C UNK B 18 -27.30 51.14 -31.45
N UNK B 19 -26.39 50.23 -31.81
CA UNK B 19 -26.29 48.93 -31.16
C UNK B 19 -25.84 49.10 -29.72
N UNK B 20 -26.31 48.21 -28.85
CA UNK B 20 -25.92 48.23 -27.45
C UNK B 20 -24.47 47.81 -27.24
N UNK B 21 -23.88 48.39 -26.21
CA UNK B 21 -22.52 48.09 -25.76
C UNK B 21 -22.52 48.36 -24.27
N UNK B 22 -21.55 47.83 -23.53
CA UNK B 22 -21.53 48.07 -22.11
C UNK B 22 -20.89 49.40 -21.69
N UNK B 23 -19.60 49.40 -21.39
CA UNK B 23 -18.93 50.58 -20.86
C UNK B 23 -18.51 51.60 -21.92
N UNK B 24 -19.50 52.17 -22.60
CA UNK B 24 -19.31 53.15 -23.65
C UNK B 24 -18.95 54.50 -23.06
N UNK B 25 -18.23 55.35 -23.80
CA UNK B 25 -17.98 56.67 -23.22
C UNK B 25 -17.66 57.76 -24.21
N UNK B 26 -18.17 58.95 -23.87
CA UNK B 26 -18.00 60.20 -24.59
C UNK B 26 -16.65 60.89 -24.39
N UNK B 27 -16.25 61.63 -25.40
CA UNK B 27 -15.11 62.51 -25.38
C UNK B 27 -15.38 63.66 -26.33
N UNK B 28 -14.72 64.80 -26.12
CA UNK B 28 -14.95 65.93 -27.04
C UNK B 28 -13.70 66.71 -27.32
N UNK B 29 -13.63 67.25 -28.54
CA UNK B 29 -12.44 67.98 -28.98
C UNK B 29 -12.40 69.47 -28.68
N UNK B 30 -13.37 70.26 -29.14
CA UNK B 30 -13.23 71.71 -28.97
C UNK B 30 -11.89 72.17 -29.56
N UNK B 31 -11.62 71.77 -30.82
CA UNK B 31 -10.37 72.08 -31.54
C UNK B 31 -9.11 71.64 -30.78
N UNK B 32 -9.13 70.41 -30.29
CA UNK B 32 -8.04 69.81 -29.54
C UNK B 32 -8.12 68.29 -29.63
N UNK B 33 -7.05 67.58 -29.27
CA UNK B 33 -7.23 66.14 -29.21
C UNK B 33 -8.34 65.94 -28.20
N UNK B 34 -9.31 65.08 -28.49
CA UNK B 34 -10.44 64.93 -27.58
C UNK B 34 -10.09 64.42 -26.21
N UNK B 35 -10.76 64.98 -25.22
CA UNK B 35 -10.61 64.59 -23.83
C UNK B 35 -11.84 63.89 -23.37
N UNK B 36 -11.67 62.95 -22.45
CA UNK B 36 -12.84 62.23 -21.96
C UNK B 36 -13.85 63.18 -21.38
N UNK B 37 -15.08 62.94 -21.77
CA UNK B 37 -16.22 63.68 -21.30
C UNK B 37 -16.97 62.80 -20.30
N UNK B 38 -16.82 61.49 -20.47
CA UNK B 38 -17.47 60.49 -19.66
C UNK B 38 -16.57 59.27 -19.59
N UNK B 39 -16.81 58.43 -18.59
CA UNK B 39 -16.09 57.17 -18.48
C UNK B 39 -17.00 56.06 -18.02
N UNK B 40 -16.86 54.90 -18.64
CA UNK B 40 -17.63 53.71 -18.31
C UNK B 40 -19.12 54.01 -18.24
N UNK B 41 -19.57 54.84 -19.20
CA UNK B 41 -20.95 55.30 -19.35
C UNK B 41 -21.51 56.16 -18.21
N UNK B 42 -21.15 55.85 -16.97
CA UNK B 42 -21.65 56.61 -15.83
C UNK B 42 -20.65 57.49 -15.06
N UNK B 43 -19.46 57.73 -15.61
CA UNK B 43 -18.48 58.52 -14.85
C UNK B 43 -17.78 59.66 -15.60
N UNK B 44 -17.29 60.63 -14.82
CA UNK B 44 -16.57 61.80 -15.32
C UNK B 44 -15.34 62.09 -14.45
N UNK B 45 -14.37 62.83 -15.01
CA UNK B 45 -13.15 63.16 -14.27
C UNK B 45 -13.08 64.60 -13.73
N UNK B 46 -13.68 65.53 -14.47
CA UNK B 46 -13.73 66.94 -14.10
C UNK B 46 -14.82 67.70 -14.83
N UNK B 47 -16.08 67.45 -14.50
CA UNK B 47 -17.14 68.12 -15.25
C UNK B 47 -18.37 68.36 -14.42
N UNK B 48 -19.15 69.37 -14.81
CA UNK B 48 -20.43 69.64 -14.17
C UNK B 48 -21.41 68.52 -14.40
N UNK B 49 -21.36 67.81 -15.55
CA UNK B 49 -22.40 66.78 -15.89
C UNK B 49 -21.99 65.37 -15.41
N UNK B 50 -22.83 64.65 -14.65
CA UNK B 50 -22.36 63.36 -14.06
C UNK B 50 -23.02 62.04 -14.50
N UNK B 51 -23.79 61.97 -15.60
CA UNK B 51 -24.44 60.66 -15.90
C UNK B 51 -24.75 60.47 -17.40
N UNK B 52 -25.04 59.23 -17.85
CA UNK B 52 -25.43 59.01 -19.26
C UNK B 52 -26.05 57.63 -19.49
N UNK B 53 -26.66 57.41 -20.67
CA UNK B 53 -27.21 56.08 -21.04
C UNK B 53 -26.84 55.80 -22.51
N UNK B 54 -27.52 54.85 -23.17
CA UNK B 54 -27.42 54.78 -24.62
C UNK B 54 -28.16 55.97 -25.20
N UNK B 55 -27.47 56.70 -26.07
CA UNK B 55 -27.97 57.88 -26.75
C UNK B 55 -28.43 58.94 -25.80
N UNK B 56 -27.74 59.07 -24.67
CA UNK B 56 -28.10 60.09 -23.71
C UNK B 56 -26.87 60.55 -22.99
N UNK B 57 -26.93 61.78 -22.52
CA UNK B 57 -25.84 62.33 -21.75
C UNK B 57 -26.38 63.32 -20.76
N UNK B 58 -25.68 63.44 -19.64
CA UNK B 58 -26.06 64.39 -18.60
C UNK B 58 -25.66 65.80 -19.02
N UNK B 59 -26.55 66.74 -18.76
CA UNK B 59 -26.36 68.14 -19.10
C UNK B 59 -25.44 68.87 -18.17
N UNK B 60 -24.76 69.86 -18.75
CA UNK B 60 -23.91 70.77 -18.01
C UNK B 60 -24.43 72.18 -18.22
N UNK B 61 -23.90 72.87 -19.23
CA UNK B 61 -24.35 74.22 -19.52
C UNK B 61 -24.08 74.59 -20.97
N UNK B 62 -24.94 75.42 -21.49
CA UNK B 62 -24.88 76.04 -22.79
C UNK B 62 -23.80 77.11 -22.81
N UNK B 63 -23.31 77.44 -24.00
CA UNK B 63 -22.22 78.39 -24.27
C UNK B 63 -20.86 77.85 -23.83
N UNK B 64 -20.76 76.52 -23.84
CA UNK B 64 -19.55 75.76 -23.61
C UNK B 64 -19.62 74.54 -24.52
N UNK B 65 -19.87 74.80 -25.81
CA UNK B 65 -20.08 73.75 -26.78
C UNK B 65 -18.81 73.12 -27.33
N UNK B 66 -18.95 71.85 -27.68
CA UNK B 66 -17.93 71.05 -28.34
C UNK B 66 -18.64 69.91 -29.04
N UNK B 67 -18.01 69.33 -30.03
CA UNK B 67 -18.58 68.17 -30.66
C UNK B 67 -18.18 66.92 -29.89
N UNK B 68 -19.13 66.38 -29.14
CA UNK B 68 -18.85 65.22 -28.31
C UNK B 68 -19.36 63.96 -28.98
N UNK B 69 -18.64 62.87 -28.84
CA UNK B 69 -19.11 61.61 -29.40
C UNK B 69 -18.61 60.49 -28.53
N UNK B 70 -19.34 59.37 -28.50
CA UNK B 70 -18.88 58.26 -27.68
C UNK B 70 -18.49 57.05 -28.45
N UNK B 71 -17.48 56.39 -27.93
CA UNK B 71 -17.08 55.12 -28.45
C UNK B 71 -17.86 54.07 -27.75
N UNK B 72 -18.28 53.09 -28.50
CA UNK B 72 -18.97 51.95 -27.97
C UNK B 72 -17.99 51.03 -27.33
N UNK B 73 -18.41 50.29 -26.33
CA UNK B 73 -17.53 49.26 -25.81
C UNK B 73 -17.70 48.01 -26.65
N UNK B 74 -17.41 48.14 -27.94
CA UNK B 74 -17.58 47.11 -28.93
C UNK B 74 -16.91 47.43 -30.26
N UNK B 75 -16.65 46.38 -31.04
CA UNK B 75 -16.23 46.51 -32.44
C UNK B 75 -15.03 47.44 -32.67
N UNK B 76 -13.95 47.24 -31.93
CA UNK B 76 -12.73 48.05 -32.08
C UNK B 76 -12.98 49.54 -31.87
N UNK B 77 -13.59 49.85 -30.73
CA UNK B 77 -13.89 51.21 -30.30
C UNK B 77 -14.65 51.99 -31.36
N UNK B 78 -15.72 51.42 -31.88
CA UNK B 78 -16.49 52.11 -32.90
C UNK B 78 -17.01 53.42 -32.32
N UNK B 79 -16.96 54.50 -33.10
CA UNK B 79 -17.41 55.80 -32.62
C UNK B 79 -17.96 56.63 -33.75
N UNK B 80 -18.77 57.65 -33.44
CA UNK B 80 -19.31 58.50 -34.49
C UNK B 80 -19.12 60.00 -34.22
N UNK B 81 -20.19 60.81 -34.34
CA UNK B 81 -20.01 62.26 -34.37
C UNK B 81 -21.20 63.05 -33.86
N UNK B 82 -20.90 64.33 -33.58
CA UNK B 82 -21.87 65.30 -33.12
C UNK B 82 -21.50 66.72 -33.53
N UNK B 83 -22.46 67.65 -33.44
CA UNK B 83 -22.13 69.05 -33.73
C UNK B 83 -22.87 70.07 -32.87
N UNK B 84 -22.67 70.02 -31.57
CA UNK B 84 -23.28 71.00 -30.68
C UNK B 84 -22.60 72.37 -30.85
N UNK B 85 -23.40 73.45 -30.73
CA UNK B 85 -23.01 74.86 -30.74
C UNK B 85 -23.81 75.58 -29.67
N GLU C 34 -20.53 43.29 -14.46
CA GLU C 34 -20.76 42.01 -15.13
C GLU C 34 -19.53 41.43 -15.88
N ASN C 35 -18.39 42.16 -15.89
CA ASN C 35 -17.17 41.84 -16.64
C ASN C 35 -16.11 41.00 -15.93
N LEU C 36 -16.40 40.47 -14.77
CA LEU C 36 -15.40 39.64 -14.13
C LEU C 36 -15.77 38.20 -14.34
N TRP C 37 -14.77 37.38 -14.55
CA TRP C 37 -14.94 35.98 -14.87
C TRP C 37 -14.12 35.10 -13.96
N VAL C 38 -14.58 33.87 -13.76
CA VAL C 38 -13.87 32.94 -12.93
C VAL C 38 -12.64 32.39 -13.65
N THR C 39 -11.48 32.52 -13.01
CA THR C 39 -10.25 31.97 -13.54
C THR C 39 -9.80 30.91 -12.62
N VAL C 40 -9.48 29.77 -13.19
CA VAL C 40 -9.05 28.63 -12.45
C VAL C 40 -7.55 28.57 -12.42
N TYR C 41 -6.99 28.42 -11.23
CA TYR C 41 -5.57 28.32 -11.10
C TYR C 41 -5.17 27.00 -10.50
N TYR C 42 -4.06 26.46 -10.98
CA TYR C 42 -3.52 25.25 -10.40
C TYR C 42 -2.10 25.51 -10.00
N GLY C 43 -1.77 25.20 -8.76
CA GLY C 43 -0.43 25.47 -8.24
C GLY C 43 -0.47 26.63 -7.26
N VAL C 44 -1.63 26.87 -6.69
CA VAL C 44 -1.83 27.94 -5.74
C VAL C 44 -1.20 27.54 -4.40
N PRO C 45 -0.33 28.35 -3.80
CA PRO C 45 0.40 28.04 -2.57
C PRO C 45 -0.41 28.18 -1.30
N VAL C 46 -1.39 27.32 -1.14
CA VAL C 46 -2.22 27.31 0.06
C VAL C 46 -2.28 25.94 0.67
N TRP C 47 -2.70 25.88 1.92
CA TRP C 47 -2.78 24.63 2.63
C TRP C 47 -3.88 24.59 3.65
N LYS C 48 -4.21 23.37 4.06
CA LYS C 48 -5.21 23.12 5.10
C LYS C 48 -4.68 22.13 6.12
N ASP C 49 -5.17 22.21 7.34
CA ASP C 49 -4.70 21.28 8.37
C ASP C 49 -4.98 19.86 7.99
N ALA C 50 -4.05 18.94 8.27
CA ALA C 50 -4.30 17.57 7.89
C ALA C 50 -3.60 16.54 8.76
N GLU C 51 -4.12 15.34 8.75
CA GLU C 51 -3.53 14.24 9.49
C GLU C 51 -3.06 13.15 8.56
N THR C 52 -1.77 12.93 8.50
CA THR C 52 -1.23 11.91 7.61
C THR C 52 -0.18 11.10 8.32
N THR C 53 0.38 10.15 7.59
CA THR C 53 1.42 9.29 8.15
C THR C 53 2.78 9.81 7.78
N LEU C 54 3.58 10.08 8.77
CA LEU C 54 4.92 10.58 8.56
C LEU C 54 5.89 9.44 8.59
N PHE C 55 7.02 9.56 7.92
CA PHE C 55 7.96 8.48 7.99
C PHE C 55 9.17 8.91 8.77
N CYS C 56 9.91 7.95 9.31
CA CYS C 56 11.07 8.30 10.08
C CYS C 56 12.30 8.28 9.25
N ALA C 57 13.28 9.07 9.65
CA ALA C 57 14.56 9.14 9.00
C ALA C 57 15.67 9.31 10.02
N SER C 58 16.89 8.96 9.64
CA SER C 58 18.03 9.04 10.56
C SER C 58 19.22 9.76 9.94
N ASP C 59 20.32 9.76 10.66
CA ASP C 59 21.53 10.44 10.26
C ASP C 59 22.46 9.56 9.43
N ALA C 60 21.99 8.36 9.08
CA ALA C 60 22.73 7.33 8.35
C ALA C 60 23.72 6.62 9.28
N LYS C 61 24.53 7.39 9.98
CA LYS C 61 25.60 6.91 10.86
C LYS C 61 25.12 5.91 11.88
N ALA C 62 23.92 6.07 12.40
CA ALA C 62 23.44 5.13 13.39
C ALA C 62 23.43 3.68 12.85
N TYR C 63 23.12 3.52 11.55
CA TYR C 63 23.04 2.23 10.91
C TYR C 63 24.38 1.88 10.26
N GLU C 64 25.08 2.88 9.77
CA GLU C 64 26.35 2.65 9.09
C GLU C 64 27.39 2.05 10.02
N THR C 65 27.36 2.46 11.30
CA THR C 65 28.33 1.99 12.26
C THR C 65 27.92 0.72 12.99
N LYS C 66 27.12 0.86 14.04
CA LYS C 66 26.78 -0.30 14.86
C LYS C 66 25.47 -1.02 14.62
N LYS C 67 24.43 -0.34 14.15
CA LYS C 67 23.14 -0.99 14.00
C LYS C 67 22.81 -1.63 15.33
N HIS C 68 22.18 -2.80 15.29
CA HIS C 68 21.83 -3.55 16.47
C HIS C 68 21.13 -2.73 17.53
N ASN C 69 20.22 -1.89 17.08
CA ASN C 69 19.45 -1.10 17.99
C ASN C 69 18.15 -0.87 17.30
N VAL C 70 17.14 -0.51 18.06
CA VAL C 70 15.85 -0.44 17.43
C VAL C 70 15.64 0.75 16.50
N TRP C 71 16.16 1.92 16.83
CA TRP C 71 15.85 3.00 15.92
C TRP C 71 16.72 3.05 14.70
N ALA C 72 17.96 2.57 14.78
CA ALA C 72 18.79 2.58 13.60
C ALA C 72 18.24 1.60 12.60
N THR C 73 17.71 0.48 13.09
CA THR C 73 17.18 -0.52 12.21
C THR C 73 15.92 -0.04 11.52
N HIS C 74 15.03 0.62 12.25
CA HIS C 74 13.79 1.11 11.65
C HIS C 74 14.00 2.26 10.67
N CYS C 75 14.78 3.25 11.09
CA CYS C 75 14.95 4.45 10.29
C CYS C 75 16.02 4.30 9.21
N CYS C 76 15.66 3.53 8.16
CA CYS C 76 16.51 3.08 7.04
C CYS C 76 16.78 4.17 6.02
N VAL C 77 16.04 5.23 6.09
CA VAL C 77 16.21 6.29 5.15
C VAL C 77 16.91 7.44 5.84
N PRO C 78 18.01 7.95 5.31
CA PRO C 78 18.74 9.06 5.85
C PRO C 78 18.00 10.33 5.53
N THR C 79 18.21 11.36 6.33
CA THR C 79 17.68 12.64 5.98
C THR C 79 18.60 13.26 4.97
N ASP C 80 18.11 14.28 4.28
CA ASP C 80 18.95 15.02 3.38
C ASP C 80 20.04 15.65 4.25
N PRO C 81 21.32 15.67 3.84
CA PRO C 81 22.41 16.33 4.54
C PRO C 81 22.17 17.83 4.76
N ASN C 82 21.33 18.45 3.93
CA ASN C 82 21.04 19.87 4.05
C ASN C 82 19.54 20.18 3.95
N PRO C 83 18.73 19.85 4.97
CA PRO C 83 17.28 19.97 4.98
C PRO C 83 16.89 21.40 5.23
N GLN C 84 17.23 22.27 4.31
CA GLN C 84 17.04 23.69 4.47
C GLN C 84 15.58 24.10 4.57
N GLU C 85 15.28 24.89 5.59
CA GLU C 85 13.94 25.42 5.82
C GLU C 85 13.68 26.64 4.96
N ILE C 86 12.42 26.89 4.70
CA ILE C 86 12.04 28.09 3.99
C ILE C 86 11.33 29.07 4.88
N HIS C 87 11.86 30.25 5.04
CA HIS C 87 11.17 31.21 5.88
C HIS C 87 9.95 31.74 5.17
N LEU C 88 8.83 31.83 5.85
CA LEU C 88 7.67 32.38 5.19
C LEU C 88 7.43 33.82 5.60
N GLU C 89 7.67 34.73 4.69
CA GLU C 89 7.53 36.12 5.05
C GLU C 89 6.06 36.39 5.28
N ASN C 90 5.72 37.17 6.33
CA ASN C 90 4.35 37.57 6.83
C ASN C 90 3.40 36.49 7.33
N VAL C 91 3.77 35.24 7.17
CA VAL C 91 2.84 34.15 7.50
C VAL C 91 2.61 34.01 8.97
N THR C 92 1.34 34.03 9.31
CA THR C 92 0.89 33.82 10.66
C THR C 92 0.05 32.57 10.60
N GLU C 93 0.30 31.66 11.52
CA GLU C 93 -0.44 30.42 11.54
C GLU C 93 -0.72 30.03 12.98
N GLU C 94 -1.80 29.30 13.19
CA GLU C 94 -2.20 28.86 14.52
C GLU C 94 -1.81 27.43 14.84
N PHE C 95 -1.10 27.29 15.93
CA PHE C 95 -0.59 26.02 16.38
C PHE C 95 -1.31 25.56 17.65
N ASN C 96 -1.40 24.25 17.84
CA ASN C 96 -1.98 23.72 19.08
C ASN C 96 -1.32 22.43 19.47
N MET C 97 -0.37 22.48 20.37
CA MET C 97 0.40 21.31 20.74
C MET C 97 -0.41 20.24 21.43
N TRP C 98 -1.58 20.59 21.92
CA TRP C 98 -2.35 19.64 22.70
C TRP C 98 -3.20 18.74 21.82
N LYS C 99 -3.27 19.06 20.54
CA LYS C 99 -4.08 18.32 19.58
C LYS C 99 -3.21 17.86 18.43
N ASN C 100 -1.91 17.80 18.67
CA ASN C 100 -0.97 17.53 17.62
C ASN C 100 -0.87 16.05 17.25
N ASN C 101 -1.30 15.73 16.04
CA ASN C 101 -1.35 14.38 15.53
C ASN C 101 0.02 13.74 15.43
N MET C 102 1.05 14.57 15.35
CA MET C 102 2.39 14.05 15.22
C MET C 102 2.79 13.35 16.49
N VAL C 103 2.22 13.78 17.62
CA VAL C 103 2.54 13.24 18.90
C VAL C 103 1.89 11.92 19.00
N GLU C 104 0.63 11.86 18.56
CA GLU C 104 -0.06 10.61 18.66
C GLU C 104 0.60 9.58 17.77
N GLN C 105 1.06 9.98 16.59
CA GLN C 105 1.72 9.01 15.76
C GLN C 105 3.01 8.56 16.39
N MET C 106 3.79 9.47 16.95
CA MET C 106 5.06 9.04 17.50
C MET C 106 4.84 8.01 18.57
N HIS C 107 3.82 8.20 19.39
CA HIS C 107 3.53 7.25 20.45
C HIS C 107 3.24 5.88 19.89
N THR C 108 2.37 5.82 18.89
CA THR C 108 2.03 4.54 18.30
C THR C 108 3.23 3.90 17.64
N ASP C 109 4.04 4.67 16.93
CA ASP C 109 5.18 4.08 16.25
C ASP C 109 6.18 3.51 17.21
N ILE C 110 6.41 4.18 18.32
CA ILE C 110 7.38 3.68 19.25
C ILE C 110 6.93 2.39 19.84
N ILE C 111 5.66 2.29 20.22
CA ILE C 111 5.24 1.05 20.80
C ILE C 111 5.37 -0.07 19.80
N SER C 112 4.94 0.16 18.56
CA SER C 112 5.03 -0.88 17.57
C SER C 112 6.46 -1.32 17.35
N LEU C 113 7.38 -0.36 17.27
CA LEU C 113 8.75 -0.69 17.07
C LEU C 113 9.29 -1.49 18.20
N TRP C 114 8.94 -1.10 19.40
CA TRP C 114 9.40 -1.80 20.56
C TRP C 114 8.96 -3.25 20.50
N ASP C 115 7.70 -3.50 20.22
CA ASP C 115 7.20 -4.87 20.22
C ASP C 115 7.86 -5.72 19.17
N GLN C 116 8.16 -5.13 18.02
CA GLN C 116 8.75 -5.88 16.93
C GLN C 116 10.20 -6.15 17.17
N SER C 117 10.75 -5.58 18.21
CA SER C 117 12.13 -5.79 18.50
C SER C 117 12.27 -6.94 19.47
N LEU C 118 11.17 -7.36 20.08
CA LEU C 118 11.20 -8.43 21.05
C LEU C 118 10.71 -9.69 20.42
N LYS C 119 9.81 -9.53 19.47
CA LYS C 119 9.17 -10.64 18.80
C LYS C 119 10.06 -11.85 18.51
N PRO C 120 11.24 -11.74 17.86
CA PRO C 120 12.09 -12.86 17.52
C PRO C 120 12.86 -13.58 18.65
N CYS C 121 12.94 -13.02 19.87
CA CYS C 121 13.74 -13.56 20.96
C CYS C 121 13.01 -14.51 21.90
N VAL C 122 13.83 -15.14 22.71
CA VAL C 122 13.51 -16.19 23.66
C VAL C 122 12.41 -15.90 24.63
N LYS C 123 11.51 -16.86 24.76
CA LYS C 123 10.40 -16.73 25.68
C LYS C 123 10.94 -17.27 26.97
N LEU C 124 10.53 -16.73 28.10
CA LEU C 124 11.05 -17.25 29.36
C LEU C 124 10.06 -18.05 30.15
N THR C 125 9.05 -18.57 29.48
CA THR C 125 8.04 -19.38 30.12
C THR C 125 8.63 -20.43 31.10
N PRO C 126 9.69 -21.19 30.76
CA PRO C 126 10.26 -22.23 31.61
C PRO C 126 10.72 -21.74 32.97
N LEU C 127 10.92 -20.43 33.17
CA LEU C 127 11.35 -19.93 34.48
C LEU C 127 10.23 -19.78 35.50
N CYS C 128 8.95 -19.91 35.08
CA CYS C 128 7.82 -19.72 35.96
C CYS C 128 7.58 -21.00 36.75
N VAL C 129 8.45 -21.17 37.73
CA VAL C 129 8.55 -22.34 38.62
C VAL C 129 8.65 -21.90 40.05
N THR C 130 8.58 -22.84 40.97
CA THR C 130 8.82 -22.47 42.35
C THR C 130 10.33 -22.36 42.56
N LEU C 131 10.76 -21.25 43.13
CA LEU C 131 12.17 -20.99 43.41
C LEU C 131 12.49 -21.22 44.88
N GLN C 132 13.72 -21.64 45.17
CA GLN C 132 14.22 -21.78 46.55
C GLN C 132 15.21 -20.65 46.84
N CYS C 133 14.81 -19.60 47.62
CA CYS C 133 15.59 -18.36 47.78
C CYS C 133 16.10 -18.12 49.20
N THR C 134 17.27 -17.46 49.27
CA THR C 134 17.88 -16.96 50.50
C THR C 134 18.17 -15.43 50.40
N ASN C 135 18.66 -14.81 51.49
CA ASN C 135 18.87 -13.37 51.66
C ASN C 135 20.21 -12.80 51.13
N VAL C 136 21.11 -13.59 50.51
CA VAL C 136 22.45 -13.19 49.99
C VAL C 136 23.42 -12.92 51.14
N THR C 137 23.10 -11.92 51.96
CA THR C 137 23.78 -11.51 53.19
C THR C 137 25.19 -10.95 53.08
N ASN C 138 26.06 -11.65 52.40
CA ASN C 138 27.46 -11.30 52.31
C ASN C 138 27.73 -9.96 51.61
N ASN C 139 28.60 -9.12 52.26
CA ASN C 139 29.13 -7.82 51.82
C ASN C 139 28.03 -6.78 51.48
N ILE C 140 26.95 -6.73 52.27
CA ILE C 140 25.84 -5.79 52.05
C ILE C 140 25.79 -4.64 53.00
N THR C 141 25.77 -3.44 52.44
CA THR C 141 25.63 -2.24 53.25
C THR C 141 24.22 -2.28 53.78
N ASP C 142 23.95 -1.75 54.95
CA ASP C 142 22.59 -1.90 55.48
C ASP C 142 21.48 -1.36 54.59
N ASP C 143 21.75 -0.33 53.81
CA ASP C 143 20.73 0.24 52.94
C ASP C 143 20.22 -0.76 51.89
N MET C 144 21.02 -1.78 51.59
CA MET C 144 20.72 -2.82 50.62
C MET C 144 20.20 -4.12 51.20
N ARG C 145 19.94 -4.17 52.51
CA ARG C 145 19.49 -5.43 53.04
C ARG C 145 18.14 -5.77 52.49
N GLY C 146 18.01 -6.98 52.01
CA GLY C 146 16.75 -7.46 51.47
C GLY C 146 16.53 -7.11 50.01
N GLU C 147 17.44 -6.36 49.40
CA GLU C 147 17.24 -5.98 48.00
C GLU C 147 17.53 -7.07 47.02
N LEU C 148 18.45 -7.95 47.35
CA LEU C 148 18.79 -9.02 46.45
C LEU C 148 18.43 -10.34 47.04
N LYS C 149 18.04 -11.27 46.20
CA LYS C 149 17.82 -12.62 46.65
C LYS C 149 18.56 -13.61 45.77
N ASN C 150 19.09 -14.67 46.40
CA ASN C 150 19.83 -15.77 45.77
C ASN C 150 18.93 -16.99 45.64
N CYS C 151 18.45 -17.28 44.41
CA CYS C 151 17.42 -18.29 44.15
C CYS C 151 17.89 -19.44 43.27
N SER C 152 17.59 -20.65 43.72
CA SER C 152 17.91 -21.85 42.97
C SER C 152 16.63 -22.45 42.41
N PHE C 153 16.73 -23.04 41.23
CA PHE C 153 15.56 -23.65 40.61
C PHE C 153 15.90 -24.75 39.59
N ASN C 154 14.90 -25.60 39.27
CA ASN C 154 14.98 -26.67 38.29
C ASN C 154 14.45 -26.22 36.92
N MET C 155 15.35 -26.04 35.93
CA MET C 155 15.07 -25.56 34.58
C MET C 155 15.55 -26.59 33.61
N THR C 156 14.94 -26.64 32.45
CA THR C 156 15.28 -27.65 31.48
C THR C 156 16.60 -27.39 30.83
N THR C 157 17.13 -28.42 30.18
CA THR C 157 18.35 -28.34 29.40
C THR C 157 17.92 -28.41 27.98
N GLU C 158 18.85 -28.53 27.07
CA GLU C 158 18.51 -28.56 25.67
C GLU C 158 17.75 -29.82 25.29
N LEU C 159 17.80 -30.86 26.10
CA LEU C 159 17.08 -32.08 25.78
C LEU C 159 15.79 -32.09 26.56
N ARG C 160 14.73 -32.55 25.92
CA ARG C 160 13.43 -32.58 26.56
C ARG C 160 13.41 -33.41 27.81
N ASP C 161 14.17 -34.50 27.87
CA ASP C 161 14.11 -35.36 29.04
C ASP C 161 15.16 -35.08 30.10
N LYS C 162 15.86 -33.95 30.03
CA LYS C 162 16.86 -33.68 31.06
C LYS C 162 16.66 -32.31 31.70
N LYS C 163 16.98 -32.24 32.99
CA LYS C 163 16.89 -31.02 33.76
C LYS C 163 18.19 -30.71 34.47
N GLN C 164 18.38 -29.45 34.79
CA GLN C 164 19.56 -28.98 35.51
C GLN C 164 19.18 -28.07 36.65
N LYS C 165 19.97 -28.09 37.70
CA LYS C 165 19.71 -27.19 38.81
C LYS C 165 20.63 -26.00 38.66
N VAL C 166 20.03 -24.83 38.59
CA VAL C 166 20.77 -23.61 38.37
C VAL C 166 20.41 -22.57 39.38
N TYR C 167 21.21 -21.52 39.49
CA TYR C 167 20.82 -20.45 40.38
C TYR C 167 21.24 -19.12 39.84
N SER C 168 20.56 -18.10 40.32
CA SER C 168 20.84 -16.72 39.95
C SER C 168 20.38 -15.71 40.96
N LEU C 169 20.87 -14.48 40.81
CA LEU C 169 20.36 -13.43 41.65
C LEU C 169 19.22 -12.72 40.98
N PHE C 170 18.27 -12.31 41.80
CA PHE C 170 17.14 -11.54 41.40
C PHE C 170 16.97 -10.35 42.30
N TYR C 171 16.38 -9.30 41.78
CA TYR C 171 16.07 -8.18 42.65
C TYR C 171 14.78 -8.50 43.35
N ARG C 172 14.65 -8.06 44.58
CA ARG C 172 13.46 -8.31 45.37
C ARG C 172 12.20 -7.87 44.71
N LEU C 173 12.24 -6.79 43.99
CA LEU C 173 11.02 -6.26 43.42
C LEU C 173 10.34 -7.20 42.44
N ASP C 174 11.06 -8.12 41.84
CA ASP C 174 10.49 -9.00 40.84
C ASP C 174 10.15 -10.38 41.37
N VAL C 175 10.35 -10.60 42.66
CA VAL C 175 10.15 -11.91 43.22
C VAL C 175 9.09 -11.86 44.33
N VAL C 176 8.04 -12.66 44.18
CA VAL C 176 6.94 -12.63 45.13
C VAL C 176 6.79 -13.93 45.90
N GLN C 177 6.63 -13.83 47.21
CA GLN C 177 6.52 -15.01 48.04
C GLN C 177 5.28 -15.82 47.85
N ILE C 178 5.46 -17.12 47.79
CA ILE C 178 4.37 -18.07 47.70
C ILE C 178 4.01 -18.42 49.14
N ASN C 179 2.70 -18.35 49.49
CA ASN C 179 2.11 -18.66 50.82
C ASN C 179 2.20 -17.39 51.67
N ASN C 190 8.74 -19.44 53.71
CA ASN C 190 9.47 -18.17 53.51
C ASN C 190 10.61 -18.25 52.48
N LYS C 191 10.92 -19.47 51.97
CA LYS C 191 11.94 -19.74 50.95
C LYS C 191 11.34 -19.95 49.57
N GLU C 192 10.03 -20.23 49.48
CA GLU C 192 9.45 -20.48 48.17
C GLU C 192 8.93 -19.21 47.51
N TYR C 193 9.47 -18.93 46.32
CA TYR C 193 9.13 -17.72 45.57
C TYR C 193 8.76 -17.96 44.11
N ARG C 194 7.95 -17.06 43.60
CA ARG C 194 7.50 -17.06 42.23
C ARG C 194 7.93 -15.80 41.51
N LEU C 195 8.07 -15.82 40.20
CA LEU C 195 8.34 -14.55 39.56
C LEU C 195 7.05 -13.76 39.54
N ILE C 196 7.18 -12.46 39.63
CA ILE C 196 6.01 -11.60 39.70
C ILE C 196 5.04 -11.68 38.54
N ASN C 197 5.51 -11.98 37.34
CA ASN C 197 4.59 -12.05 36.21
C ASN C 197 3.78 -13.34 36.02
N CYS C 198 4.01 -14.41 36.81
CA CYS C 198 3.40 -15.73 36.58
C CYS C 198 1.88 -15.79 36.60
N ASN C 199 1.23 -15.00 37.39
CA ASN C 199 -0.23 -15.11 37.41
C ASN C 199 -0.94 -14.13 36.45
N THR C 200 -0.19 -13.26 35.74
CA THR C 200 -0.73 -12.18 34.92
C THR C 200 -0.30 -12.18 33.48
N SER C 201 0.97 -12.39 33.23
CA SER C 201 1.50 -12.14 31.92
C SER C 201 2.55 -13.07 31.40
N ALA C 202 2.69 -13.02 30.09
CA ALA C 202 3.73 -13.77 29.42
C ALA C 202 5.00 -13.01 29.62
N ILE C 203 6.11 -13.68 29.65
CA ILE C 203 7.36 -12.96 29.78
C ILE C 203 8.33 -13.36 28.72
N THR C 204 8.99 -12.38 28.13
CA THR C 204 9.99 -12.66 27.12
C THR C 204 11.27 -12.01 27.50
N GLN C 205 12.37 -12.50 26.98
CA GLN C 205 13.67 -11.92 27.25
C GLN C 205 14.01 -10.89 26.23
N ALA C 206 14.50 -9.76 26.68
CA ALA C 206 14.92 -8.77 25.72
C ALA C 206 16.11 -9.34 25.01
N CYS C 207 16.28 -9.04 23.73
CA CYS C 207 17.38 -9.52 22.90
C CYS C 207 18.70 -8.95 23.46
N PRO C 208 19.67 -9.78 23.81
CA PRO C 208 20.90 -9.44 24.49
C PRO C 208 21.82 -8.56 23.67
N LYS C 209 21.58 -8.54 22.37
CA LYS C 209 22.40 -7.79 21.47
C LYS C 209 21.72 -6.54 20.97
N VAL C 210 20.54 -6.21 21.48
CA VAL C 210 19.84 -5.06 20.95
C VAL C 210 19.79 -3.90 21.91
N SER C 211 20.30 -2.79 21.43
CA SER C 211 20.29 -1.57 22.21
C SER C 211 19.03 -0.76 22.02
N PHE C 212 18.63 -0.12 23.07
CA PHE C 212 17.48 0.74 23.02
C PHE C 212 17.89 2.19 23.22
N GLU C 213 19.15 2.48 22.94
CA GLU C 213 19.67 3.82 23.07
C GLU C 213 18.82 4.77 22.23
N PRO C 214 18.42 5.92 22.76
CA PRO C 214 17.60 6.92 22.11
C PRO C 214 18.32 7.75 21.08
N ILE C 215 18.65 7.12 19.99
CA ILE C 215 19.30 7.73 18.84
C ILE C 215 18.31 8.70 18.25
N PRO C 216 18.65 9.95 17.97
CA PRO C 216 17.72 10.93 17.47
C PRO C 216 17.20 10.54 16.14
N ILE C 217 15.92 10.74 15.94
CA ILE C 217 15.30 10.45 14.67
C ILE C 217 14.57 11.67 14.19
N HIS C 218 14.25 11.69 12.93
CA HIS C 218 13.53 12.81 12.38
C HIS C 218 12.23 12.35 11.76
N TYR C 219 11.17 13.10 11.92
CA TYR C 219 9.96 12.75 11.17
C TYR C 219 9.92 13.59 9.93
N CYS C 220 9.58 12.99 8.77
CA CYS C 220 9.56 13.64 7.47
C CYS C 220 8.20 13.49 6.78
N ALA C 221 7.77 14.56 6.13
CA ALA C 221 6.49 14.55 5.42
C ALA C 221 6.57 13.86 4.07
N PRO C 222 5.49 13.20 3.62
CA PRO C 222 5.30 12.65 2.30
C PRO C 222 5.02 13.79 1.33
N ALA C 223 5.23 13.57 0.05
CA ALA C 223 4.91 14.62 -0.91
C ALA C 223 3.45 14.97 -0.83
N GLY C 224 3.17 16.25 -0.95
CA GLY C 224 1.81 16.75 -0.88
C GLY C 224 1.54 17.35 0.49
N PHE C 225 2.44 17.12 1.41
CA PHE C 225 2.36 17.63 2.77
C PHE C 225 3.58 18.41 3.14
N ALA C 226 3.43 19.25 4.13
CA ALA C 226 4.53 20.03 4.60
C ALA C 226 4.47 20.20 6.08
N ILE C 227 5.62 20.38 6.72
CA ILE C 227 5.58 20.60 8.14
C ILE C 227 5.90 22.04 8.43
N LEU C 228 5.02 22.71 9.12
CA LEU C 228 5.25 24.08 9.44
C LEU C 228 5.79 24.12 10.83
N LYS C 229 6.70 25.02 11.11
CA LYS C 229 7.18 25.11 12.46
C LYS C 229 7.19 26.54 12.96
N CYS C 230 6.94 26.71 14.26
CA CYS C 230 6.94 28.00 14.96
C CYS C 230 8.33 28.30 15.51
N LYS C 231 8.86 29.45 15.13
CA LYS C 231 10.16 29.92 15.55
C LYS C 231 10.10 30.98 16.64
N ASP C 232 8.93 31.21 17.19
CA ASP C 232 8.77 32.18 18.26
C ASP C 232 9.34 31.60 19.55
N LYS C 233 10.39 32.24 20.04
CA LYS C 233 11.17 31.78 21.19
C LYS C 233 10.37 31.69 22.47
N LYS C 234 9.26 32.40 22.53
CA LYS C 234 8.42 32.41 23.70
C LYS C 234 7.08 31.78 23.43
N PHE C 235 6.99 30.97 22.38
CA PHE C 235 5.71 30.37 22.07
C PHE C 235 5.12 29.62 23.27
N ASN C 236 3.86 29.95 23.56
CA ASN C 236 2.97 29.49 24.63
C ASN C 236 2.55 28.01 24.54
N GLY C 237 2.58 27.42 23.33
CA GLY C 237 2.15 26.06 23.02
C GLY C 237 0.85 26.08 22.23
N THR C 238 0.11 27.17 22.35
CA THR C 238 -1.12 27.33 21.59
C THR C 238 -1.24 28.71 21.00
N GLY C 239 -2.06 28.81 19.98
CA GLY C 239 -2.43 30.07 19.40
C GLY C 239 -1.53 30.46 18.25
N PRO C 240 -1.73 31.64 17.68
CA PRO C 240 -1.03 32.17 16.55
C PRO C 240 0.45 32.33 16.85
N CYS C 241 1.26 32.12 15.81
CA CYS C 241 2.69 32.26 15.79
C CYS C 241 2.95 33.05 14.53
N THR C 242 3.73 34.10 14.67
CA THR C 242 4.02 35.00 13.56
C THR C 242 5.39 34.83 12.88
N ASN C 243 6.13 33.78 13.25
CA ASN C 243 7.46 33.44 12.75
C ASN C 243 7.44 31.97 12.32
N VAL C 244 7.03 31.70 11.06
CA VAL C 244 6.77 30.34 10.56
C VAL C 244 7.67 29.98 9.41
N SER C 245 8.27 28.81 9.50
CA SER C 245 9.10 28.29 8.41
C SER C 245 8.58 26.96 7.98
N THR C 246 8.92 26.57 6.78
CA THR C 246 8.50 25.28 6.26
C THR C 246 9.65 24.32 6.17
N VAL C 247 9.46 23.13 6.69
CA VAL C 247 10.51 22.14 6.62
C VAL C 247 10.05 20.83 6.03
N GLN C 248 11.03 20.09 5.59
CA GLN C 248 10.80 18.73 5.13
C GLN C 248 10.72 17.71 6.27
N CYS C 249 11.66 17.83 7.25
CA CYS C 249 11.85 16.96 8.38
C CYS C 249 11.96 17.80 9.65
N THR C 250 11.58 17.22 10.76
CA THR C 250 11.70 17.86 12.07
C THR C 250 13.13 17.79 12.50
N HIS C 251 13.45 18.52 13.56
CA HIS C 251 14.79 18.43 14.12
C HIS C 251 14.93 17.04 14.66
N GLY C 252 16.16 16.61 14.92
CA GLY C 252 16.28 15.27 15.46
C GLY C 252 15.78 15.25 16.88
N ILE C 253 14.96 14.26 17.18
CA ILE C 253 14.39 14.09 18.49
C ILE C 253 14.84 12.82 19.11
N LYS C 254 15.40 12.89 20.29
CA LYS C 254 15.82 11.68 20.96
C LYS C 254 14.61 11.12 21.68
N PRO C 255 14.16 9.89 21.39
CA PRO C 255 13.00 9.26 21.98
C PRO C 255 13.35 8.75 23.36
N VAL C 256 13.60 9.67 24.26
CA VAL C 256 14.01 9.33 25.61
C VAL C 256 12.81 9.06 26.47
N VAL C 257 12.83 7.93 27.14
CA VAL C 257 11.76 7.54 28.02
C VAL C 257 12.08 7.82 29.46
N SER C 258 11.22 8.56 30.12
CA SER C 258 11.35 8.85 31.52
C SER C 258 10.03 9.33 32.06
N THR C 259 9.92 9.39 33.37
CA THR C 259 8.75 10.02 33.96
C THR C 259 9.22 11.08 34.93
N GLN C 260 8.36 12.04 35.29
CA GLN C 260 8.62 13.14 36.24
C GLN C 260 9.66 14.16 35.76
N LEU C 261 10.87 13.72 35.50
CA LEU C 261 11.93 14.59 34.99
C LEU C 261 12.29 14.16 33.58
N LEU C 262 12.17 15.11 32.68
CA LEU C 262 12.41 14.95 31.26
C LEU C 262 13.87 15.13 30.98
N LEU C 263 14.46 14.16 30.30
CA LEU C 263 15.87 14.20 30.03
C LEU C 263 16.22 14.37 28.55
N ASN C 264 17.39 15.02 28.31
CA ASN C 264 18.12 15.21 27.05
C ASN C 264 17.30 15.86 25.91
N GLY C 265 16.42 16.85 26.22
CA GLY C 265 15.61 17.58 25.24
C GLY C 265 16.15 18.98 24.98
N SER C 266 15.27 19.82 24.48
CA SER C 266 15.58 21.21 24.17
C SER C 266 15.40 22.13 25.37
N LEU C 267 16.21 23.17 25.42
CA LEU C 267 16.13 24.19 26.47
C LEU C 267 15.54 25.48 25.95
N ALA C 268 14.90 25.44 24.82
CA ALA C 268 14.39 26.64 24.23
C ALA C 268 15.56 27.60 24.10
N GLU C 269 15.37 28.90 24.35
CA GLU C 269 16.50 29.80 24.16
C GLU C 269 16.71 30.89 25.21
N GLU C 270 15.63 31.49 25.72
CA GLU C 270 15.79 32.68 26.57
C GLU C 270 15.24 32.63 27.98
N GLU C 271 14.16 31.90 28.20
CA GLU C 271 13.44 31.95 29.48
C GLU C 271 12.74 30.63 29.75
N VAL C 272 12.47 30.37 31.01
CA VAL C 272 11.73 29.18 31.43
C VAL C 272 10.27 29.33 31.03
N ILE C 273 9.72 28.33 30.37
CA ILE C 273 8.35 28.43 29.90
C ILE C 273 7.46 27.40 30.50
N ILE C 274 6.38 27.87 31.07
CA ILE C 274 5.41 27.00 31.67
C ILE C 274 4.20 26.91 30.80
N ARG C 275 3.90 25.72 30.30
CA ARG C 275 2.77 25.58 29.41
C ARG C 275 1.88 24.41 29.75
N SER C 276 0.57 24.60 29.56
CA SER C 276 -0.37 23.55 29.85
C SER C 276 -1.57 23.73 29.00
N GLU C 277 -2.32 22.66 28.82
CA GLU C 277 -3.55 22.76 28.05
C GLU C 277 -4.56 23.73 28.66
N ASN C 278 -4.68 23.78 30.01
CA ASN C 278 -5.65 24.62 30.73
C ASN C 278 -5.01 25.61 31.75
N ILE C 279 -3.95 25.20 32.52
CA ILE C 279 -3.32 25.94 33.66
C ILE C 279 -4.25 26.05 34.88
N THR C 280 -5.43 26.61 34.66
CA THR C 280 -6.44 26.81 35.67
C THR C 280 -6.94 25.50 36.24
N ASN C 281 -7.14 24.53 35.38
CA ASN C 281 -7.61 23.21 35.76
C ASN C 281 -6.42 22.38 36.19
N ASN C 282 -6.37 22.05 37.48
CA ASN C 282 -5.27 21.37 38.14
C ASN C 282 -5.03 19.96 37.63
N ALA C 283 -6.06 19.43 36.97
CA ALA C 283 -6.08 18.08 36.43
C ALA C 283 -5.17 17.93 35.22
N LYS C 284 -4.80 19.03 34.60
CA LYS C 284 -3.93 18.94 33.44
C LYS C 284 -2.50 18.94 33.86
N ASN C 285 -1.66 18.27 33.09
CA ASN C 285 -0.25 18.28 33.40
C ASN C 285 0.33 19.60 32.94
N ILE C 286 1.29 20.09 33.69
CA ILE C 286 2.01 21.28 33.33
C ILE C 286 3.38 20.88 32.87
N LEU C 287 3.74 21.28 31.67
CA LEU C 287 5.02 20.91 31.15
C LEU C 287 5.94 22.09 31.31
N VAL C 288 7.00 21.90 32.05
CA VAL C 288 7.89 23.02 32.29
C VAL C 288 9.18 22.83 31.56
N GLN C 289 9.48 23.77 30.68
CA GLN C 289 10.71 23.71 29.93
C GLN C 289 11.71 24.65 30.53
N LEU C 290 12.86 24.12 30.87
CA LEU C 290 13.89 24.92 31.51
C LEU C 290 14.72 25.60 30.45
N ASN C 291 15.34 26.78 30.75
CA ASN C 291 16.23 27.48 29.82
C ASN C 291 17.73 27.14 30.01
N GLU C 292 18.07 26.33 31.05
CA GLU C 292 19.39 25.84 31.41
C GLU C 292 19.16 24.41 31.85
N SER C 293 20.07 23.52 31.54
CA SER C 293 19.94 22.15 32.00
C SER C 293 20.47 21.97 33.38
N VAL C 294 20.01 20.92 34.03
CA VAL C 294 20.55 20.54 35.33
C VAL C 294 21.23 19.22 35.13
N GLN C 295 22.50 19.14 35.46
CA GLN C 295 23.16 17.89 35.20
C GLN C 295 22.88 16.91 36.32
N ILE C 296 22.52 15.68 35.95
CA ILE C 296 22.27 14.62 36.92
C ILE C 296 23.22 13.41 36.65
N ASN C 297 23.96 12.97 37.69
CA ASN C 297 24.96 11.89 37.67
C ASN C 297 24.42 10.62 38.33
N CYS C 298 24.15 9.55 37.55
CA CYS C 298 23.54 8.30 38.04
C CYS C 298 24.50 7.13 37.93
N THR C 299 24.41 6.25 38.90
CA THR C 299 25.24 5.06 38.88
C THR C 299 24.68 3.83 39.57
N ARG C 300 25.17 2.70 39.12
CA ARG C 300 24.96 1.42 39.74
C ARG C 300 26.34 0.86 40.08
N PRO C 301 26.80 0.99 41.34
CA PRO C 301 28.13 0.72 41.83
C PRO C 301 28.55 -0.74 41.98
N ASN C 302 27.62 -1.66 41.83
CA ASN C 302 27.92 -3.07 42.06
C ASN C 302 28.48 -3.72 40.81
N ASN C 303 29.63 -4.41 40.90
CA ASN C 303 30.29 -5.05 39.78
C ASN C 303 29.65 -6.43 39.52
N ASN C 304 28.79 -6.50 38.49
CA ASN C 304 28.03 -7.72 38.16
C ASN C 304 28.78 -8.62 37.22
N THR C 305 28.41 -9.87 37.25
CA THR C 305 28.91 -10.76 36.24
C THR C 305 27.70 -11.38 35.61
N ARG C 306 27.91 -12.22 34.62
CA ARG C 306 26.79 -12.83 33.96
C ARG C 306 27.07 -14.25 33.61
N LYS C 307 26.05 -15.08 33.68
CA LYS C 307 26.22 -16.45 33.24
C LYS C 307 25.16 -16.75 32.23
N SER C 308 25.49 -17.62 31.30
CA SER C 308 24.52 -17.98 30.30
C SER C 308 24.08 -19.40 30.52
N ILE C 309 22.78 -19.60 30.63
CA ILE C 309 22.23 -20.91 30.86
C ILE C 309 21.52 -21.40 29.63
N ARG C 310 21.90 -22.56 29.14
CA ARG C 310 21.22 -23.08 27.96
C ARG C 310 19.87 -23.62 28.40
N ILE C 311 18.81 -23.24 27.68
CA ILE C 311 17.47 -23.68 28.08
C ILE C 311 16.68 -24.44 27.03
N GLY C 312 17.24 -24.59 25.86
CA GLY C 312 16.55 -25.23 24.76
C GLY C 312 17.48 -25.20 23.57
N PRO C 313 17.16 -25.85 22.47
CA PRO C 313 17.97 -25.87 21.30
C PRO C 313 18.01 -24.48 20.74
N GLY C 314 19.18 -23.87 20.67
CA GLY C 314 19.26 -22.54 20.14
C GLY C 314 18.84 -21.44 21.12
N GLN C 315 18.54 -21.78 22.38
CA GLN C 315 18.09 -20.73 23.27
C GLN C 315 18.89 -20.60 24.54
N TRP C 316 19.07 -19.36 24.94
CA TRP C 316 19.76 -19.03 26.15
C TRP C 316 19.02 -18.08 27.05
N PHE C 317 19.20 -18.28 28.33
CA PHE C 317 18.73 -17.39 29.36
C PHE C 317 19.89 -16.68 29.99
N TYR C 318 19.77 -15.38 30.16
CA TYR C 318 20.85 -14.62 30.75
C TYR C 318 20.59 -14.34 32.20
N ALA C 319 21.43 -14.91 33.03
CA ALA C 319 21.24 -14.83 34.46
C ALA C 319 22.27 -13.96 35.12
N THR C 320 21.86 -13.33 36.21
CA THR C 320 22.76 -12.48 36.97
C THR C 320 23.63 -13.34 37.86
N GLY C 321 24.94 -13.18 37.78
CA GLY C 321 25.83 -13.99 38.58
C GLY C 321 26.20 -13.31 39.87
N ASP C 322 27.16 -13.86 40.59
CA ASP C 322 27.55 -13.28 41.86
C ASP C 322 28.14 -11.90 41.70
N ILE C 323 27.89 -11.05 42.68
CA ILE C 323 28.47 -9.73 42.69
C ILE C 323 29.87 -9.79 43.18
N ILE C 324 30.75 -9.12 42.47
CA ILE C 324 32.14 -9.07 42.79
C ILE C 324 32.36 -7.83 43.63
N GLY C 325 32.88 -7.99 44.81
CA GLY C 325 33.09 -6.86 45.67
C GLY C 325 31.84 -6.53 46.44
N ASP C 326 31.84 -5.34 47.02
CA ASP C 326 30.78 -4.90 47.92
C ASP C 326 29.47 -4.65 47.22
N ILE C 327 28.39 -4.78 47.96
CA ILE C 327 27.06 -4.47 47.47
C ILE C 327 26.57 -3.15 48.06
N ARG C 328 26.36 -2.20 47.17
CA ARG C 328 26.01 -0.82 47.48
C ARG C 328 24.75 -0.39 46.74
N GLN C 329 24.11 0.66 47.23
CA GLN C 329 22.88 1.13 46.60
C GLN C 329 23.09 2.04 45.40
N ALA C 330 22.29 1.81 44.36
CA ALA C 330 22.29 2.66 43.17
C ALA C 330 21.74 4.02 43.55
N HIS C 331 22.25 5.06 42.91
CA HIS C 331 21.80 6.41 43.22
C HIS C 331 22.07 7.43 42.12
N CYS C 332 21.40 8.61 42.20
CA CYS C 332 21.60 9.77 41.33
C CYS C 332 21.92 11.04 42.13
N ASN C 333 22.86 11.82 41.63
CA ASN C 333 23.28 13.07 42.23
C ASN C 333 22.86 14.29 41.41
N VAL C 334 22.17 15.24 42.08
CA VAL C 334 21.73 16.53 41.56
C VAL C 334 22.44 17.60 42.38
N SER C 335 23.07 18.56 41.73
CA SER C 335 23.77 19.58 42.50
C SER C 335 22.81 20.63 42.98
N LYS C 336 22.73 20.78 44.31
CA LYS C 336 21.82 21.69 44.98
C LYS C 336 22.08 23.13 44.60
N ALA C 337 23.32 23.36 44.19
CA ALA C 337 23.80 24.66 43.76
C ALA C 337 23.01 25.15 42.56
N THR C 338 22.54 24.23 41.72
CA THR C 338 21.80 24.60 40.54
C THR C 338 20.34 24.30 40.75
N TRP C 339 20.02 23.22 41.43
CA TRP C 339 18.63 22.85 41.60
C TRP C 339 17.79 23.90 42.31
N ASN C 340 18.31 24.51 43.43
CA ASN C 340 17.57 25.52 44.20
C ASN C 340 17.25 26.77 43.35
N GLU C 341 18.22 27.21 42.49
CA GLU C 341 18.06 28.35 41.58
C GLU C 341 17.07 28.01 40.49
N THR C 342 17.16 26.78 39.98
CA THR C 342 16.28 26.35 38.92
C THR C 342 14.85 26.37 39.40
N LEU C 343 14.59 25.86 40.60
CA LEU C 343 13.21 25.93 41.04
C LEU C 343 12.82 27.35 41.31
N GLY C 344 13.73 28.18 41.80
CA GLY C 344 13.34 29.56 42.03
C GLY C 344 12.89 30.21 40.72
N LYS C 345 13.58 29.92 39.61
CA LYS C 345 13.18 30.46 38.32
C LYS C 345 11.82 29.94 37.89
N VAL C 346 11.55 28.67 38.16
CA VAL C 346 10.26 28.13 37.79
C VAL C 346 9.19 28.83 38.55
N VAL C 347 9.41 29.05 39.84
CA VAL C 347 8.41 29.70 40.64
C VAL C 347 8.17 31.10 40.16
N LYS C 348 9.24 31.84 39.85
CA LYS C 348 9.07 33.21 39.39
C LYS C 348 8.13 33.27 38.20
N GLN C 349 8.28 32.33 37.28
CA GLN C 349 7.40 32.31 36.12
C GLN C 349 6.04 31.73 36.48
N LEU C 350 6.00 30.80 37.40
CA LEU C 350 4.77 30.13 37.76
C LEU C 350 3.80 31.12 38.36
N ARG C 351 4.35 32.06 39.15
CA ARG C 351 3.57 33.08 39.83
C ARG C 351 2.72 33.90 38.89
N LYS C 352 3.11 34.00 37.64
CA LYS C 352 2.36 34.82 36.71
C LYS C 352 0.92 34.37 36.58
N HIS C 353 0.65 33.11 36.84
CA HIS C 353 -0.68 32.57 36.74
C HIS C 353 -1.37 32.39 38.09
N PHE C 354 -0.63 32.59 39.19
CA PHE C 354 -1.16 32.29 40.50
C PHE C 354 -1.19 33.44 41.51
N GLY C 355 -0.41 34.49 41.28
CA GLY C 355 -0.34 35.65 42.17
C GLY C 355 1.03 35.88 42.77
N ASN C 356 1.42 37.15 42.86
CA ASN C 356 2.75 37.50 43.33
C ASN C 356 2.89 37.44 44.84
N ASN C 357 1.78 37.22 45.51
CA ASN C 357 1.76 37.10 46.95
C ASN C 357 1.22 35.74 47.36
N THR C 358 1.19 34.81 46.42
CA THR C 358 0.68 33.47 46.65
C THR C 358 1.80 32.55 47.13
N ILE C 359 1.47 31.60 47.97
CA ILE C 359 2.48 30.67 48.42
C ILE C 359 2.55 29.50 47.49
N ILE C 360 3.75 29.23 47.00
CA ILE C 360 3.95 28.09 46.11
C ILE C 360 4.74 27.00 46.76
N ARG C 361 4.11 25.86 46.91
CA ARG C 361 4.74 24.75 47.57
C ARG C 361 5.01 23.58 46.68
N PHE C 362 6.22 23.08 46.77
CA PHE C 362 6.56 21.88 46.05
C PHE C 362 6.56 20.75 47.02
N ALA C 363 6.02 19.66 46.56
CA ALA C 363 5.91 18.47 47.36
C ALA C 363 6.19 17.28 46.47
N ASN C 364 6.51 16.13 47.08
CA ASN C 364 6.84 14.89 46.38
C ASN C 364 5.56 14.19 45.89
N SER C 365 5.72 13.02 45.24
CA SER C 365 4.66 12.26 44.58
C SER C 365 3.67 11.58 45.51
N SER C 366 2.55 11.21 44.92
CA SER C 366 1.49 10.51 45.63
C SER C 366 1.69 9.03 45.44
N GLY C 367 0.69 8.24 45.79
CA GLY C 367 0.87 6.79 45.71
C GLY C 367 0.67 6.26 44.31
N GLY C 368 0.86 4.95 44.14
CA GLY C 368 0.74 4.31 42.84
C GLY C 368 1.99 3.49 42.54
N ASP C 369 2.06 2.97 41.33
CA ASP C 369 3.17 2.14 40.87
C ASP C 369 4.44 2.95 40.72
N LEU C 370 5.58 2.28 40.76
CA LEU C 370 6.86 2.98 40.65
C LEU C 370 6.95 3.75 39.35
N GLU C 371 6.31 3.29 38.27
CA GLU C 371 6.39 4.01 37.01
C GLU C 371 5.84 5.44 37.11
N VAL C 372 5.04 5.70 38.12
CA VAL C 372 4.43 6.98 38.35
C VAL C 372 5.07 7.72 39.52
N THR C 373 5.33 6.99 40.62
CA THR C 373 5.75 7.63 41.85
C THR C 373 7.23 7.91 41.93
N THR C 374 8.02 7.26 41.12
CA THR C 374 9.44 7.51 41.13
C THR C 374 9.86 7.95 39.77
N HIS C 375 11.10 8.36 39.65
CA HIS C 375 11.62 8.77 38.38
C HIS C 375 11.97 7.55 37.60
N SER C 376 11.15 7.22 36.61
CA SER C 376 11.41 6.04 35.83
C SER C 376 12.48 6.42 34.88
N PHE C 377 13.54 5.66 34.89
CA PHE C 377 14.72 5.96 34.12
C PHE C 377 15.41 4.78 33.46
N ASN C 378 15.51 4.82 32.15
CA ASN C 378 16.13 3.76 31.35
C ASN C 378 17.51 4.16 30.89
N CYS C 379 18.61 3.61 31.48
CA CYS C 379 19.95 4.05 31.12
C CYS C 379 21.00 2.98 31.38
N GLY C 380 21.89 2.85 30.41
CA GLY C 380 23.00 1.93 30.48
C GLY C 380 22.53 0.55 30.09
N GLY C 381 21.24 0.45 29.80
CA GLY C 381 20.57 -0.78 29.46
C GLY C 381 19.83 -1.35 30.67
N GLU C 382 19.84 -0.64 31.79
CA GLU C 382 19.12 -1.11 32.96
C GLU C 382 18.08 -0.12 33.43
N PHE C 383 17.12 -0.61 34.17
CA PHE C 383 15.99 0.19 34.58
C PHE C 383 15.99 0.59 36.03
N PHE C 384 16.04 1.89 36.22
CA PHE C 384 16.12 2.56 37.50
C PHE C 384 14.79 3.18 37.89
N TYR C 385 14.52 3.16 39.17
CA TYR C 385 13.35 3.81 39.75
C TYR C 385 13.82 4.67 40.91
N CYS C 386 14.14 5.96 40.64
CA CYS C 386 14.81 6.86 41.57
C CYS C 386 13.84 7.69 42.39
N ASN C 387 14.12 7.79 43.67
CA ASN C 387 13.28 8.51 44.62
C ASN C 387 13.65 10.00 44.61
N THR C 388 12.73 10.83 44.06
CA THR C 388 12.83 12.25 43.82
C THR C 388 12.25 13.09 44.91
N SER C 389 11.86 12.51 46.03
CA SER C 389 11.26 13.36 47.04
C SER C 389 12.24 14.40 47.57
N GLY C 390 13.54 14.14 47.46
CA GLY C 390 14.57 15.07 47.92
C GLY C 390 14.66 16.31 47.04
N LEU C 391 13.99 16.28 45.88
CA LEU C 391 14.00 17.40 44.97
C LEU C 391 12.78 18.32 45.11
N PHE C 392 11.73 17.88 45.79
CA PHE C 392 10.50 18.66 45.86
C PHE C 392 10.04 18.77 47.30
N ASN C 393 10.79 19.55 48.09
CA ASN C 393 10.64 19.69 49.54
C ASN C 393 10.89 21.16 49.95
N SER C 394 10.03 22.09 49.46
CA SER C 394 10.23 23.54 49.73
C SER C 394 8.97 24.36 49.59
N THR C 395 8.95 25.50 50.28
CA THR C 395 7.86 26.44 50.15
C THR C 395 8.41 27.81 49.80
N TRP C 396 7.87 28.40 48.76
CA TRP C 396 8.32 29.69 48.30
C TRP C 396 7.35 30.80 48.68
N ILE C 397 7.79 31.71 49.59
CA ILE C 397 7.03 32.83 50.17
C ILE C 397 5.71 32.32 50.77
N SER C 413 25.38 18.51 47.76
CA SER C 413 24.78 17.66 46.75
C SER C 413 23.55 16.89 47.31
N ILE C 414 22.55 16.62 46.44
CA ILE C 414 21.33 15.89 46.75
C ILE C 414 21.44 14.49 46.22
N THR C 415 21.37 13.50 47.09
CA THR C 415 21.47 12.12 46.60
C THR C 415 20.12 11.46 46.66
N LEU C 416 19.74 10.94 45.52
CA LEU C 416 18.49 10.24 45.33
C LEU C 416 18.79 8.75 45.29
N PRO C 417 18.29 7.94 46.19
CA PRO C 417 18.53 6.51 46.17
C PRO C 417 17.72 6.01 45.02
N CYS C 418 18.13 4.89 44.37
CA CYS C 418 17.42 4.27 43.25
C CYS C 418 17.27 2.76 43.39
N ARG C 419 16.11 2.27 42.99
CA ARG C 419 15.85 0.84 42.93
C ARG C 419 16.12 0.32 41.53
N ILE C 420 16.47 -0.94 41.41
CA ILE C 420 16.71 -1.57 40.12
C ILE C 420 15.71 -2.68 39.90
N LYS C 421 15.13 -2.76 38.71
CA LYS C 421 14.14 -3.78 38.40
C LYS C 421 14.47 -4.50 37.08
N GLN C 422 14.23 -5.82 36.97
CA GLN C 422 14.51 -6.55 35.72
C GLN C 422 13.28 -6.99 34.96
N ILE C 423 12.18 -7.28 35.64
CA ILE C 423 10.97 -7.69 34.94
C ILE C 423 10.07 -6.50 34.84
N ILE C 424 9.97 -6.00 33.63
CA ILE C 424 9.35 -4.74 33.33
C ILE C 424 8.07 -4.77 32.57
N ASN C 425 7.02 -4.27 33.20
CA ASN C 425 5.77 -4.17 32.48
C ASN C 425 5.85 -2.81 31.88
N MET C 426 6.43 -2.74 30.71
CA MET C 426 6.70 -1.46 30.11
C MET C 426 5.41 -0.72 30.06
N TRP C 427 5.39 0.51 30.58
CA TRP C 427 4.12 1.20 30.65
C TRP C 427 3.68 1.81 29.37
N GLN C 428 3.21 0.92 28.56
CA GLN C 428 2.68 1.14 27.29
C GLN C 428 1.39 0.34 27.37
N ARG C 429 1.47 -0.73 28.19
CA ARG C 429 0.36 -1.66 28.36
C ARG C 429 0.59 -2.68 29.48
N ILE C 430 -0.44 -3.46 29.79
CA ILE C 430 -0.34 -4.56 30.77
C ILE C 430 -0.64 -5.91 30.11
N GLY C 431 0.16 -6.94 30.43
CA GLY C 431 -0.08 -8.29 29.90
C GLY C 431 1.15 -8.93 29.27
N GLN C 432 2.16 -8.12 28.98
CA GLN C 432 3.40 -8.60 28.40
C GLN C 432 4.59 -8.03 29.16
N ALA C 433 5.37 -8.88 29.78
CA ALA C 433 6.51 -8.42 30.56
C ALA C 433 7.80 -8.63 29.82
N MET C 434 8.70 -7.69 29.96
CA MET C 434 10.01 -7.84 29.36
C MET C 434 11.03 -8.14 30.42
N TYR C 435 11.90 -9.10 30.17
CA TYR C 435 12.98 -9.35 31.10
C TYR C 435 14.24 -8.73 30.59
N ALA C 436 14.83 -7.84 31.37
CA ALA C 436 16.04 -7.19 30.95
C ALA C 436 17.25 -8.01 31.41
N PRO C 437 18.12 -8.49 30.52
CA PRO C 437 19.31 -9.22 30.85
C PRO C 437 20.14 -8.27 31.66
N PRO C 438 20.95 -8.75 32.59
CA PRO C 438 21.85 -7.96 33.40
C PRO C 438 23.04 -7.48 32.60
N ILE C 439 23.60 -6.37 33.02
CA ILE C 439 24.83 -5.86 32.43
C ILE C 439 26.04 -5.94 33.36
N GLN C 440 27.09 -6.56 32.83
CA GLN C 440 28.31 -6.81 33.56
C GLN C 440 29.11 -5.57 33.86
N GLY C 441 29.85 -5.59 34.95
CA GLY C 441 30.62 -4.43 35.32
C GLY C 441 29.69 -3.49 36.03
N VAL C 442 29.94 -2.20 35.89
CA VAL C 442 29.15 -1.20 36.58
C VAL C 442 28.69 -0.24 35.55
N ILE C 443 27.69 0.54 35.86
CA ILE C 443 27.26 1.53 34.89
C ILE C 443 27.20 2.93 35.45
N ARG C 444 27.46 3.89 34.58
CA ARG C 444 27.38 5.29 34.91
C ARG C 444 26.70 6.03 33.78
N CYS C 445 25.84 7.00 34.12
CA CYS C 445 25.09 7.83 33.19
C CYS C 445 25.16 9.30 33.60
N VAL C 446 25.38 10.17 32.64
CA VAL C 446 25.29 11.59 32.95
C VAL C 446 24.28 12.17 31.99
N SER C 447 23.22 12.72 32.54
CA SER C 447 22.14 13.24 31.70
C SER C 447 21.83 14.70 31.98
N ASN C 448 21.17 15.36 31.01
CA ASN C 448 20.69 16.75 31.09
C ASN C 448 19.21 16.78 31.44
N ILE C 449 18.80 17.35 32.61
CA ILE C 449 17.38 17.50 32.94
C ILE C 449 16.97 18.75 32.21
N THR C 450 16.04 18.62 31.30
CA THR C 450 15.63 19.73 30.49
C THR C 450 14.22 20.16 30.81
N GLY C 451 13.51 19.36 31.60
CA GLY C 451 12.16 19.76 31.95
C GLY C 451 11.51 18.90 33.01
N LEU C 452 10.38 19.36 33.47
CA LEU C 452 9.60 18.71 34.52
C LEU C 452 8.16 18.52 34.15
N ILE C 453 7.53 17.48 34.68
CA ILE C 453 6.09 17.40 34.55
C ILE C 453 5.46 17.52 35.92
N LEU C 454 4.70 18.58 36.10
CA LEU C 454 4.08 18.86 37.38
C LEU C 454 2.57 18.88 37.29
N THR C 455 1.90 18.55 38.38
CA THR C 455 0.45 18.63 38.44
C THR C 455 0.06 19.41 39.67
N ARG C 456 -1.20 19.82 39.78
CA ARG C 456 -1.61 20.56 40.98
C ARG C 456 -2.63 19.83 41.83
N ASP C 457 -2.59 20.10 43.12
CA ASP C 457 -3.59 19.51 43.99
C ASP C 457 -4.88 20.31 43.97
N GLY C 458 -5.94 19.68 43.49
CA GLY C 458 -7.22 20.34 43.43
C GLY C 458 -7.88 20.19 44.77
N GLY C 459 -8.90 21.00 45.04
CA GLY C 459 -9.60 20.89 46.32
C GLY C 459 -8.81 21.51 47.46
N SER C 460 -7.95 22.47 47.13
CA SER C 460 -7.11 23.13 48.12
C SER C 460 -8.00 23.87 49.08
N THR C 461 -7.58 23.92 50.35
CA THR C 461 -8.36 24.61 51.36
C THR C 461 -8.62 26.05 50.97
N ASN C 462 -7.60 26.75 50.49
CA ASN C 462 -7.82 28.10 50.06
C ASN C 462 -6.80 28.54 49.02
N SER C 463 -7.06 29.70 48.43
CA SER C 463 -6.26 30.30 47.38
C SER C 463 -4.91 30.81 47.81
N THR C 464 -4.66 30.86 49.11
CA THR C 464 -3.38 31.36 49.57
C THR C 464 -2.28 30.42 49.12
N THR C 465 -2.51 29.11 49.16
CA THR C 465 -1.41 28.21 48.84
C THR C 465 -1.75 27.22 47.74
N GLU C 466 -0.84 27.11 46.78
CA GLU C 466 -0.95 26.15 45.71
C GLU C 466 0.11 25.08 45.89
N THR C 467 -0.22 23.84 45.56
CA THR C 467 0.74 22.76 45.69
C THR C 467 1.01 22.06 44.37
N PHE C 468 2.28 21.96 44.05
CA PHE C 468 2.75 21.35 42.83
C PHE C 468 3.52 20.10 43.16
N ARG C 469 3.19 19.03 42.46
CA ARG C 469 3.86 17.76 42.70
C ARG C 469 4.30 17.18 41.37
N PRO C 470 5.35 16.37 41.32
CA PRO C 470 5.73 15.60 40.16
C PRO C 470 4.56 14.73 39.84
N GLY C 471 4.31 14.51 38.58
CA GLY C 471 3.18 13.67 38.22
C GLY C 471 3.17 13.30 36.77
N GLY C 472 1.98 13.04 36.24
CA GLY C 472 1.84 12.62 34.87
C GLY C 472 2.46 11.25 34.66
N GLY C 473 3.39 11.16 33.72
CA GLY C 473 4.05 9.91 33.39
C GLY C 473 3.51 9.28 32.12
N ASP C 474 2.39 9.77 31.63
CA ASP C 474 1.88 9.24 30.38
C ASP C 474 2.91 9.57 29.34
N MET C 475 3.27 8.59 28.54
CA MET C 475 4.34 8.78 27.58
C MET C 475 4.11 9.84 26.55
N ARG C 476 2.88 10.20 26.27
CA ARG C 476 2.71 11.20 25.24
C ARG C 476 3.34 12.52 25.61
N ASP C 477 3.46 12.84 26.89
CA ASP C 477 3.99 14.13 27.25
C ASP C 477 5.50 14.17 27.11
N ASN C 478 6.13 13.03 26.87
CA ASN C 478 7.57 13.05 26.69
C ASN C 478 7.91 13.38 25.28
N TRP C 479 6.92 13.42 24.41
CA TRP C 479 7.18 13.68 23.02
C TRP C 479 6.51 14.95 22.65
N ARG C 480 5.42 15.26 23.35
CA ARG C 480 4.67 16.45 23.10
C ARG C 480 5.57 17.66 23.32
N SER C 481 6.49 17.55 24.27
CA SER C 481 7.42 18.61 24.62
C SER C 481 8.48 18.91 23.57
N GLU C 482 8.68 18.03 22.58
CA GLU C 482 9.63 18.29 21.50
C GLU C 482 8.89 18.64 20.23
N LEU C 483 7.71 18.08 20.05
CA LEU C 483 6.91 18.27 18.86
C LEU C 483 5.94 19.43 18.96
N TYR C 484 6.00 20.17 20.04
CA TYR C 484 5.08 21.27 20.28
C TYR C 484 5.11 22.36 19.24
N LYS C 485 6.22 22.53 18.56
CA LYS C 485 6.33 23.58 17.60
C LYS C 485 6.03 23.14 16.19
N TYR C 486 5.64 21.90 15.96
CA TYR C 486 5.42 21.48 14.58
C TYR C 486 3.97 21.19 14.25
N LYS C 487 3.57 21.52 13.03
CA LYS C 487 2.23 21.24 12.55
C LYS C 487 2.25 20.64 11.15
N VAL C 488 1.36 19.69 10.87
CA VAL C 488 1.30 19.10 9.54
C VAL C 488 0.14 19.62 8.72
N VAL C 489 0.44 20.10 7.52
CA VAL C 489 -0.61 20.59 6.66
C VAL C 489 -0.53 19.95 5.30
N LYS C 490 -1.66 19.94 4.61
CA LYS C 490 -1.78 19.41 3.27
C LYS C 490 -1.85 20.52 2.26
N ILE C 491 -1.17 20.35 1.17
CA ILE C 491 -1.13 21.35 0.12
C ILE C 491 -2.34 21.17 -0.78
N GLU C 492 -3.01 22.28 -1.07
CA GLU C 492 -4.21 22.27 -1.92
C GLU C 492 -4.05 23.16 -3.15
N PRO C 493 -3.49 22.68 -4.26
CA PRO C 493 -3.17 23.42 -5.46
C PRO C 493 -4.32 24.10 -6.21
N LEU C 494 -5.58 23.70 -6.05
CA LEU C 494 -6.62 24.41 -6.79
C LEU C 494 -7.23 25.59 -6.09
N GLY C 495 -7.58 26.57 -6.89
CA GLY C 495 -8.34 27.70 -6.39
C GLY C 495 -8.83 28.54 -7.54
N VAL C 496 -9.73 29.47 -7.25
CA VAL C 496 -10.27 30.33 -8.27
C VAL C 496 -10.24 31.77 -7.79
N ALA C 497 -10.29 32.70 -8.73
CA ALA C 497 -10.39 34.13 -8.41
C ALA C 497 -10.94 34.87 -9.62
N PRO C 498 -11.62 36.01 -9.47
CA PRO C 498 -12.07 36.82 -10.58
C PRO C 498 -10.94 37.52 -11.29
N THR C 499 -11.01 37.52 -12.61
CA THR C 499 -10.10 38.23 -13.49
C THR C 499 -10.90 38.84 -14.61
N ARG C 500 -10.26 39.69 -15.40
CA ARG C 500 -10.90 40.19 -16.59
C ARG C 500 -10.50 39.51 -17.88
N CYS C 501 -10.82 38.21 -18.08
CA CYS C 501 -10.51 37.48 -19.33
C CYS C 501 -11.64 36.50 -19.64
N LYS C 502 -11.93 36.36 -20.91
CA LYS C 502 -12.96 35.41 -21.33
C LYS C 502 -12.53 34.66 -22.57
N ARG C 503 -12.87 33.35 -22.69
CA ARG C 503 -12.59 32.51 -23.85
C ARG C 503 -13.15 33.14 -25.15
N GLY D 2 12.40 26.96 -2.62
CA GLY D 2 11.40 27.98 -2.34
C GLY D 2 9.97 27.50 -2.63
N PHE D 3 9.62 26.27 -2.20
CA PHE D 3 8.32 25.64 -2.44
C PHE D 3 7.17 26.49 -1.93
N LEU D 4 7.10 26.74 -0.65
CA LEU D 4 6.12 27.71 -0.23
C LEU D 4 6.82 29.01 -0.10
N GLY D 5 7.42 29.48 -1.17
CA GLY D 5 8.12 30.75 -1.10
C GLY D 5 7.16 31.90 -1.10
N ALA D 6 5.89 31.61 -1.37
CA ALA D 6 4.87 32.60 -1.41
C ALA D 6 4.00 32.44 -0.18
N ALA D 7 2.70 32.72 -0.31
CA ALA D 7 1.73 32.71 0.79
C ALA D 7 2.01 33.82 1.78
N GLY D 8 2.92 34.70 1.40
CA GLY D 8 3.38 35.86 2.13
C GLY D 8 3.53 36.95 1.11
N SER D 9 2.74 36.84 0.10
CA SER D 9 2.78 37.76 -0.99
C SER D 9 1.41 37.86 -1.48
N THR D 10 1.14 38.82 -2.30
CA THR D 10 -0.19 39.00 -2.76
C THR D 10 -0.56 37.95 -3.77
N MET D 11 -1.84 37.83 -4.03
CA MET D 11 -2.33 36.87 -4.98
C MET D 11 -1.72 37.06 -6.32
N GLY D 12 -1.52 38.31 -6.72
CA GLY D 12 -0.92 38.59 -8.00
C GLY D 12 0.51 38.07 -8.04
N ALA D 13 1.31 38.43 -7.05
CA ALA D 13 2.72 38.01 -7.04
C ALA D 13 2.89 36.51 -7.02
N ALA D 14 1.99 35.83 -6.33
CA ALA D 14 2.02 34.40 -6.15
C ALA D 14 1.77 33.63 -7.43
N SER D 15 1.29 34.30 -8.46
CA SER D 15 1.02 33.61 -9.70
C SER D 15 2.32 33.23 -10.37
N MET D 16 3.44 33.74 -9.89
CA MET D 16 4.70 33.43 -10.51
C MET D 16 5.31 32.13 -9.98
N THR D 17 4.67 31.47 -9.02
CA THR D 17 5.22 30.25 -8.45
C THR D 17 4.33 29.03 -8.69
N LEU D 18 3.43 29.11 -9.65
CA LEU D 18 2.51 28.01 -9.86
C LEU D 18 3.21 26.72 -10.30
N THR D 19 4.29 26.84 -11.07
CA THR D 19 4.95 25.63 -11.53
C THR D 19 5.65 24.94 -10.39
N VAL D 20 6.13 25.70 -9.44
CA VAL D 20 6.87 25.13 -8.34
C VAL D 20 5.94 24.30 -7.52
N GLN D 21 4.76 24.84 -7.26
CA GLN D 21 3.81 24.08 -6.48
C GLN D 21 3.32 22.84 -7.22
N ALA D 22 3.11 22.94 -8.53
CA ALA D 22 2.60 21.82 -9.29
C ALA D 22 3.55 20.64 -9.26
N ARG D 23 4.84 20.92 -9.28
CA ARG D 23 5.84 19.88 -9.35
C ARG D 23 6.19 19.26 -8.01
N ASN D 24 5.47 19.61 -6.96
CA ASN D 24 5.76 18.98 -5.69
C ASN D 24 5.24 17.55 -5.67
N LEU D 25 4.19 17.28 -6.40
CA LEU D 25 3.67 15.93 -6.41
C LEU D 25 4.33 15.22 -7.51
N LEU D 26 4.35 13.91 -7.40
CA LEU D 26 4.92 13.01 -8.39
C LEU D 26 6.44 13.11 -8.41
N SER D 27 7.00 14.26 -8.71
CA SER D 27 8.45 14.37 -8.69
C SER D 27 8.94 14.17 -7.27
N GLY D 28 8.15 14.62 -6.31
CA GLY D 28 8.50 14.50 -4.91
C GLY D 28 8.28 13.09 -4.38
N ILE D 29 7.68 12.24 -5.21
CA ILE D 29 7.39 10.88 -4.83
C ILE D 29 8.45 9.98 -5.42
N VAL D 30 8.74 10.17 -6.71
CA VAL D 30 9.71 9.32 -7.40
C VAL D 30 11.07 9.51 -6.72
N GLN D 31 11.34 10.77 -6.35
CA GLN D 31 12.53 11.23 -5.67
C GLN D 31 12.81 10.53 -4.35
N GLN D 32 11.83 9.88 -3.75
CA GLN D 32 12.12 9.27 -2.47
C GLN D 32 13.25 8.22 -2.53
N GLN D 33 13.45 7.48 -3.68
CA GLN D 33 14.50 6.47 -3.86
C GLN D 33 14.73 5.58 -2.63
N GLU D 41 22.02 -1.77 3.38
CA GLU D 41 20.69 -1.17 3.42
C GLU D 41 19.84 -1.96 4.44
N CYS D 42 18.58 -1.50 4.65
CA CYS D 42 17.58 -2.13 5.52
C CYS D 42 16.21 -1.85 4.97
N GLN D 43 16.16 -1.35 3.77
CA GLN D 43 14.87 -1.10 3.15
C GLN D 43 14.18 -2.43 2.87
N GLN D 44 15.00 -3.48 2.86
CA GLN D 44 14.56 -4.84 2.69
C GLN D 44 13.99 -5.32 4.03
N HIS D 45 14.57 -4.85 5.13
CA HIS D 45 14.17 -5.19 6.50
C HIS D 45 12.75 -4.78 6.73
N LEU D 46 12.44 -3.60 6.25
CA LEU D 46 11.14 -3.00 6.44
C LEU D 46 10.04 -3.74 5.72
N LEU D 47 10.37 -4.67 4.83
CA LEU D 47 9.35 -5.40 4.13
C LEU D 47 8.80 -6.48 5.03
N LYS D 48 9.44 -6.67 6.18
CA LYS D 48 9.01 -7.65 7.15
C LYS D 48 8.00 -7.04 8.10
N LEU D 49 7.76 -5.73 8.00
CA LEU D 49 6.82 -5.07 8.85
C LEU D 49 5.52 -4.96 8.10
N THR D 50 4.66 -5.94 8.26
CA THR D 50 3.49 -6.01 7.42
C THR D 50 2.61 -4.80 7.53
N VAL D 51 2.31 -4.37 8.74
CA VAL D 51 1.42 -3.24 8.86
C VAL D 51 2.06 -1.98 8.34
N TRP D 52 3.31 -1.78 8.65
CA TRP D 52 3.99 -0.60 8.19
C TRP D 52 3.97 -0.55 6.66
N GLY D 53 4.27 -1.66 6.00
CA GLY D 53 4.33 -1.69 4.54
C GLY D 53 2.97 -1.36 3.94
N ILE D 54 1.91 -1.88 4.54
CA ILE D 54 0.60 -1.59 4.01
C ILE D 54 0.30 -0.14 4.18
N LYS D 55 0.60 0.44 5.33
CA LYS D 55 0.31 1.86 5.49
C LYS D 55 1.05 2.71 4.48
N GLN D 56 2.31 2.38 4.18
CA GLN D 56 3.04 3.19 3.21
C GLN D 56 2.45 3.07 1.81
N LEU D 57 2.00 1.88 1.44
CA LEU D 57 1.37 1.79 0.14
C LEU D 57 0.11 2.57 0.13
N GLN D 58 -0.65 2.54 1.22
CA GLN D 58 -1.88 3.28 1.17
C GLN D 58 -1.60 4.75 0.98
N ALA D 59 -0.55 5.27 1.61
CA ALA D 59 -0.23 6.68 1.44
C ALA D 59 0.12 7.02 0.01
N ARG D 60 0.85 6.13 -0.67
CA ARG D 60 1.26 6.42 -2.04
C ARG D 60 0.11 6.30 -2.99
N VAL D 61 -0.75 5.32 -2.77
CA VAL D 61 -1.89 5.13 -3.62
C VAL D 61 -2.79 6.31 -3.47
N LEU D 62 -2.99 6.75 -2.24
CA LEU D 62 -3.83 7.88 -2.01
C LEU D 62 -3.27 9.14 -2.64
N ALA D 63 -1.97 9.37 -2.55
CA ALA D 63 -1.45 10.58 -3.16
C ALA D 63 -1.74 10.60 -4.66
N VAL D 64 -1.64 9.44 -5.30
CA VAL D 64 -1.95 9.36 -6.71
C VAL D 64 -3.41 9.62 -6.96
N GLU D 65 -4.28 9.03 -6.15
CA GLU D 65 -5.70 9.24 -6.35
C GLU D 65 -6.03 10.72 -6.20
N ARG D 66 -5.42 11.40 -5.26
CA ARG D 66 -5.72 12.81 -5.10
C ARG D 66 -5.27 13.59 -6.31
N TYR D 67 -4.09 13.28 -6.82
CA TYR D 67 -3.59 13.97 -7.98
C TYR D 67 -4.52 13.82 -9.15
N LEU D 68 -4.93 12.59 -9.40
CA LEU D 68 -5.78 12.34 -10.54
C LEU D 68 -7.14 12.97 -10.36
N ARG D 69 -7.67 13.01 -9.16
CA ARG D 69 -8.97 13.61 -8.97
C ARG D 69 -8.91 15.04 -9.46
N ASP D 70 -7.87 15.78 -9.08
CA ASP D 70 -7.80 17.17 -9.49
C ASP D 70 -7.60 17.30 -10.98
N GLN D 71 -6.83 16.40 -11.58
CA GLN D 71 -6.65 16.50 -13.00
C GLN D 71 -7.94 16.23 -13.74
N GLN D 72 -8.75 15.30 -13.23
CA GLN D 72 -10.00 15.02 -13.89
C GLN D 72 -10.87 16.24 -13.85
N LEU D 73 -10.86 16.98 -12.75
CA LEU D 73 -11.69 18.17 -12.70
C LEU D 73 -11.25 19.19 -13.72
N LEU D 74 -9.94 19.34 -13.90
CA LEU D 74 -9.52 20.31 -14.90
C LEU D 74 -9.98 19.83 -16.26
N GLY D 75 -9.98 18.52 -16.47
CA GLY D 75 -10.47 17.97 -17.72
C GLY D 75 -11.93 18.34 -17.93
N ILE D 76 -12.76 18.10 -16.94
CA ILE D 76 -14.18 18.35 -17.01
C ILE D 76 -14.50 19.80 -17.26
N TRP D 77 -13.75 20.68 -16.66
CA TRP D 77 -13.99 22.10 -16.80
C TRP D 77 -13.38 22.68 -18.07
N GLY D 78 -12.65 21.88 -18.84
CA GLY D 78 -11.96 22.36 -20.04
C GLY D 78 -10.65 23.14 -19.82
N CYS D 79 -9.95 22.91 -18.68
CA CYS D 79 -8.72 23.59 -18.27
C CYS D 79 -7.54 22.61 -18.28
N SER D 80 -7.68 21.50 -18.97
CA SER D 80 -6.62 20.53 -18.96
C SER D 80 -5.39 21.07 -19.62
N GLY D 81 -4.25 20.81 -19.00
CA GLY D 81 -2.97 21.22 -19.57
C GLY D 81 -2.59 22.65 -19.25
N LYS D 82 -3.39 23.37 -18.47
CA LYS D 82 -3.06 24.75 -18.18
C LYS D 82 -2.85 24.98 -16.70
N LEU D 83 -2.04 25.97 -16.34
CA LEU D 83 -1.93 26.34 -14.95
C LEU D 83 -2.85 27.52 -14.71
N ILE D 84 -3.05 28.34 -15.74
CA ILE D 84 -3.95 29.47 -15.67
C ILE D 84 -5.05 29.30 -16.73
N CYS D 85 -6.34 29.19 -16.33
CA CYS D 85 -7.46 28.95 -17.25
C CYS D 85 -8.62 29.93 -17.14
N CYS D 86 -8.86 30.62 -18.25
CA CYS D 86 -9.95 31.56 -18.33
C CYS D 86 -11.17 30.71 -18.68
N THR D 87 -12.33 31.05 -18.13
CA THR D 87 -13.54 30.27 -18.39
C THR D 87 -14.67 31.19 -18.77
N ASN D 88 -15.82 30.60 -19.06
CA ASN D 88 -17.01 31.36 -19.42
C ASN D 88 -18.00 31.54 -18.27
N VAL D 89 -17.58 31.26 -17.06
CA VAL D 89 -18.47 31.47 -15.93
C VAL D 89 -18.21 32.83 -15.33
N PRO D 90 -19.19 33.73 -15.24
CA PRO D 90 -19.06 35.06 -14.70
C PRO D 90 -18.92 34.99 -13.21
N TRP D 91 -18.29 35.99 -12.64
CA TRP D 91 -18.14 36.09 -11.21
C TRP D 91 -19.36 36.79 -10.59
N ASN D 92 -19.91 36.20 -9.51
CA ASN D 92 -21.04 36.71 -8.73
C ASN D 92 -20.50 37.61 -7.60
N SER D 93 -21.07 38.83 -7.47
CA SER D 93 -20.71 39.83 -6.46
C SER D 93 -21.06 39.36 -5.06
N THR D 94 -21.89 38.33 -4.97
CA THR D 94 -22.22 37.84 -3.66
C THR D 94 -21.21 36.81 -3.21
N TRP D 95 -20.41 36.25 -4.13
CA TRP D 95 -19.43 35.28 -3.68
C TRP D 95 -18.41 36.08 -2.95
N SER D 96 -18.07 37.22 -3.53
CA SER D 96 -17.17 38.16 -2.90
C SER D 96 -17.34 39.54 -3.48
N ASN D 97 -17.79 40.46 -2.65
CA ASN D 97 -18.03 41.81 -3.14
C ASN D 97 -16.79 42.68 -3.01
N ARG D 98 -15.76 42.32 -3.77
CA ARG D 98 -14.48 43.02 -3.75
C ARG D 98 -14.05 43.34 -5.18
N ASN D 99 -13.21 44.39 -5.40
CA ASN D 99 -12.71 44.76 -6.72
C ASN D 99 -11.34 44.12 -7.01
N LEU D 100 -10.81 44.29 -8.26
CA LEU D 100 -9.54 43.67 -8.67
C LEU D 100 -8.33 44.17 -7.92
N SER D 101 -8.24 45.47 -7.68
CA SER D 101 -7.07 45.93 -6.98
C SER D 101 -7.13 45.44 -5.56
N GLU D 102 -8.34 45.45 -5.02
CA GLU D 102 -8.55 45.04 -3.67
C GLU D 102 -8.07 43.64 -3.39
N ILE D 103 -8.33 42.70 -4.29
CA ILE D 103 -7.86 41.38 -3.94
C ILE D 103 -6.48 41.09 -4.50
N TRP D 104 -6.19 41.46 -5.74
CA TRP D 104 -4.95 41.02 -6.33
C TRP D 104 -3.72 41.64 -5.71
N ASP D 105 -3.83 42.84 -5.15
CA ASP D 105 -2.69 43.47 -4.53
C ASP D 105 -2.70 43.42 -2.99
N ASN D 106 -3.65 42.72 -2.37
CA ASN D 106 -3.67 42.71 -0.90
C ASN D 106 -3.87 41.35 -0.27
N MET D 107 -4.63 40.49 -0.91
CA MET D 107 -4.92 39.22 -0.29
C MET D 107 -3.82 38.29 -0.70
N THR D 108 -3.58 37.27 0.12
CA THR D 108 -2.51 36.28 -0.01
C THR D 108 -2.87 34.85 -0.41
N TRP D 109 -4.02 34.62 -1.00
CA TRP D 109 -4.50 33.27 -1.37
C TRP D 109 -4.99 32.48 -0.17
N LEU D 110 -4.21 32.43 0.90
CA LEU D 110 -4.72 31.73 2.07
C LEU D 110 -5.95 32.47 2.58
N GLN D 111 -5.86 33.80 2.59
CA GLN D 111 -6.96 34.62 3.07
C GLN D 111 -8.13 34.56 2.12
N TRP D 112 -7.82 34.53 0.85
CA TRP D 112 -8.84 34.51 -0.16
C TRP D 112 -9.64 33.25 -0.03
N ASP D 113 -8.96 32.13 0.12
CA ASP D 113 -9.64 30.87 0.23
C ASP D 113 -10.57 30.91 1.41
N LYS D 114 -10.10 31.40 2.55
CA LYS D 114 -10.95 31.41 3.71
C LYS D 114 -12.23 32.19 3.48
N GLU D 115 -12.15 33.27 2.71
CA GLU D 115 -13.32 34.09 2.45
C GLU D 115 -14.30 33.56 1.43
N ILE D 116 -13.86 32.70 0.50
CA ILE D 116 -14.84 32.23 -0.48
C ILE D 116 -15.01 30.73 -0.43
N SER D 117 -14.62 30.11 0.67
CA SER D 117 -14.73 28.65 0.73
C SER D 117 -16.18 28.14 0.63
N ASN D 118 -17.17 28.95 1.02
CA ASN D 118 -18.61 28.66 1.01
C ASN D 118 -19.19 28.46 -0.39
N TYR D 119 -18.52 28.96 -1.45
CA TYR D 119 -19.00 28.92 -2.82
C TYR D 119 -18.22 27.95 -3.66
N THR D 120 -17.36 27.14 -3.05
CA THR D 120 -16.52 26.27 -3.85
C THR D 120 -17.30 25.30 -4.72
N GLN D 121 -18.31 24.68 -4.14
CA GLN D 121 -19.05 23.67 -4.88
C GLN D 121 -19.94 24.28 -5.91
N ILE D 122 -20.42 25.48 -5.63
CA ILE D 122 -21.28 26.16 -6.56
C ILE D 122 -20.48 26.49 -7.80
N ILE D 123 -19.30 27.02 -7.59
CA ILE D 123 -18.48 27.41 -8.71
C ILE D 123 -18.10 26.21 -9.50
N TYR D 124 -17.70 25.12 -8.85
CA TYR D 124 -17.31 23.98 -9.63
C TYR D 124 -18.46 23.46 -10.47
N GLY D 125 -19.67 23.45 -9.93
CA GLY D 125 -20.79 22.97 -10.71
C GLY D 125 -21.01 23.85 -11.94
N LEU D 126 -20.85 25.16 -11.78
CA LEU D 126 -21.02 26.06 -12.91
C LEU D 126 -19.97 25.82 -13.97
N LEU D 127 -18.74 25.54 -13.55
CA LEU D 127 -17.70 25.33 -14.54
C LEU D 127 -18.02 24.10 -15.39
N GLU D 128 -18.51 23.04 -14.75
CA GLU D 128 -18.85 21.84 -15.51
C GLU D 128 -19.94 22.10 -16.51
N GLU D 129 -20.96 22.85 -16.11
CA GLU D 129 -22.06 23.07 -17.02
C GLU D 129 -21.64 23.87 -18.22
N SER D 130 -20.79 24.88 -18.03
CA SER D 130 -20.39 25.66 -19.17
C SER D 130 -19.61 24.81 -20.15
N GLN D 131 -18.75 23.93 -19.65
CA GLN D 131 -17.99 23.10 -20.56
C GLN D 131 -18.89 22.13 -21.30
N ASN D 132 -19.91 21.60 -20.64
CA ASN D 132 -20.75 20.64 -21.33
C ASN D 132 -21.42 21.28 -22.52
N GLN D 133 -21.89 22.50 -22.34
CA GLN D 133 -22.58 23.16 -23.42
C GLN D 133 -21.65 23.53 -24.53
N GLN D 134 -20.45 23.99 -24.19
CA GLN D 134 -19.53 24.40 -25.21
C GLN D 134 -19.11 23.26 -26.10
N GLU D 135 -18.82 22.09 -25.51
CA GLU D 135 -18.35 20.99 -26.33
C GLU D 135 -19.41 20.55 -27.32
N LYS D 136 -20.65 20.47 -26.88
CA LYS D 136 -21.69 20.03 -27.78
C LYS D 136 -21.90 21.04 -28.89
N ASN D 137 -21.89 22.33 -28.55
CA ASN D 137 -22.16 23.31 -29.57
C ASN D 137 -21.10 23.29 -30.64
N GLU D 138 -19.85 23.09 -30.25
CA GLU D 138 -18.79 23.07 -31.23
C GLU D 138 -18.91 21.87 -32.14
N GLN D 139 -19.30 20.70 -31.61
CA GLN D 139 -19.42 19.55 -32.50
C GLN D 139 -20.56 19.73 -33.49
N ASP D 140 -21.65 20.36 -33.05
CA ASP D 140 -22.77 20.58 -33.94
C ASP D 140 -22.42 21.58 -35.05
N LEU D 141 -21.56 22.55 -34.73
CA LEU D 141 -21.14 23.52 -35.74
C LEU D 141 -20.10 22.91 -36.68
N LEU D 142 -19.32 21.94 -36.20
CA LEU D 142 -18.33 21.31 -37.05
C LEU D 142 -19.05 20.57 -38.16
N ALA D 143 -20.16 19.91 -37.81
CA ALA D 143 -20.94 19.14 -38.79
C ALA D 143 -21.84 20.04 -39.65
N LEU D 144 -21.20 20.92 -40.46
CA LEU D 144 -21.78 21.94 -41.35
C LEU D 144 -22.82 22.79 -40.62
N ALA E 33 18.57 32.13 -32.51
CA ALA E 33 18.30 30.69 -32.49
C ALA E 33 19.10 29.91 -33.56
N GLU E 34 19.60 30.61 -34.64
CA GLU E 34 20.30 30.04 -35.82
C GLU E 34 19.39 28.98 -36.46
N ASN E 35 18.12 29.30 -36.42
CA ASN E 35 17.00 28.51 -36.86
C ASN E 35 16.83 27.14 -36.18
N LEU E 36 17.23 26.98 -34.91
CA LEU E 36 16.99 25.71 -34.25
C LEU E 36 16.38 25.85 -32.87
N TRP E 37 15.32 25.10 -32.65
CA TRP E 37 14.57 25.09 -31.39
C TRP E 37 14.46 23.70 -30.83
N VAL E 38 14.22 23.63 -29.53
CA VAL E 38 14.11 22.36 -28.85
C VAL E 38 12.78 21.65 -29.00
N THR E 39 12.77 20.53 -29.71
CA THR E 39 11.55 19.76 -29.88
C THR E 39 11.56 18.61 -28.95
N VAL E 40 10.46 18.45 -28.28
CA VAL E 40 10.33 17.44 -27.28
C VAL E 40 9.65 16.24 -27.87
N TYR E 41 10.24 15.09 -27.62
CA TYR E 41 9.70 13.83 -28.09
C TYR E 41 9.36 12.94 -26.93
N TYR E 42 8.25 12.24 -27.05
CA TYR E 42 7.86 11.26 -26.08
C TYR E 42 7.67 9.93 -26.76
N GLY E 43 8.35 8.92 -26.27
CA GLY E 43 8.32 7.61 -26.89
C GLY E 43 9.66 7.32 -27.55
N VAL E 44 10.70 7.99 -27.07
CA VAL E 44 12.03 7.80 -27.58
C VAL E 44 12.62 6.47 -27.11
N PRO E 45 13.14 5.59 -27.98
CA PRO E 45 13.66 4.28 -27.64
C PRO E 45 15.04 4.28 -27.00
N VAL E 46 15.10 4.81 -25.79
CA VAL E 46 16.31 4.92 -24.98
C VAL E 46 16.18 4.25 -23.63
N TRP E 47 17.21 3.49 -23.26
CA TRP E 47 17.23 2.80 -21.98
C TRP E 47 18.49 3.01 -21.18
N LYS E 48 18.37 2.87 -19.86
CA LYS E 48 19.48 3.02 -18.90
C LYS E 48 19.55 1.87 -17.92
N ASP E 49 20.72 1.64 -17.34
CA ASP E 49 20.88 0.56 -16.36
C ASP E 49 19.91 0.73 -15.21
N ALA E 50 19.30 -0.37 -14.75
CA ALA E 50 18.36 -0.23 -13.65
C ALA E 50 18.23 -1.46 -12.77
N GLU E 51 17.72 -1.26 -11.57
CA GLU E 51 17.40 -2.37 -10.69
C GLU E 51 15.95 -2.32 -10.31
N THR E 52 15.21 -3.37 -10.61
CA THR E 52 13.79 -3.37 -10.28
C THR E 52 13.35 -4.69 -9.76
N THR E 53 12.08 -4.76 -9.41
CA THR E 53 11.46 -5.96 -8.92
C THR E 53 10.97 -6.78 -10.08
N LEU E 54 11.37 -8.03 -10.14
CA LEU E 54 10.96 -8.93 -11.19
C LEU E 54 9.91 -9.86 -10.68
N PHE E 55 9.15 -10.46 -11.57
CA PHE E 55 8.16 -11.43 -11.12
C PHE E 55 8.44 -12.81 -11.73
N CYS E 56 7.90 -13.87 -11.08
CA CYS E 56 8.08 -15.27 -11.45
C CYS E 56 6.95 -15.74 -12.37
N ALA E 57 7.34 -16.17 -13.56
CA ALA E 57 6.43 -16.66 -14.57
C ALA E 57 6.70 -18.13 -14.83
N SER E 58 5.69 -18.82 -15.34
CA SER E 58 5.75 -20.24 -15.56
C SER E 58 5.08 -20.81 -16.81
N ASP E 59 5.43 -22.06 -17.10
CA ASP E 59 4.88 -22.85 -18.22
C ASP E 59 3.37 -22.98 -18.12
N ALA E 60 2.90 -23.10 -16.89
CA ALA E 60 1.51 -23.22 -16.51
C ALA E 60 0.80 -24.49 -16.98
N LYS E 61 1.52 -25.51 -17.44
CA LYS E 61 0.87 -26.78 -17.78
C LYS E 61 1.48 -27.86 -16.90
N ALA E 62 2.82 -27.90 -16.84
CA ALA E 62 3.52 -28.86 -15.99
C ALA E 62 3.12 -28.60 -14.54
N TYR E 63 2.84 -27.35 -14.32
CA TYR E 63 2.47 -26.67 -13.10
C TYR E 63 1.07 -27.02 -12.62
N GLU E 64 0.18 -27.41 -13.53
CA GLU E 64 -1.16 -27.79 -13.13
C GLU E 64 -1.06 -29.16 -12.52
N THR E 65 -0.23 -29.99 -13.15
CA THR E 65 0.00 -31.34 -12.70
C THR E 65 0.76 -31.37 -11.38
N LYS E 66 1.84 -30.60 -11.29
CA LYS E 66 2.69 -30.57 -10.12
C LYS E 66 2.20 -29.62 -9.03
N LYS E 67 1.07 -30.01 -8.46
CA LYS E 67 0.29 -29.25 -7.48
C LYS E 67 0.98 -29.02 -6.16
N HIS E 68 1.98 -29.82 -5.85
CA HIS E 68 2.64 -29.66 -4.58
C HIS E 68 4.10 -29.25 -4.73
N ASN E 69 4.49 -28.83 -5.92
CA ASN E 69 5.86 -28.40 -6.12
C ASN E 69 6.05 -27.00 -5.60
N VAL E 70 7.06 -26.79 -4.80
CA VAL E 70 7.28 -25.48 -4.21
C VAL E 70 7.39 -24.35 -5.22
N TRP E 71 7.93 -24.60 -6.40
CA TRP E 71 8.05 -23.48 -7.29
C TRP E 71 6.92 -23.46 -8.28
N ALA E 72 5.97 -24.37 -8.14
CA ALA E 72 4.87 -24.37 -9.06
C ALA E 72 3.71 -23.63 -8.46
N THR E 73 3.46 -23.87 -7.19
CA THR E 73 2.32 -23.27 -6.57
C THR E 73 2.56 -21.81 -6.29
N HIS E 74 3.81 -21.43 -6.25
CA HIS E 74 4.15 -20.05 -6.00
C HIS E 74 4.64 -19.26 -7.22
N CYS E 75 4.48 -19.76 -8.47
CA CYS E 75 4.97 -19.10 -9.67
C CYS E 75 3.83 -19.17 -10.70
N CYS E 76 2.93 -18.23 -10.56
CA CYS E 76 1.67 -18.27 -11.27
C CYS E 76 1.58 -17.44 -12.54
N VAL E 77 2.52 -16.58 -12.89
CA VAL E 77 2.12 -15.84 -14.10
C VAL E 77 2.43 -16.72 -15.28
N PRO E 78 1.48 -17.11 -16.13
CA PRO E 78 1.77 -17.99 -17.22
C PRO E 78 2.62 -17.23 -18.19
N THR E 79 3.52 -17.89 -18.85
CA THR E 79 4.30 -17.24 -19.88
C THR E 79 3.52 -17.22 -21.15
N ASP E 80 3.93 -16.36 -22.05
CA ASP E 80 3.39 -16.32 -23.38
C ASP E 80 3.77 -17.63 -24.03
N PRO E 81 2.82 -18.45 -24.54
CA PRO E 81 3.07 -19.72 -25.21
C PRO E 81 4.05 -19.57 -26.36
N ASN E 82 4.16 -18.36 -26.91
CA ASN E 82 5.07 -18.06 -28.00
C ASN E 82 5.88 -16.81 -27.67
N PRO E 83 6.91 -16.91 -26.79
CA PRO E 83 7.70 -15.80 -26.29
C PRO E 83 8.33 -15.04 -27.43
N GLN E 84 8.42 -13.74 -27.31
CA GLN E 84 9.01 -12.95 -28.36
C GLN E 84 10.43 -12.56 -28.05
N GLU E 85 11.19 -12.34 -29.10
CA GLU E 85 12.54 -11.83 -29.02
C GLU E 85 12.78 -10.89 -30.17
N ILE E 86 13.26 -9.70 -29.86
CA ILE E 86 13.51 -8.73 -30.92
C ILE E 86 14.97 -8.44 -31.10
N HIS E 87 15.54 -8.81 -32.22
CA HIS E 87 16.95 -8.54 -32.40
C HIS E 87 17.16 -7.06 -32.59
N LEU E 88 18.17 -6.50 -31.96
CA LEU E 88 18.43 -5.09 -32.14
C LEU E 88 19.58 -4.86 -33.07
N GLU E 89 19.29 -4.33 -34.22
CA GLU E 89 20.31 -4.12 -35.20
C GLU E 89 21.17 -2.94 -34.74
N ASN E 90 22.50 -2.99 -34.96
CA ASN E 90 23.50 -1.93 -34.69
C ASN E 90 23.50 -1.42 -33.23
N VAL E 91 23.33 -2.31 -32.23
CA VAL E 91 23.37 -1.96 -30.80
C VAL E 91 24.48 -2.67 -30.08
N THR E 92 25.34 -1.91 -29.45
CA THR E 92 26.39 -2.51 -28.65
C THR E 92 26.05 -2.19 -27.22
N GLU E 93 26.03 -3.21 -26.39
CA GLU E 93 25.64 -3.06 -24.99
C GLU E 93 26.65 -3.68 -24.06
N GLU E 94 27.04 -2.97 -23.01
CA GLU E 94 27.99 -3.53 -22.06
C GLU E 94 27.32 -4.30 -20.93
N PHE E 95 27.77 -5.53 -20.76
CA PHE E 95 27.28 -6.44 -19.76
C PHE E 95 28.32 -6.75 -18.68
N ASN E 96 27.85 -7.08 -17.48
CA ASN E 96 28.76 -7.51 -16.42
C ASN E 96 28.06 -8.49 -15.49
N MET E 97 28.34 -9.78 -15.65
CA MET E 97 27.67 -10.82 -14.90
C MET E 97 28.00 -10.81 -13.42
N TRP E 98 29.04 -10.12 -13.05
CA TRP E 98 29.47 -10.14 -11.67
C TRP E 98 28.80 -9.05 -10.87
N LYS E 99 28.05 -8.18 -11.55
CA LYS E 99 27.35 -7.08 -10.92
C LYS E 99 25.90 -7.10 -11.35
N ASN E 100 25.44 -8.27 -11.73
CA ASN E 100 24.10 -8.46 -12.24
C ASN E 100 23.11 -8.60 -11.10
N ASN E 101 22.23 -7.63 -10.95
CA ASN E 101 21.31 -7.61 -9.83
C ASN E 101 20.18 -8.64 -9.93
N MET E 102 20.14 -9.37 -11.03
CA MET E 102 19.14 -10.39 -11.20
C MET E 102 19.56 -11.59 -10.38
N VAL E 103 20.84 -11.66 -10.03
CA VAL E 103 21.35 -12.78 -9.28
C VAL E 103 20.89 -12.63 -7.87
N GLU E 104 20.98 -11.42 -7.33
CA GLU E 104 20.53 -11.20 -5.97
C GLU E 104 19.05 -11.43 -5.89
N GLN E 105 18.33 -11.05 -6.93
CA GLN E 105 16.91 -11.27 -6.92
C GLN E 105 16.59 -12.75 -6.90
N MET E 106 17.29 -13.55 -7.68
CA MET E 106 16.97 -14.96 -7.67
C MET E 106 17.31 -15.59 -6.35
N HIS E 107 18.42 -15.17 -5.76
CA HIS E 107 18.86 -15.72 -4.51
C HIS E 107 17.89 -15.45 -3.41
N THR E 108 17.44 -14.21 -3.27
CA THR E 108 16.53 -13.93 -2.20
C THR E 108 15.19 -14.60 -2.43
N ASP E 109 14.74 -14.74 -3.68
CA ASP E 109 13.45 -15.35 -3.90
C ASP E 109 13.48 -16.82 -3.55
N ILE E 110 14.57 -17.50 -3.86
CA ILE E 110 14.64 -18.90 -3.52
C ILE E 110 14.63 -19.07 -2.04
N ILE E 111 15.38 -18.25 -1.32
CA ILE E 111 15.38 -18.41 0.10
C ILE E 111 14.01 -18.19 0.66
N SER E 112 13.32 -17.16 0.20
CA SER E 112 12.01 -16.90 0.73
C SER E 112 11.05 -18.03 0.47
N LEU E 113 11.04 -18.59 -0.74
CA LEU E 113 10.11 -19.66 -1.00
C LEU E 113 10.44 -20.87 -0.19
N TRP E 114 11.70 -21.08 0.07
CA TRP E 114 12.09 -22.21 0.85
C TRP E 114 11.48 -22.06 2.26
N ASP E 115 11.64 -20.89 2.85
CA ASP E 115 11.16 -20.65 4.20
C ASP E 115 9.66 -20.80 4.31
N GLN E 116 8.95 -20.40 3.27
CA GLN E 116 7.51 -20.45 3.30
C GLN E 116 6.98 -21.83 3.03
N SER E 117 7.85 -22.75 2.66
CA SER E 117 7.39 -24.08 2.41
C SER E 117 7.42 -24.85 3.67
N LEU E 118 8.36 -24.51 4.54
CA LEU E 118 8.50 -25.25 5.77
C LEU E 118 7.67 -24.67 6.89
N LYS E 119 7.48 -23.36 6.86
CA LYS E 119 6.74 -22.65 7.87
C LYS E 119 5.51 -23.36 8.44
N PRO E 120 4.53 -23.84 7.64
CA PRO E 120 3.31 -24.48 8.12
C PRO E 120 3.40 -25.88 8.75
N CYS E 121 4.54 -26.62 8.61
CA CYS E 121 4.68 -27.99 9.10
C CYS E 121 5.26 -28.10 10.50
N VAL E 122 5.06 -29.28 11.05
CA VAL E 122 5.40 -29.68 12.39
C VAL E 122 6.83 -29.50 12.80
N LYS E 123 6.96 -28.95 14.00
CA LYS E 123 8.25 -28.74 14.60
C LYS E 123 8.56 -30.03 15.30
N LEU E 124 9.77 -30.49 15.19
CA LEU E 124 10.14 -31.74 15.78
C LEU E 124 10.89 -31.59 17.06
N THR E 125 10.71 -30.45 17.71
CA THR E 125 11.32 -30.21 19.00
C THR E 125 11.16 -31.42 19.95
N PRO E 126 9.99 -32.08 20.07
CA PRO E 126 9.76 -33.21 20.95
C PRO E 126 10.68 -34.40 20.71
N LEU E 127 11.34 -34.47 19.55
CA LEU E 127 12.24 -35.60 19.30
C LEU E 127 13.65 -35.39 19.86
N CYS E 128 13.98 -34.20 20.39
CA CYS E 128 15.29 -33.88 20.87
C CYS E 128 15.44 -34.41 22.31
N VAL E 129 15.61 -35.72 22.36
CA VAL E 129 15.72 -36.47 23.60
C VAL E 129 16.90 -37.35 23.60
N THR E 130 17.25 -37.83 24.77
CA THR E 130 18.31 -38.78 24.83
C THR E 130 17.87 -40.03 24.07
N LEU E 131 18.70 -40.50 23.17
CA LEU E 131 18.42 -41.68 22.39
C LEU E 131 19.27 -42.80 22.92
N GLN E 132 18.77 -44.03 22.84
CA GLN E 132 19.58 -45.18 23.21
C GLN E 132 19.81 -46.05 21.98
N CYS E 133 21.08 -46.28 21.55
CA CYS E 133 21.37 -47.07 20.35
C CYS E 133 22.71 -47.74 20.22
N THR E 134 22.64 -48.70 19.31
CA THR E 134 23.69 -49.59 18.87
C THR E 134 23.74 -49.56 17.35
N ASN E 135 24.70 -50.25 16.77
CA ASN E 135 24.85 -50.30 15.33
C ASN E 135 23.98 -51.31 14.64
N VAL E 136 23.57 -50.98 13.42
CA VAL E 136 22.77 -51.89 12.61
C VAL E 136 23.79 -52.85 12.04
N THR E 137 23.62 -54.14 12.34
CA THR E 137 24.59 -55.13 11.90
C THR E 137 24.05 -56.16 10.93
N ASN E 138 22.76 -56.12 10.65
CA ASN E 138 22.21 -57.13 9.78
C ASN E 138 22.44 -56.81 8.32
N ASN E 139 23.00 -57.78 7.59
CA ASN E 139 23.24 -57.69 6.16
C ASN E 139 24.04 -56.45 5.74
N ILE E 140 25.07 -56.16 6.51
CA ILE E 140 25.92 -55.00 6.24
C ILE E 140 27.15 -55.31 5.44
N THR E 141 27.35 -54.58 4.34
CA THR E 141 28.59 -54.77 3.61
C THR E 141 29.69 -54.02 4.31
N ASP E 142 30.94 -54.23 3.94
CA ASP E 142 32.01 -53.56 4.69
C ASP E 142 31.95 -52.05 4.66
N ASP E 143 31.53 -51.51 3.54
CA ASP E 143 31.45 -50.08 3.31
C ASP E 143 30.41 -49.39 4.18
N MET E 144 29.48 -50.15 4.71
CA MET E 144 28.42 -49.61 5.52
C MET E 144 28.59 -49.88 6.99
N ARG E 145 29.75 -50.38 7.41
CA ARG E 145 29.85 -50.66 8.82
C ARG E 145 29.94 -49.39 9.60
N GLY E 146 29.07 -49.26 10.58
CA GLY E 146 29.03 -48.10 11.45
C GLY E 146 28.23 -46.94 10.88
N GLU E 147 27.67 -47.09 9.66
CA GLU E 147 26.92 -46.01 9.03
C GLU E 147 25.51 -45.82 9.55
N LEU E 148 24.88 -46.90 9.99
CA LEU E 148 23.51 -46.75 10.44
C LEU E 148 23.40 -47.14 11.88
N LYS E 149 22.62 -46.37 12.61
CA LYS E 149 22.36 -46.62 14.02
C LYS E 149 20.89 -46.94 14.22
N ASN E 150 20.57 -47.90 15.13
CA ASN E 150 19.21 -48.30 15.51
C ASN E 150 18.87 -47.72 16.88
N CYS E 151 18.05 -46.62 16.92
CA CYS E 151 17.78 -45.87 18.16
C CYS E 151 16.35 -45.87 18.59
N SER E 152 16.20 -46.12 19.89
CA SER E 152 14.92 -46.11 20.53
C SER E 152 14.83 -44.95 21.48
N PHE E 153 13.62 -44.47 21.67
CA PHE E 153 13.41 -43.35 22.56
C PHE E 153 11.98 -43.22 23.10
N ASN E 154 11.82 -42.45 24.21
CA ASN E 154 10.55 -42.13 24.86
C ASN E 154 9.99 -40.82 24.31
N MET E 155 8.90 -40.91 23.53
CA MET E 155 8.23 -39.83 22.81
C MET E 155 6.79 -39.65 23.24
N THR E 156 6.26 -38.46 23.05
CA THR E 156 4.89 -38.15 23.42
C THR E 156 3.90 -38.77 22.46
N THR E 157 2.63 -38.78 22.86
CA THR E 157 1.54 -39.30 22.07
C THR E 157 0.51 -38.19 22.05
N GLU E 158 -0.68 -38.45 21.52
CA GLU E 158 -1.69 -37.41 21.51
C GLU E 158 -2.16 -37.03 22.91
N LEU E 159 -1.92 -37.85 23.91
CA LEU E 159 -2.33 -37.49 25.25
C LEU E 159 -1.11 -37.02 26.00
N ARG E 160 -1.26 -35.95 26.74
CA ARG E 160 -0.12 -35.39 27.42
C ARG E 160 0.39 -36.23 28.58
N ASP E 161 -0.44 -37.11 29.13
CA ASP E 161 0.00 -37.96 30.21
C ASP E 161 0.46 -39.34 29.76
N LYS E 162 0.61 -39.55 28.45
CA LYS E 162 1.07 -40.83 27.95
C LYS E 162 2.37 -40.72 27.19
N LYS E 163 3.12 -41.80 27.19
CA LYS E 163 4.37 -41.87 26.45
C LYS E 163 4.40 -43.15 25.66
N GLN E 164 5.16 -43.15 24.59
CA GLN E 164 5.35 -44.34 23.80
C GLN E 164 6.82 -44.56 23.53
N LYS E 165 7.19 -45.82 23.40
CA LYS E 165 8.55 -46.12 23.05
C LYS E 165 8.60 -46.51 21.60
N VAL E 166 9.38 -45.80 20.84
CA VAL E 166 9.47 -46.06 19.42
C VAL E 166 10.89 -46.19 19.02
N TYR E 167 11.14 -46.68 17.82
CA TYR E 167 12.49 -46.69 17.35
C TYR E 167 12.55 -46.37 15.89
N SER E 168 13.71 -45.89 15.47
CA SER E 168 13.97 -45.54 14.10
C SER E 168 15.43 -45.62 13.74
N LEU E 169 15.70 -45.61 12.45
CA LEU E 169 17.08 -45.62 12.04
C LEU E 169 17.57 -44.25 11.68
N PHE E 170 18.82 -44.02 11.97
CA PHE E 170 19.48 -42.77 11.64
C PHE E 170 20.80 -42.97 10.97
N TYR E 171 21.18 -42.01 10.16
CA TYR E 171 22.51 -42.05 9.59
C TYR E 171 23.46 -41.50 10.62
N ARG E 172 24.68 -41.99 10.63
CA ARG E 172 25.65 -41.53 11.63
C ARG E 172 26.01 -40.06 11.57
N LEU E 173 25.67 -39.37 10.49
CA LEU E 173 26.02 -37.95 10.40
C LEU E 173 25.01 -37.07 11.10
N ASP E 174 23.86 -37.63 11.45
CA ASP E 174 22.78 -36.88 12.06
C ASP E 174 22.75 -37.02 13.58
N VAL E 175 23.54 -37.95 14.08
CA VAL E 175 23.51 -38.31 15.48
C VAL E 175 24.86 -38.17 16.16
N VAL E 176 24.89 -37.49 17.29
CA VAL E 176 26.13 -37.26 18.01
C VAL E 176 26.13 -37.85 19.41
N GLN E 177 27.23 -38.52 19.75
CA GLN E 177 27.36 -39.18 21.05
C GLN E 177 27.42 -38.24 22.22
N ILE E 178 26.75 -38.63 23.30
CA ILE E 178 26.74 -37.85 24.51
C ILE E 178 27.74 -38.41 25.52
N ASN E 179 28.78 -37.62 25.88
CA ASN E 179 29.83 -38.00 26.84
C ASN E 179 29.69 -37.11 28.07
N ASN E 190 27.93 -44.30 26.73
CA ASN E 190 28.52 -45.11 25.65
C ASN E 190 27.52 -45.36 24.51
N LYS E 191 26.23 -45.61 24.85
CA LYS E 191 25.11 -45.87 23.93
C LYS E 191 24.15 -44.71 23.85
N GLU E 192 24.48 -43.60 24.50
CA GLU E 192 23.54 -42.48 24.44
C GLU E 192 23.96 -41.45 23.43
N TYR E 193 22.97 -41.04 22.67
CA TYR E 193 23.10 -40.09 21.58
C TYR E 193 22.04 -39.03 21.54
N ARG E 194 22.33 -37.92 20.89
CA ARG E 194 21.34 -36.89 20.64
C ARG E 194 21.40 -36.49 19.21
N LEU E 195 20.37 -35.81 18.73
CA LEU E 195 20.42 -35.38 17.35
C LEU E 195 21.41 -34.24 17.26
N ILE E 196 22.11 -34.16 16.15
CA ILE E 196 23.13 -33.15 15.99
C ILE E 196 22.66 -31.71 16.14
N ASN E 197 21.42 -31.42 15.79
CA ASN E 197 20.95 -30.05 15.93
C ASN E 197 20.39 -29.66 17.33
N CYS E 198 20.38 -30.58 18.32
CA CYS E 198 19.79 -30.37 19.65
C CYS E 198 20.36 -29.24 20.46
N ASN E 199 21.55 -28.78 20.19
CA ASN E 199 22.02 -27.67 20.99
C ASN E 199 21.94 -26.32 20.25
N THR E 200 21.78 -26.29 18.89
CA THR E 200 21.85 -25.04 18.13
C THR E 200 20.54 -24.57 17.52
N SER E 201 19.60 -25.46 17.22
CA SER E 201 18.34 -24.97 16.64
C SER E 201 17.21 -25.97 16.60
N ALA E 202 15.98 -25.49 16.80
CA ALA E 202 14.85 -26.37 16.63
C ALA E 202 14.75 -26.74 15.17
N ILE E 203 14.37 -27.98 14.91
CA ILE E 203 14.28 -28.50 13.55
C ILE E 203 12.86 -28.70 13.08
N THR E 204 12.60 -28.28 11.85
CA THR E 204 11.27 -28.38 11.26
C THR E 204 11.21 -29.52 10.28
N GLN E 205 10.16 -30.32 10.34
CA GLN E 205 10.06 -31.43 9.41
C GLN E 205 9.65 -30.94 8.06
N ALA E 206 10.31 -31.41 7.02
CA ALA E 206 9.87 -31.00 5.71
C ALA E 206 8.50 -31.58 5.51
N CYS E 207 7.62 -30.85 4.83
CA CYS E 207 6.26 -31.26 4.54
C CYS E 207 6.32 -32.49 3.60
N PRO E 208 5.68 -33.61 3.96
CA PRO E 208 5.75 -34.90 3.30
C PRO E 208 5.23 -34.93 1.89
N LYS E 209 4.44 -33.95 1.50
CA LYS E 209 3.88 -33.92 0.17
C LYS E 209 4.51 -32.87 -0.72
N VAL E 210 5.41 -32.06 -0.18
CA VAL E 210 5.94 -30.99 -0.99
C VAL E 210 7.14 -31.42 -1.76
N SER E 211 7.11 -31.13 -3.03
CA SER E 211 8.21 -31.47 -3.90
C SER E 211 9.18 -30.34 -4.07
N PHE E 212 10.44 -30.68 -4.15
CA PHE E 212 11.47 -29.70 -4.40
C PHE E 212 12.13 -29.92 -5.74
N GLU E 213 11.44 -30.60 -6.64
CA GLU E 213 11.97 -30.86 -7.97
C GLU E 213 12.13 -29.56 -8.75
N PRO E 214 13.31 -29.21 -9.24
CA PRO E 214 13.52 -28.01 -10.01
C PRO E 214 12.59 -28.03 -11.20
N ILE E 215 11.93 -26.93 -11.44
CA ILE E 215 11.02 -26.82 -12.56
C ILE E 215 11.49 -25.54 -13.23
N PRO E 216 11.52 -25.37 -14.55
CA PRO E 216 11.98 -24.15 -15.17
C PRO E 216 11.20 -22.95 -14.72
N ILE E 217 11.91 -21.89 -14.36
CA ILE E 217 11.37 -20.63 -13.93
C ILE E 217 11.76 -19.51 -14.85
N HIS E 218 10.82 -18.68 -15.22
CA HIS E 218 11.15 -17.58 -16.08
C HIS E 218 11.10 -16.26 -15.32
N TYR E 219 12.16 -15.47 -15.37
CA TYR E 219 12.06 -14.16 -14.73
C TYR E 219 11.63 -13.16 -15.75
N CYS E 220 10.59 -12.36 -15.43
CA CYS E 220 9.99 -11.40 -16.35
C CYS E 220 9.98 -10.00 -15.78
N ALA E 221 10.22 -9.03 -16.66
CA ALA E 221 10.25 -7.63 -16.28
C ALA E 221 8.85 -7.01 -16.29
N PRO E 222 8.60 -6.02 -15.42
CA PRO E 222 7.41 -5.19 -15.35
C PRO E 222 7.41 -4.18 -16.47
N ALA E 223 6.26 -3.59 -16.74
CA ALA E 223 6.20 -2.56 -17.77
C ALA E 223 7.13 -1.43 -17.43
N GLY E 224 7.76 -0.87 -18.46
CA GLY E 224 8.70 0.23 -18.26
C GLY E 224 10.12 -0.27 -18.20
N PHE E 225 10.27 -1.58 -18.17
CA PHE E 225 11.55 -2.24 -18.12
C PHE E 225 11.69 -3.24 -19.23
N ALA E 226 12.92 -3.57 -19.55
CA ALA E 226 13.17 -4.54 -20.57
C ALA E 226 14.37 -5.37 -20.22
N ILE E 227 14.44 -6.59 -20.73
CA ILE E 227 15.60 -7.39 -20.47
C ILE E 227 16.41 -7.53 -21.75
N LEU E 228 17.66 -7.17 -21.67
CA LEU E 228 18.51 -7.29 -22.83
C LEU E 228 19.30 -8.56 -22.72
N LYS E 229 19.20 -9.38 -23.74
CA LYS E 229 19.87 -10.66 -23.77
C LYS E 229 21.08 -10.61 -24.70
N CYS E 230 22.25 -11.10 -24.21
CA CYS E 230 23.49 -11.18 -24.99
C CYS E 230 23.55 -12.52 -25.70
N LYS E 231 23.62 -12.49 -27.01
CA LYS E 231 23.66 -13.68 -27.84
C LYS E 231 25.03 -14.01 -28.38
N ASP E 232 26.01 -13.18 -28.10
CA ASP E 232 27.31 -13.42 -28.69
C ASP E 232 27.85 -14.74 -28.27
N LYS E 233 28.43 -15.45 -29.19
CA LYS E 233 29.04 -16.69 -28.85
C LYS E 233 30.31 -16.36 -28.11
N LYS E 234 30.65 -17.19 -27.15
CA LYS E 234 31.86 -17.03 -26.36
C LYS E 234 31.89 -15.75 -25.56
N PHE E 235 30.75 -15.30 -25.06
CA PHE E 235 30.77 -14.14 -24.20
C PHE E 235 31.33 -14.60 -22.85
N ASN E 236 32.37 -13.89 -22.32
CA ASN E 236 33.10 -14.30 -21.12
C ASN E 236 32.59 -13.66 -19.81
N GLY E 237 31.44 -13.00 -19.83
CA GLY E 237 30.79 -12.37 -18.68
C GLY E 237 30.96 -10.88 -18.58
N THR E 238 31.96 -10.30 -19.23
CA THR E 238 32.04 -8.86 -19.14
C THR E 238 32.32 -8.19 -20.47
N GLY E 239 31.98 -6.93 -20.54
CA GLY E 239 32.34 -6.12 -21.69
C GLY E 239 31.20 -6.05 -22.70
N PRO E 240 31.41 -5.40 -23.83
CA PRO E 240 30.44 -5.17 -24.85
C PRO E 240 30.04 -6.46 -25.51
N CYS E 241 28.78 -6.53 -25.95
CA CYS E 241 28.15 -7.62 -26.65
C CYS E 241 27.51 -6.98 -27.89
N THR E 242 27.76 -7.58 -29.05
CA THR E 242 27.21 -6.98 -30.28
C THR E 242 25.92 -7.57 -30.85
N ASN E 243 25.55 -8.84 -30.50
CA ASN E 243 24.25 -9.41 -30.87
C ASN E 243 23.35 -9.34 -29.62
N VAL E 244 22.52 -8.30 -29.52
CA VAL E 244 21.69 -8.01 -28.37
C VAL E 244 20.27 -8.04 -28.80
N SER E 245 19.45 -8.72 -28.05
CA SER E 245 18.05 -8.77 -28.38
C SER E 245 17.24 -8.46 -27.16
N THR E 246 16.02 -8.01 -27.37
CA THR E 246 15.17 -7.69 -26.24
C THR E 246 14.12 -8.72 -26.01
N VAL E 247 13.99 -9.13 -24.77
CA VAL E 247 13.00 -10.09 -24.39
C VAL E 247 12.19 -9.58 -23.22
N GLN E 248 11.03 -10.18 -23.03
CA GLN E 248 10.22 -9.86 -21.85
C GLN E 248 10.56 -10.74 -20.63
N CYS E 249 10.94 -12.01 -20.89
CA CYS E 249 11.21 -13.06 -19.94
C CYS E 249 12.49 -13.78 -20.31
N THR E 250 13.19 -14.29 -19.32
CA THR E 250 14.38 -15.07 -19.53
C THR E 250 13.96 -16.45 -19.97
N HIS E 251 14.94 -17.23 -20.41
CA HIS E 251 14.70 -18.62 -20.77
C HIS E 251 14.34 -19.29 -19.47
N GLY E 252 13.75 -20.47 -19.54
CA GLY E 252 13.44 -21.08 -18.26
C GLY E 252 14.72 -21.54 -17.61
N ILE E 253 14.84 -21.28 -16.33
CA ILE E 253 15.99 -21.68 -15.55
C ILE E 253 15.59 -22.64 -14.49
N LYS E 254 16.21 -23.80 -14.41
CA LYS E 254 15.83 -24.68 -13.34
C LYS E 254 16.63 -24.28 -12.11
N PRO E 255 16.03 -24.04 -10.95
CA PRO E 255 16.68 -23.66 -9.72
C PRO E 255 17.31 -24.87 -9.08
N VAL E 256 18.32 -25.38 -9.73
CA VAL E 256 19.02 -26.55 -9.27
C VAL E 256 20.02 -26.14 -8.24
N VAL E 257 20.02 -26.82 -7.11
CA VAL E 257 20.95 -26.52 -6.06
C VAL E 257 21.97 -27.62 -5.88
N SER E 258 23.23 -27.27 -6.05
CA SER E 258 24.33 -28.22 -5.91
C SER E 258 25.62 -27.46 -5.69
N THR E 259 26.65 -28.16 -5.29
CA THR E 259 27.94 -27.48 -5.25
C THR E 259 28.97 -28.25 -6.02
N GLN E 260 30.12 -27.67 -6.26
CA GLN E 260 31.24 -28.28 -7.00
C GLN E 260 30.93 -28.56 -8.46
N LEU E 261 29.97 -29.41 -8.71
CA LEU E 261 29.54 -29.71 -10.07
C LEU E 261 28.13 -29.18 -10.26
N LEU E 262 28.00 -28.33 -11.27
CA LEU E 262 26.74 -27.73 -11.63
C LEU E 262 26.01 -28.69 -12.49
N LEU E 263 24.79 -28.99 -12.11
CA LEU E 263 23.99 -29.92 -12.84
C LEU E 263 22.84 -29.23 -13.58
N ASN E 264 22.43 -29.82 -14.72
CA ASN E 264 21.26 -29.50 -15.55
C ASN E 264 21.16 -28.02 -15.98
N GLY E 265 22.28 -27.36 -16.31
CA GLY E 265 22.30 -25.96 -16.76
C GLY E 265 22.34 -25.86 -18.27
N SER E 266 22.58 -24.66 -18.76
CA SER E 266 22.68 -24.43 -20.18
C SER E 266 24.00 -24.98 -20.63
N LEU E 267 24.06 -25.50 -21.82
CA LEU E 267 25.30 -26.03 -22.33
C LEU E 267 25.89 -25.02 -23.31
N ALA E 268 27.22 -24.85 -23.33
CA ALA E 268 27.87 -23.91 -24.25
C ALA E 268 27.72 -24.41 -25.68
N GLU E 269 27.61 -23.49 -26.64
CA GLU E 269 27.42 -23.94 -28.03
C GLU E 269 28.67 -24.25 -28.85
N GLU E 270 29.78 -23.57 -28.61
CA GLU E 270 30.95 -23.79 -29.47
C GLU E 270 32.14 -24.46 -28.81
N GLU E 271 32.46 -24.04 -27.61
CA GLU E 271 33.65 -24.51 -26.95
C GLU E 271 33.47 -24.39 -25.46
N VAL E 272 34.43 -24.83 -24.69
CA VAL E 272 34.38 -24.64 -23.26
C VAL E 272 34.67 -23.19 -22.98
N ILE E 273 33.84 -22.57 -22.16
CA ILE E 273 34.03 -21.17 -21.85
C ILE E 273 34.39 -21.00 -20.40
N ILE E 274 35.50 -20.33 -20.17
CA ILE E 274 35.94 -20.12 -18.80
C ILE E 274 35.67 -18.73 -18.35
N ARG E 275 34.85 -18.59 -17.32
CA ARG E 275 34.48 -17.27 -16.88
C ARG E 275 34.88 -17.01 -15.44
N SER E 276 35.42 -15.86 -15.21
CA SER E 276 35.75 -15.48 -13.85
C SER E 276 35.78 -14.01 -13.82
N GLU E 277 35.51 -13.43 -12.67
CA GLU E 277 35.60 -11.99 -12.58
C GLU E 277 37.01 -11.44 -12.86
N ASN E 278 38.06 -12.14 -12.38
CA ASN E 278 39.46 -11.70 -12.46
C ASN E 278 40.41 -12.68 -13.18
N ILE E 279 40.24 -14.04 -13.03
CA ILE E 279 41.18 -15.11 -13.51
C ILE E 279 42.51 -15.16 -12.76
N THR E 280 43.19 -14.03 -12.72
CA THR E 280 44.47 -13.84 -12.06
C THR E 280 44.40 -13.93 -10.54
N ASN E 281 43.34 -13.41 -9.95
CA ASN E 281 43.16 -13.38 -8.51
C ASN E 281 42.71 -14.73 -7.99
N ASN E 282 43.54 -15.33 -7.15
CA ASN E 282 43.33 -16.68 -6.66
C ASN E 282 42.24 -16.77 -5.60
N ALA E 283 41.72 -15.63 -5.21
CA ALA E 283 40.65 -15.57 -4.24
C ALA E 283 39.28 -15.73 -4.86
N LYS E 284 39.20 -15.77 -6.19
CA LYS E 284 37.90 -15.86 -6.84
C LYS E 284 37.62 -17.21 -7.48
N ASN E 285 36.34 -17.51 -7.70
CA ASN E 285 35.97 -18.75 -8.33
C ASN E 285 36.04 -18.64 -9.83
N ILE E 286 36.25 -19.78 -10.47
CA ILE E 286 36.21 -19.92 -11.89
C ILE E 286 35.03 -20.78 -12.27
N LEU E 287 34.17 -20.26 -13.12
CA LEU E 287 33.01 -21.00 -13.53
C LEU E 287 33.25 -21.53 -14.92
N VAL E 288 33.25 -22.83 -15.07
CA VAL E 288 33.56 -23.37 -16.38
C VAL E 288 32.34 -24.00 -17.00
N GLN E 289 31.96 -23.51 -18.18
CA GLN E 289 30.79 -24.04 -18.85
C GLN E 289 31.21 -24.99 -19.96
N LEU E 290 30.67 -26.19 -19.94
CA LEU E 290 31.05 -27.20 -20.91
C LEU E 290 30.20 -27.09 -22.15
N ASN E 291 30.73 -27.52 -23.31
CA ASN E 291 29.94 -27.56 -24.54
C ASN E 291 29.43 -28.95 -24.88
N GLU E 292 29.69 -29.88 -23.99
CA GLU E 292 29.25 -31.27 -24.06
C GLU E 292 28.85 -31.64 -22.66
N SER E 293 27.76 -32.34 -22.48
CA SER E 293 27.38 -32.73 -21.15
C SER E 293 28.07 -34.01 -20.75
N VAL E 294 28.19 -34.24 -19.44
CA VAL E 294 28.71 -35.50 -18.96
C VAL E 294 27.63 -36.16 -18.14
N GLN E 295 27.26 -37.37 -18.49
CA GLN E 295 26.18 -38.00 -17.76
C GLN E 295 26.65 -38.67 -16.50
N ILE E 296 25.95 -38.39 -15.41
CA ILE E 296 26.24 -39.01 -14.13
C ILE E 296 24.98 -39.75 -13.63
N ASN E 297 25.14 -41.04 -13.23
CA ASN E 297 24.08 -41.93 -12.73
C ASN E 297 24.29 -42.24 -11.24
N CYS E 298 23.39 -41.74 -10.34
CA CYS E 298 23.52 -41.90 -8.90
C CYS E 298 22.42 -42.78 -8.33
N THR E 299 22.77 -43.52 -7.30
CA THR E 299 21.79 -44.38 -6.69
C THR E 299 21.90 -44.55 -5.21
N ARG E 300 20.77 -44.86 -4.63
CA ARG E 300 20.65 -45.21 -3.24
C ARG E 300 19.94 -46.56 -3.22
N PRO E 301 20.69 -47.68 -3.24
CA PRO E 301 20.21 -49.03 -3.45
C PRO E 301 19.40 -49.68 -2.34
N ASN E 302 19.43 -49.14 -1.14
CA ASN E 302 18.74 -49.78 -0.03
C ASN E 302 17.24 -49.56 -0.10
N ASN E 303 16.43 -50.63 0.04
CA ASN E 303 14.97 -50.59 -0.03
C ASN E 303 14.41 -50.22 1.36
N ASN E 304 14.03 -48.94 1.53
CA ASN E 304 13.58 -48.38 2.81
C ASN E 304 12.09 -48.47 3.00
N THR E 305 11.71 -48.43 4.26
CA THR E 305 10.31 -48.34 4.56
C THR E 305 10.09 -47.13 5.41
N ARG E 306 8.85 -46.79 5.64
CA ARG E 306 8.56 -45.62 6.44
C ARG E 306 7.44 -45.88 7.40
N LYS E 307 7.51 -45.27 8.56
CA LYS E 307 6.42 -45.40 9.49
C LYS E 307 5.98 -44.05 9.99
N SER E 308 4.68 -43.91 10.16
CA SER E 308 4.12 -42.68 10.65
C SER E 308 3.85 -42.78 12.11
N ILE E 309 4.43 -41.91 12.90
CA ILE E 309 4.23 -41.96 14.33
C ILE E 309 3.49 -40.74 14.78
N ARG E 310 2.39 -40.90 15.48
CA ARG E 310 1.70 -39.71 15.93
C ARG E 310 2.47 -39.19 17.12
N ILE E 311 2.79 -37.90 17.13
CA ILE E 311 3.52 -37.33 18.26
C ILE E 311 2.69 -36.31 18.99
N GLY E 312 1.59 -35.91 18.38
CA GLY E 312 0.71 -34.93 18.98
C GLY E 312 -0.60 -34.86 18.20
N PRO E 313 -1.44 -33.87 18.45
CA PRO E 313 -2.77 -33.74 17.91
C PRO E 313 -2.80 -33.39 16.43
N GLY E 314 -2.62 -34.42 15.62
CA GLY E 314 -2.56 -34.29 14.17
C GLY E 314 -1.14 -34.03 13.72
N GLN E 315 -0.22 -34.20 14.64
CA GLN E 315 1.19 -33.96 14.36
C GLN E 315 1.87 -35.27 14.13
N TRP E 316 2.35 -35.48 12.92
CA TRP E 316 2.98 -36.74 12.60
C TRP E 316 4.44 -36.60 12.29
N PHE E 317 5.20 -37.55 12.76
CA PHE E 317 6.62 -37.66 12.48
C PHE E 317 6.90 -38.83 11.58
N TYR E 318 7.74 -38.63 10.59
CA TYR E 318 8.08 -39.72 9.69
C TYR E 318 9.42 -40.32 9.99
N ALA E 319 9.40 -41.57 10.40
CA ALA E 319 10.62 -42.25 10.79
C ALA E 319 11.07 -43.24 9.76
N THR E 320 12.36 -43.47 9.73
CA THR E 320 12.94 -44.47 8.84
C THR E 320 12.86 -45.83 9.48
N GLY E 321 12.25 -46.78 8.78
CA GLY E 321 12.12 -48.12 9.35
C GLY E 321 13.17 -49.07 8.82
N ASP E 322 13.02 -50.35 9.13
CA ASP E 322 14.00 -51.34 8.73
C ASP E 322 14.19 -51.45 7.25
N ILE E 323 15.42 -51.67 6.86
CA ILE E 323 15.77 -51.87 5.48
C ILE E 323 15.46 -53.28 5.07
N ILE E 324 14.82 -53.41 3.94
CA ILE E 324 14.46 -54.67 3.39
C ILE E 324 15.59 -55.09 2.46
N GLY E 325 16.15 -56.25 2.72
CA GLY E 325 17.26 -56.70 1.91
C GLY E 325 18.58 -56.16 2.42
N ASP E 326 19.60 -56.28 1.60
CA ASP E 326 20.97 -55.93 1.96
C ASP E 326 21.18 -54.45 2.10
N ILE E 327 22.16 -54.10 2.92
CA ILE E 327 22.54 -52.71 3.09
C ILE E 327 23.86 -52.39 2.42
N ARG E 328 23.78 -51.50 1.44
CA ARG E 328 24.89 -51.10 0.59
C ARG E 328 25.07 -49.58 0.54
N GLN E 329 26.25 -49.15 0.12
CA GLN E 329 26.57 -47.74 0.07
C GLN E 329 26.02 -47.05 -1.17
N ALA E 330 25.49 -45.84 -0.98
CA ALA E 330 25.02 -45.00 -2.07
C ALA E 330 26.21 -44.59 -2.89
N HIS E 331 26.03 -44.44 -4.19
CA HIS E 331 27.16 -44.08 -5.04
C HIS E 331 26.75 -43.46 -6.39
N CYS E 332 27.70 -42.82 -7.11
CA CYS E 332 27.53 -42.23 -8.45
C CYS E 332 28.54 -42.74 -9.48
N ASN E 333 28.07 -42.97 -10.68
CA ASN E 333 28.87 -43.45 -11.79
C ASN E 333 29.07 -42.41 -12.90
N VAL E 334 30.34 -42.06 -13.18
CA VAL E 334 30.78 -41.12 -14.23
C VAL E 334 31.63 -41.87 -15.24
N SER E 335 31.28 -41.83 -16.53
CA SER E 335 32.08 -42.59 -17.49
C SER E 335 33.49 -42.10 -17.47
N LYS E 336 34.45 -43.01 -17.38
CA LYS E 336 35.81 -42.56 -17.26
C LYS E 336 36.33 -41.86 -18.48
N ALA E 337 36.08 -42.41 -19.64
CA ALA E 337 36.65 -41.77 -20.82
C ALA E 337 36.05 -40.42 -21.06
N THR E 338 34.74 -40.30 -20.84
CA THR E 338 34.07 -39.05 -21.12
C THR E 338 34.60 -38.00 -20.20
N TRP E 339 34.73 -38.33 -18.93
CA TRP E 339 35.24 -37.36 -18.00
C TRP E 339 36.67 -36.92 -18.34
N ASN E 340 37.57 -37.89 -18.69
CA ASN E 340 38.97 -37.63 -19.03
C ASN E 340 39.09 -36.70 -20.26
N GLU E 341 38.23 -36.91 -21.30
CA GLU E 341 38.20 -36.07 -22.50
C GLU E 341 37.67 -34.68 -22.15
N THR E 342 36.67 -34.64 -21.28
CA THR E 342 36.10 -33.38 -20.87
C THR E 342 37.11 -32.53 -20.17
N LEU E 343 37.87 -33.09 -19.26
CA LEU E 343 38.87 -32.26 -18.62
C LEU E 343 39.90 -31.85 -19.64
N GLY E 344 40.21 -32.71 -20.59
CA GLY E 344 41.15 -32.36 -21.64
C GLY E 344 40.71 -31.05 -22.28
N LYS E 345 39.45 -30.98 -22.67
CA LYS E 345 38.93 -29.77 -23.29
C LYS E 345 39.00 -28.58 -22.36
N VAL E 346 38.71 -28.78 -21.08
CA VAL E 346 38.76 -27.66 -20.16
C VAL E 346 40.16 -27.13 -20.06
N VAL E 347 41.13 -28.01 -19.95
CA VAL E 347 42.49 -27.56 -19.82
C VAL E 347 42.97 -26.86 -21.05
N LYS E 348 42.64 -27.36 -22.23
CA LYS E 348 43.07 -26.67 -23.41
C LYS E 348 42.68 -25.21 -23.35
N GLN E 349 41.47 -24.93 -22.88
CA GLN E 349 41.05 -23.54 -22.79
C GLN E 349 41.67 -22.84 -21.59
N LEU E 350 41.89 -23.57 -20.51
CA LEU E 350 42.41 -22.97 -19.29
C LEU E 350 43.80 -22.44 -19.55
N ARG E 351 44.56 -23.16 -20.37
CA ARG E 351 45.93 -22.79 -20.69
C ARG E 351 46.05 -21.41 -21.29
N LYS E 352 45.02 -20.91 -21.94
CA LYS E 352 45.14 -19.62 -22.58
C LYS E 352 45.48 -18.52 -21.61
N HIS E 353 45.19 -18.71 -20.33
CA HIS E 353 45.47 -17.70 -19.35
C HIS E 353 46.70 -18.00 -18.50
N PHE E 354 47.27 -19.20 -18.66
CA PHE E 354 48.36 -19.59 -17.79
C PHE E 354 49.67 -19.91 -18.51
N GLY E 355 49.60 -20.18 -19.80
CA GLY E 355 50.76 -20.50 -20.64
C GLY E 355 50.83 -21.94 -21.13
N ASN E 356 51.31 -22.12 -22.38
CA ASN E 356 51.44 -23.41 -23.07
C ASN E 356 52.43 -24.37 -22.40
N ASN E 357 53.47 -23.83 -21.72
CA ASN E 357 54.52 -24.61 -21.05
C ASN E 357 54.29 -24.71 -19.56
N THR E 358 53.12 -24.31 -19.08
CA THR E 358 52.78 -24.35 -17.67
C THR E 358 52.14 -25.68 -17.33
N ILE E 359 52.52 -26.29 -16.23
CA ILE E 359 51.90 -27.56 -15.88
C ILE E 359 50.59 -27.33 -15.16
N ILE E 360 49.56 -28.03 -15.60
CA ILE E 360 48.26 -27.92 -14.96
C ILE E 360 47.89 -29.17 -14.24
N ARG E 361 47.62 -29.01 -12.96
CA ARG E 361 47.29 -30.12 -12.12
C ARG E 361 45.94 -29.96 -11.48
N PHE E 362 45.24 -31.07 -11.36
CA PHE E 362 43.99 -31.10 -10.66
C PHE E 362 44.16 -31.85 -9.39
N ALA E 363 43.45 -31.38 -8.40
CA ALA E 363 43.47 -31.95 -7.07
C ALA E 363 42.07 -31.94 -6.50
N ASN E 364 41.85 -32.72 -5.41
CA ASN E 364 40.56 -32.81 -4.73
C ASN E 364 40.37 -31.58 -3.83
N SER E 365 39.20 -31.50 -3.16
CA SER E 365 38.80 -30.36 -2.34
C SER E 365 39.58 -30.24 -1.06
N SER E 366 39.48 -29.09 -0.43
CA SER E 366 40.17 -28.83 0.80
C SER E 366 39.26 -29.18 1.93
N GLY E 367 39.63 -28.78 3.13
CA GLY E 367 38.82 -29.12 4.28
C GLY E 367 37.61 -28.21 4.39
N GLY E 368 36.78 -28.48 5.38
CA GLY E 368 35.55 -27.72 5.57
C GLY E 368 34.39 -28.69 5.74
N ASP E 369 33.22 -28.15 5.87
CA ASP E 369 31.99 -28.90 6.08
C ASP E 369 31.64 -29.71 4.83
N LEU E 370 30.89 -30.80 4.98
CA LEU E 370 30.57 -31.58 3.78
C LEU E 370 29.83 -30.74 2.76
N GLU E 371 29.03 -29.81 3.21
CA GLU E 371 28.26 -28.97 2.32
C GLU E 371 29.15 -28.14 1.36
N VAL E 372 30.44 -27.99 1.66
CA VAL E 372 31.37 -27.28 0.81
C VAL E 372 32.54 -28.14 0.31
N THR E 373 32.70 -29.38 0.80
CA THR E 373 33.84 -30.20 0.37
C THR E 373 33.40 -31.34 -0.54
N THR E 374 32.13 -31.67 -0.53
CA THR E 374 31.61 -32.75 -1.35
C THR E 374 30.54 -32.28 -2.30
N HIS E 375 30.18 -33.12 -3.23
CA HIS E 375 29.20 -32.78 -4.23
C HIS E 375 27.85 -32.89 -3.66
N SER E 376 27.39 -31.85 -3.00
CA SER E 376 26.09 -32.01 -2.44
C SER E 376 25.06 -31.84 -3.52
N PHE E 377 23.96 -32.58 -3.40
CA PHE E 377 22.77 -32.38 -4.23
C PHE E 377 21.52 -33.01 -3.64
N ASN E 378 20.38 -32.54 -4.09
CA ASN E 378 19.06 -33.04 -3.68
C ASN E 378 18.40 -33.87 -4.76
N CYS E 379 18.23 -35.21 -4.56
CA CYS E 379 17.61 -36.08 -5.56
C CYS E 379 16.49 -36.90 -4.94
N GLY E 380 15.28 -36.60 -5.40
CA GLY E 380 14.07 -37.29 -5.00
C GLY E 380 13.57 -36.78 -3.66
N GLY E 381 14.32 -35.89 -3.06
CA GLY E 381 14.04 -35.39 -1.74
C GLY E 381 15.11 -35.82 -0.73
N GLU E 382 16.02 -36.73 -1.11
CA GLU E 382 17.10 -37.08 -0.17
C GLU E 382 18.39 -36.40 -0.54
N PHE E 383 19.23 -36.19 0.44
CA PHE E 383 20.44 -35.45 0.25
C PHE E 383 21.71 -36.23 0.24
N PHE E 384 22.38 -36.14 -0.89
CA PHE E 384 23.62 -36.82 -1.16
C PHE E 384 24.77 -35.91 -0.98
N TYR E 385 25.84 -36.44 -0.44
CA TYR E 385 27.12 -35.77 -0.28
C TYR E 385 28.20 -36.66 -0.84
N CYS E 386 28.48 -36.57 -2.17
CA CYS E 386 29.34 -37.51 -2.89
C CYS E 386 30.78 -37.05 -2.93
N ASN E 387 31.66 -38.01 -2.79
CA ASN E 387 33.09 -37.77 -2.79
C ASN E 387 33.64 -37.74 -4.22
N THR E 388 34.06 -36.54 -4.68
CA THR E 388 34.52 -36.24 -6.03
C THR E 388 36.01 -36.30 -6.16
N SER E 389 36.72 -36.80 -5.16
CA SER E 389 38.16 -36.82 -5.31
C SER E 389 38.59 -37.70 -6.46
N GLY E 390 37.79 -38.69 -6.83
CA GLY E 390 38.12 -39.58 -7.94
C GLY E 390 38.06 -38.89 -9.29
N LEU E 391 37.50 -37.69 -9.33
CA LEU E 391 37.39 -36.95 -10.57
C LEU E 391 38.50 -35.92 -10.78
N PHE E 392 39.25 -35.57 -9.74
CA PHE E 392 40.24 -34.51 -9.89
C PHE E 392 41.60 -34.89 -9.37
N ASN E 393 42.28 -35.82 -10.06
CA ASN E 393 43.56 -36.38 -9.66
C ASN E 393 44.40 -36.66 -10.90
N SER E 394 45.05 -35.59 -11.46
CA SER E 394 45.88 -35.70 -12.68
C SER E 394 46.86 -34.56 -12.82
N THR E 395 47.97 -34.81 -13.49
CA THR E 395 48.90 -33.73 -13.82
C THR E 395 49.16 -33.75 -15.29
N TRP E 396 48.90 -32.65 -15.97
CA TRP E 396 49.10 -32.59 -17.41
C TRP E 396 50.16 -31.61 -17.94
N ILE E 397 50.88 -32.09 -18.99
CA ILE E 397 51.91 -31.37 -19.73
C ILE E 397 51.29 -30.87 -21.04
N SER E 413 34.44 -46.62 -16.15
CA SER E 413 33.48 -46.13 -15.19
C SER E 413 34.14 -45.82 -13.83
N ILE E 414 33.99 -44.57 -13.34
CA ILE E 414 34.49 -44.05 -12.08
C ILE E 414 33.37 -44.08 -11.07
N THR E 415 33.59 -44.73 -9.95
CA THR E 415 32.53 -44.76 -8.95
C THR E 415 32.89 -43.88 -7.78
N LEU E 416 31.98 -43.00 -7.46
CA LEU E 416 32.10 -42.07 -6.36
C LEU E 416 31.23 -42.58 -5.22
N PRO E 417 31.74 -42.87 -4.03
CA PRO E 417 30.95 -43.30 -2.91
C PRO E 417 30.23 -42.06 -2.46
N CYS E 418 29.02 -42.20 -1.87
CA CYS E 418 28.20 -41.08 -1.36
C CYS E 418 27.67 -41.31 0.04
N ARG E 419 27.55 -40.22 0.79
CA ARG E 419 26.92 -40.29 2.10
C ARG E 419 25.54 -39.69 2.04
N ILE E 420 24.64 -40.16 2.88
CA ILE E 420 23.29 -39.64 2.96
C ILE E 420 23.07 -39.01 4.32
N LYS E 421 22.47 -37.83 4.33
CA LYS E 421 22.22 -37.13 5.59
C LYS E 421 20.74 -36.69 5.64
N GLN E 422 20.05 -36.89 6.78
CA GLN E 422 18.65 -36.47 6.87
C GLN E 422 18.45 -35.11 7.51
N ILE E 423 19.41 -34.64 8.31
CA ILE E 423 19.23 -33.33 8.90
C ILE E 423 19.98 -32.36 8.07
N ILE E 424 19.23 -31.48 7.45
CA ILE E 424 19.80 -30.60 6.49
C ILE E 424 19.88 -29.18 6.92
N ASN E 425 21.10 -28.70 6.96
CA ASN E 425 21.38 -27.33 7.28
C ASN E 425 21.34 -26.65 5.95
N MET E 426 20.15 -26.52 5.40
CA MET E 426 20.09 -26.05 4.04
C MET E 426 20.75 -24.72 4.01
N TRP E 427 21.71 -24.56 3.12
CA TRP E 427 22.37 -23.31 3.21
C TRP E 427 21.70 -22.19 2.55
N GLN E 428 20.81 -21.66 3.31
CA GLN E 428 20.10 -20.50 2.98
C GLN E 428 20.68 -19.63 4.08
N ARG E 429 20.96 -20.33 5.21
CA ARG E 429 21.48 -19.67 6.41
C ARG E 429 21.85 -20.64 7.53
N ILE E 430 22.49 -20.13 8.58
CA ILE E 430 22.79 -20.89 9.80
C ILE E 430 21.78 -20.62 10.92
N GLY E 431 21.46 -21.63 11.72
CA GLY E 431 20.56 -21.45 12.86
C GLY E 431 19.18 -22.02 12.65
N GLN E 432 19.01 -22.71 11.56
CA GLN E 432 17.77 -23.37 11.21
C GLN E 432 18.09 -24.74 10.68
N ALA E 433 17.16 -25.65 10.75
CA ALA E 433 17.40 -26.94 10.16
C ALA E 433 16.13 -27.57 9.69
N MET E 434 16.27 -28.42 8.69
CA MET E 434 15.17 -29.18 8.14
C MET E 434 15.36 -30.66 8.30
N TYR E 435 14.30 -31.38 8.64
CA TYR E 435 14.40 -32.83 8.69
C TYR E 435 13.78 -33.39 7.44
N ALA E 436 14.56 -34.15 6.68
CA ALA E 436 14.06 -34.72 5.45
C ALA E 436 13.44 -36.09 5.72
N PRO E 437 12.13 -36.31 5.48
CA PRO E 437 11.48 -37.56 5.67
C PRO E 437 12.18 -38.50 4.75
N PRO E 438 12.26 -39.78 5.04
CA PRO E 438 12.85 -40.79 4.23
C PRO E 438 11.99 -41.11 3.04
N ILE E 439 12.62 -41.61 2.00
CA ILE E 439 11.89 -42.07 0.83
C ILE E 439 11.87 -43.59 0.75
N GLN E 440 10.67 -44.12 0.62
CA GLN E 440 10.41 -45.54 0.57
C GLN E 440 10.90 -46.13 -0.73
N GLY E 441 11.34 -47.38 -0.71
CA GLY E 441 11.82 -47.98 -1.92
C GLY E 441 13.24 -47.52 -2.15
N VAL E 442 13.64 -47.44 -3.41
CA VAL E 442 15.01 -47.08 -3.74
C VAL E 442 14.95 -45.95 -4.72
N ILE E 443 16.05 -45.26 -4.89
CA ILE E 443 16.04 -44.21 -5.91
C ILE E 443 17.17 -44.32 -6.88
N ARG E 444 16.94 -43.79 -8.06
CA ARG E 444 17.92 -43.69 -9.12
C ARG E 444 17.80 -42.29 -9.68
N CYS E 445 18.95 -41.63 -9.91
CA CYS E 445 19.04 -40.25 -10.36
C CYS E 445 19.86 -40.24 -11.64
N VAL E 446 19.41 -39.50 -12.60
CA VAL E 446 20.22 -39.34 -13.78
C VAL E 446 20.34 -37.88 -14.02
N SER E 447 21.53 -37.37 -14.16
CA SER E 447 21.67 -35.95 -14.37
C SER E 447 22.84 -35.58 -15.27
N ASN E 448 22.81 -34.34 -15.78
CA ASN E 448 23.83 -33.78 -16.67
C ASN E 448 24.78 -32.85 -15.94
N ILE E 449 26.10 -33.09 -16.03
CA ILE E 449 27.12 -32.18 -15.51
C ILE E 449 27.31 -31.18 -16.62
N THR E 450 27.05 -29.92 -16.33
CA THR E 450 27.15 -28.88 -17.34
C THR E 450 28.25 -27.90 -17.03
N GLY E 451 28.76 -27.92 -15.81
CA GLY E 451 29.85 -27.02 -15.50
C GLY E 451 30.50 -27.29 -14.17
N LEU E 452 31.65 -26.69 -13.97
CA LEU E 452 32.44 -26.88 -12.78
C LEU E 452 32.65 -25.60 -12.01
N ILE E 453 32.78 -25.68 -10.69
CA ILE E 453 33.24 -24.52 -9.95
C ILE E 453 34.61 -24.83 -9.39
N LEU E 454 35.63 -24.15 -9.90
CA LEU E 454 37.01 -24.42 -9.52
C LEU E 454 37.71 -23.23 -8.93
N THR E 455 38.70 -23.48 -8.08
CA THR E 455 39.54 -22.39 -7.59
C THR E 455 40.99 -22.71 -7.80
N ARG E 456 41.82 -21.68 -7.79
CA ARG E 456 43.25 -21.87 -7.90
C ARG E 456 43.94 -21.91 -6.57
N ASP E 457 44.90 -22.80 -6.45
CA ASP E 457 45.61 -22.86 -5.21
C ASP E 457 46.70 -21.83 -5.25
N GLY E 458 46.36 -20.69 -4.72
CA GLY E 458 47.21 -19.53 -4.70
C GLY E 458 47.99 -19.38 -3.41
N GLY E 459 48.00 -20.41 -2.57
CA GLY E 459 48.65 -20.25 -1.27
C GLY E 459 50.10 -19.83 -1.42
N SER E 460 50.88 -20.65 -2.10
CA SER E 460 52.28 -20.36 -2.36
C SER E 460 52.69 -21.13 -3.58
N THR E 461 53.11 -20.43 -4.62
CA THR E 461 53.48 -21.11 -5.85
C THR E 461 54.48 -20.31 -6.66
N ASN E 462 54.72 -20.76 -7.87
CA ASN E 462 55.63 -20.17 -8.82
C ASN E 462 55.13 -20.50 -10.23
N SER E 463 55.90 -20.15 -11.23
CA SER E 463 55.49 -20.33 -12.62
C SER E 463 55.46 -21.78 -13.12
N THR E 464 56.01 -22.72 -12.36
CA THR E 464 56.08 -24.09 -12.83
C THR E 464 54.72 -24.72 -13.06
N THR E 465 53.82 -24.54 -12.11
CA THR E 465 52.54 -25.21 -12.17
C THR E 465 51.41 -24.50 -11.48
N GLU E 466 50.23 -24.70 -12.02
CA GLU E 466 49.02 -24.19 -11.44
C GLU E 466 48.20 -25.37 -10.96
N THR E 467 47.53 -25.21 -9.84
CA THR E 467 46.68 -26.27 -9.33
C THR E 467 45.27 -25.82 -9.17
N PHE E 468 44.38 -26.61 -9.71
CA PHE E 468 42.97 -26.33 -9.62
C PHE E 468 42.28 -27.38 -8.81
N ARG E 469 41.33 -26.95 -8.02
CA ARG E 469 40.60 -27.90 -7.20
C ARG E 469 39.15 -27.43 -7.08
N PRO E 470 38.17 -28.31 -6.88
CA PRO E 470 36.78 -27.96 -6.68
C PRO E 470 36.58 -27.04 -5.51
N GLY E 471 35.68 -26.09 -5.70
CA GLY E 471 35.33 -25.11 -4.68
C GLY E 471 33.85 -24.77 -4.78
N GLY E 472 33.50 -23.52 -4.49
CA GLY E 472 32.11 -23.11 -4.50
C GLY E 472 31.48 -23.17 -3.13
N GLY E 473 30.18 -23.43 -3.09
CA GLY E 473 29.39 -23.42 -1.86
C GLY E 473 28.51 -22.18 -1.72
N ASP E 474 28.82 -21.15 -2.50
CA ASP E 474 28.00 -19.95 -2.50
C ASP E 474 27.03 -20.10 -3.62
N MET E 475 25.77 -20.31 -3.27
CA MET E 475 24.75 -20.65 -4.25
C MET E 475 24.56 -19.59 -5.28
N ARG E 476 24.97 -18.37 -5.01
CA ARG E 476 24.74 -17.37 -6.03
C ARG E 476 25.51 -17.67 -7.30
N ASP E 477 26.60 -18.42 -7.22
CA ASP E 477 27.35 -18.69 -8.42
C ASP E 477 26.61 -19.69 -9.30
N ASN E 478 25.64 -20.39 -8.74
CA ASN E 478 24.92 -21.35 -9.52
C ASN E 478 23.89 -20.65 -10.35
N TRP E 479 23.66 -19.38 -10.06
CA TRP E 479 22.66 -18.64 -10.75
C TRP E 479 23.36 -17.69 -11.67
N ARG E 480 24.58 -17.27 -11.34
CA ARG E 480 25.29 -16.39 -12.24
C ARG E 480 25.50 -17.14 -13.54
N SER E 481 25.71 -18.45 -13.43
CA SER E 481 25.96 -19.29 -14.58
C SER E 481 24.80 -19.36 -15.57
N GLU E 482 23.60 -18.97 -15.15
CA GLU E 482 22.45 -18.94 -16.07
C GLU E 482 22.06 -17.51 -16.41
N LEU E 483 22.24 -16.59 -15.47
CA LEU E 483 21.83 -15.23 -15.64
C LEU E 483 22.86 -14.31 -16.27
N TYR E 484 24.05 -14.81 -16.53
CA TYR E 484 25.11 -13.99 -17.14
C TYR E 484 24.73 -13.35 -18.47
N LYS E 485 23.76 -13.89 -19.17
CA LYS E 485 23.38 -13.34 -20.46
C LYS E 485 22.36 -12.23 -20.36
N TYR E 486 21.84 -11.95 -19.17
CA TYR E 486 20.77 -10.96 -19.13
C TYR E 486 21.06 -9.71 -18.33
N LYS E 487 20.55 -8.60 -18.83
CA LYS E 487 20.67 -7.32 -18.16
C LYS E 487 19.33 -6.61 -18.06
N VAL E 488 19.06 -5.96 -16.94
CA VAL E 488 17.82 -5.22 -16.79
C VAL E 488 18.03 -3.74 -16.98
N VAL E 489 17.23 -3.15 -17.87
CA VAL E 489 17.32 -1.74 -18.11
C VAL E 489 15.96 -1.11 -18.00
N LYS E 490 15.91 0.21 -17.79
CA LYS E 490 14.65 0.92 -17.72
C LYS E 490 14.51 1.82 -18.89
N ILE E 491 13.28 2.07 -19.27
CA ILE E 491 12.98 2.88 -20.42
C ILE E 491 12.71 4.30 -20.01
N GLU E 492 13.31 5.25 -20.73
CA GLU E 492 13.15 6.67 -20.47
C GLU E 492 12.64 7.39 -21.71
N PRO E 493 11.32 7.43 -21.95
CA PRO E 493 10.68 7.95 -23.13
C PRO E 493 10.87 9.40 -23.47
N LEU E 494 11.29 10.28 -22.55
CA LEU E 494 11.47 11.67 -22.98
C LEU E 494 12.85 12.00 -23.43
N GLY E 495 12.90 12.89 -24.40
CA GLY E 495 14.16 13.42 -24.86
C GLY E 495 13.90 14.60 -25.75
N VAL E 496 14.95 15.34 -26.07
CA VAL E 496 14.80 16.50 -26.90
C VAL E 496 15.83 16.47 -28.02
N ALA E 497 15.58 17.23 -29.08
CA ALA E 497 16.53 17.36 -30.19
C ALA E 497 16.25 18.64 -30.97
N PRO E 498 17.23 19.26 -31.64
CA PRO E 498 17.07 20.45 -32.42
C PRO E 498 16.33 20.23 -33.67
N THR E 499 15.59 21.24 -34.05
CA THR E 499 14.91 21.26 -35.32
C THR E 499 14.54 22.63 -35.81
N ARG E 500 14.32 22.68 -37.10
CA ARG E 500 13.92 23.82 -37.89
C ARG E 500 12.52 24.35 -37.54
N CYS E 501 11.73 23.55 -36.86
CA CYS E 501 10.36 23.91 -36.52
C CYS E 501 10.20 24.75 -35.25
N LYS E 502 9.31 25.76 -35.31
CA LYS E 502 9.00 26.62 -34.15
C LYS E 502 7.48 26.81 -34.03
N ARG E 503 6.93 26.96 -32.79
CA ARG E 503 5.48 27.24 -32.56
C ARG E 503 4.98 28.44 -33.39
N GLY F 2 8.04 -5.43 -31.94
CA GLY F 2 9.29 -4.76 -32.18
C GLY F 2 9.50 -3.55 -31.25
N PHE F 3 9.33 -3.75 -29.93
CA PHE F 3 9.37 -2.72 -28.90
C PHE F 3 10.61 -1.83 -28.90
N LEU F 4 11.79 -2.39 -28.93
CA LEU F 4 12.96 -1.53 -29.03
C LEU F 4 13.60 -1.68 -30.40
N GLY F 5 12.83 -2.10 -31.40
CA GLY F 5 13.36 -2.38 -32.72
C GLY F 5 14.08 -1.21 -33.36
N ALA F 6 13.69 0.01 -33.01
CA ALA F 6 14.27 1.20 -33.57
C ALA F 6 15.56 1.60 -32.87
N ALA F 7 16.02 0.83 -31.92
CA ALA F 7 17.20 1.24 -31.17
C ALA F 7 18.42 1.52 -32.03
N GLY F 8 18.61 0.81 -33.13
CA GLY F 8 19.78 1.06 -33.98
C GLY F 8 19.51 1.99 -35.15
N SER F 9 18.29 2.51 -35.22
CA SER F 9 17.89 3.36 -36.30
C SER F 9 18.37 4.75 -36.02
N THR F 10 18.42 5.59 -37.02
CA THR F 10 18.83 6.93 -36.72
C THR F 10 17.72 7.61 -36.00
N MET F 11 18.05 8.74 -35.39
CA MET F 11 17.07 9.47 -34.64
C MET F 11 15.87 9.83 -35.45
N GLY F 12 16.11 10.20 -36.70
CA GLY F 12 15.05 10.56 -37.61
C GLY F 12 14.15 9.38 -37.89
N ALA F 13 14.74 8.26 -38.30
CA ALA F 13 13.95 7.09 -38.63
C ALA F 13 13.13 6.58 -37.46
N ALA F 14 13.69 6.69 -36.27
CA ALA F 14 13.07 6.19 -35.05
C ALA F 14 11.88 7.02 -34.63
N SER F 15 11.67 8.17 -35.24
CA SER F 15 10.55 9.00 -34.85
C SER F 15 9.25 8.34 -35.29
N MET F 16 9.34 7.32 -36.11
CA MET F 16 8.15 6.67 -36.59
C MET F 16 7.64 5.59 -35.65
N THR F 17 8.33 5.34 -34.53
CA THR F 17 7.90 4.28 -33.62
C THR F 17 7.51 4.84 -32.27
N LEU F 18 7.27 6.12 -32.18
CA LEU F 18 6.99 6.70 -30.89
C LEU F 18 5.78 6.07 -30.21
N THR F 19 4.78 5.62 -30.96
CA THR F 19 3.66 5.01 -30.29
C THR F 19 3.97 3.61 -29.81
N VAL F 20 4.97 2.97 -30.40
CA VAL F 20 5.28 1.62 -29.99
C VAL F 20 5.84 1.70 -28.62
N GLN F 21 6.72 2.66 -28.39
CA GLN F 21 7.26 2.76 -27.08
C GLN F 21 6.28 3.41 -26.12
N ALA F 22 5.49 4.38 -26.58
CA ALA F 22 4.57 5.05 -25.69
C ALA F 22 3.57 4.11 -25.06
N ARG F 23 3.11 3.12 -25.80
CA ARG F 23 2.12 2.19 -25.28
C ARG F 23 2.65 1.21 -24.25
N ASN F 24 3.95 1.05 -24.12
CA ASN F 24 4.42 0.01 -23.22
C ASN F 24 4.07 0.20 -21.78
N LEU F 25 4.11 1.42 -21.30
CA LEU F 25 3.94 1.60 -19.88
C LEU F 25 2.60 1.19 -19.33
N LEU F 26 1.54 1.43 -20.07
CA LEU F 26 0.24 1.07 -19.55
C LEU F 26 -0.32 -0.22 -20.13
N SER F 27 0.21 -0.68 -21.26
CA SER F 27 -0.29 -1.93 -21.76
C SER F 27 0.40 -3.08 -21.04
N GLY F 28 1.70 -2.94 -20.74
CA GLY F 28 2.44 -4.04 -20.15
C GLY F 28 1.87 -4.45 -18.80
N ILE F 29 1.38 -3.48 -18.06
CA ILE F 29 0.80 -3.70 -16.74
C ILE F 29 -0.44 -4.58 -16.74
N VAL F 30 -0.96 -4.95 -17.91
CA VAL F 30 -2.12 -5.86 -17.98
C VAL F 30 -1.81 -7.23 -17.30
N GLN F 31 -0.51 -7.64 -17.22
CA GLN F 31 0.05 -8.85 -16.60
C GLN F 31 -0.75 -9.30 -15.37
N GLU F 41 -7.18 -21.12 -7.07
CA GLU F 41 -5.84 -21.62 -7.28
C GLU F 41 -4.85 -20.42 -7.16
N CYS F 42 -4.42 -19.87 -8.31
CA CYS F 42 -3.52 -18.75 -8.42
C CYS F 42 -4.24 -17.45 -8.18
N GLN F 43 -3.44 -16.44 -7.93
CA GLN F 43 -3.85 -15.09 -7.56
C GLN F 43 -4.20 -15.12 -6.08
N GLN F 44 -5.10 -16.01 -5.68
CA GLN F 44 -5.47 -16.15 -4.29
C GLN F 44 -4.38 -16.84 -3.47
N HIS F 45 -3.70 -17.85 -4.01
CA HIS F 45 -2.65 -18.53 -3.24
C HIS F 45 -1.55 -17.56 -2.82
N LEU F 46 -1.17 -16.70 -3.73
CA LEU F 46 -0.06 -15.81 -3.54
C LEU F 46 -0.34 -14.69 -2.57
N LEU F 47 -1.58 -14.56 -2.09
CA LEU F 47 -1.90 -13.51 -1.13
C LEU F 47 -1.31 -13.87 0.22
N LYS F 48 -0.88 -15.12 0.35
CA LYS F 48 -0.26 -15.61 1.55
C LYS F 48 1.19 -15.13 1.60
N LEU F 49 1.79 -14.82 0.46
CA LEU F 49 3.18 -14.42 0.44
C LEU F 49 3.21 -12.94 0.66
N THR F 50 3.05 -12.56 1.92
CA THR F 50 2.90 -11.18 2.30
C THR F 50 3.98 -10.32 1.69
N VAL F 51 5.21 -10.80 1.71
CA VAL F 51 6.29 -10.02 1.16
C VAL F 51 6.14 -9.82 -0.36
N TRP F 52 5.67 -10.83 -1.11
CA TRP F 52 5.53 -10.66 -2.55
C TRP F 52 4.38 -9.72 -2.82
N GLY F 53 3.40 -9.74 -1.94
CA GLY F 53 2.25 -8.89 -2.08
C GLY F 53 2.72 -7.47 -2.06
N ILE F 54 3.52 -7.13 -1.04
CA ILE F 54 4.03 -5.79 -0.93
C ILE F 54 4.98 -5.46 -2.06
N LYS F 55 5.91 -6.34 -2.40
CA LYS F 55 6.83 -5.97 -3.47
C LYS F 55 6.13 -5.75 -4.80
N GLN F 56 5.13 -6.55 -5.14
CA GLN F 56 4.47 -6.35 -6.42
C GLN F 56 3.61 -5.12 -6.40
N LEU F 57 2.99 -4.79 -5.28
CA LEU F 57 2.24 -3.57 -5.25
C LEU F 57 3.19 -2.41 -5.35
N GLN F 58 4.36 -2.48 -4.73
CA GLN F 58 5.26 -1.36 -4.85
C GLN F 58 5.68 -1.19 -6.29
N ALA F 59 5.90 -2.30 -6.99
CA ALA F 59 6.29 -2.20 -8.38
C ALA F 59 5.23 -1.55 -9.26
N ARG F 60 3.96 -1.89 -9.02
CA ARG F 60 2.91 -1.32 -9.84
C ARG F 60 2.65 0.12 -9.49
N VAL F 61 2.74 0.45 -8.23
CA VAL F 61 2.50 1.80 -7.82
C VAL F 61 3.58 2.68 -8.40
N LEU F 62 4.83 2.22 -8.35
CA LEU F 62 5.89 3.03 -8.90
C LEU F 62 5.72 3.20 -10.38
N ALA F 63 5.34 2.15 -11.11
CA ALA F 63 5.21 2.35 -12.54
C ALA F 63 4.21 3.45 -12.84
N VAL F 64 3.13 3.52 -12.07
CA VAL F 64 2.16 4.58 -12.27
C VAL F 64 2.74 5.93 -11.93
N GLU F 65 3.45 6.03 -10.82
CA GLU F 65 4.02 7.30 -10.42
C GLU F 65 4.99 7.81 -11.46
N ARG F 66 5.80 6.94 -12.05
CA ARG F 66 6.74 7.41 -13.04
C ARG F 66 6.01 7.88 -14.28
N TYR F 67 4.98 7.15 -14.69
CA TYR F 67 4.23 7.56 -15.86
C TYR F 67 3.66 8.93 -15.68
N LEU F 68 3.02 9.15 -14.55
CA LEU F 68 2.41 10.43 -14.32
C LEU F 68 3.43 11.51 -14.21
N ARG F 69 4.58 11.26 -13.60
CA ARG F 69 5.56 12.32 -13.50
C ARG F 69 5.90 12.82 -14.89
N ASP F 70 6.09 11.92 -15.85
CA ASP F 70 6.44 12.39 -17.18
C ASP F 70 5.29 13.10 -17.83
N GLN F 71 4.05 12.66 -17.59
CA GLN F 71 2.94 13.37 -18.19
C GLN F 71 2.81 14.75 -17.60
N GLN F 72 3.13 14.91 -16.32
CA GLN F 72 3.03 16.21 -15.73
C GLN F 72 3.98 17.14 -16.40
N LEU F 73 5.18 16.67 -16.72
CA LEU F 73 6.11 17.57 -17.38
C LEU F 73 5.62 17.97 -18.75
N LEU F 74 5.05 17.05 -19.48
CA LEU F 74 4.57 17.45 -20.78
C LEU F 74 3.47 18.48 -20.62
N GLY F 75 2.67 18.34 -19.60
CA GLY F 75 1.62 19.29 -19.32
C GLY F 75 2.21 20.68 -19.04
N ILE F 76 3.18 20.73 -18.16
CA ILE F 76 3.82 21.98 -17.76
C ILE F 76 4.46 22.68 -18.92
N TRP F 77 5.08 21.94 -19.81
CA TRP F 77 5.75 22.51 -20.96
C TRP F 77 4.79 22.91 -22.08
N GLY F 78 3.50 22.63 -21.92
CA GLY F 78 2.49 22.93 -22.94
C GLY F 78 2.38 21.95 -24.11
N CYS F 79 2.78 20.68 -23.91
CA CYS F 79 2.80 19.62 -24.90
C CYS F 79 1.81 18.51 -24.57
N SER F 80 0.84 18.80 -23.74
CA SER F 80 -0.08 17.76 -23.37
C SER F 80 -0.77 17.17 -24.59
N GLY F 81 -0.80 15.85 -24.65
CA GLY F 81 -1.48 15.13 -25.72
C GLY F 81 -0.64 14.91 -26.97
N LYS F 82 0.58 15.44 -27.01
CA LYS F 82 1.38 15.28 -28.20
C LYS F 82 2.54 14.36 -28.02
N LEU F 83 2.89 13.61 -29.04
CA LEU F 83 4.11 12.82 -28.97
C LEU F 83 5.28 13.66 -29.43
N ILE F 84 5.01 14.59 -30.34
CA ILE F 84 6.04 15.49 -30.84
C ILE F 84 5.53 16.92 -30.67
N CYS F 85 6.27 17.83 -30.01
CA CYS F 85 5.84 19.23 -29.85
C CYS F 85 6.97 20.23 -30.05
N CYS F 86 6.61 21.32 -30.67
CA CYS F 86 7.55 22.41 -30.86
C CYS F 86 7.43 23.36 -29.72
N THR F 87 8.51 24.07 -29.49
CA THR F 87 8.64 25.11 -28.47
C THR F 87 9.10 26.40 -29.05
N ASN F 88 9.29 27.38 -28.17
CA ASN F 88 9.89 28.65 -28.53
C ASN F 88 11.31 28.79 -27.96
N VAL F 89 11.79 27.77 -27.26
CA VAL F 89 13.13 27.79 -26.69
C VAL F 89 14.17 27.34 -27.72
N PRO F 90 15.15 28.18 -28.07
CA PRO F 90 16.21 27.97 -29.03
C PRO F 90 17.31 27.08 -28.50
N TRP F 91 18.12 26.54 -29.41
CA TRP F 91 19.37 25.89 -29.01
C TRP F 91 20.45 26.92 -28.78
N ASN F 92 21.30 26.67 -27.76
CA ASN F 92 22.44 27.52 -27.39
C ASN F 92 23.72 27.22 -28.20
N SER F 93 23.75 26.09 -28.96
CA SER F 93 24.86 25.54 -29.78
C SER F 93 26.06 25.10 -28.95
N THR F 94 25.88 25.11 -27.63
CA THR F 94 26.89 24.64 -26.71
C THR F 94 26.47 23.29 -26.22
N TRP F 95 25.17 23.05 -26.28
CA TRP F 95 24.61 21.81 -25.83
C TRP F 95 25.08 20.74 -26.78
N SER F 96 25.10 21.09 -28.05
CA SER F 96 25.59 20.22 -29.12
C SER F 96 26.01 21.04 -30.32
N ASN F 97 27.30 21.04 -30.62
CA ASN F 97 27.82 21.83 -31.72
C ASN F 97 27.81 21.04 -33.01
N ARG F 98 26.63 20.66 -33.44
CA ARG F 98 26.46 19.80 -34.62
C ARG F 98 25.37 20.34 -35.56
N ASN F 99 25.45 19.99 -36.86
CA ASN F 99 24.45 20.34 -37.88
C ASN F 99 23.39 19.23 -37.98
N LEU F 100 22.18 19.53 -38.55
CA LEU F 100 21.07 18.54 -38.58
C LEU F 100 21.37 17.26 -39.35
N SER F 101 22.19 17.35 -40.37
CA SER F 101 22.51 16.18 -41.19
C SER F 101 23.37 15.15 -40.44
N GLU F 102 23.93 15.52 -39.28
CA GLU F 102 24.74 14.62 -38.48
C GLU F 102 24.10 14.41 -37.11
N ILE F 103 22.85 14.86 -36.96
CA ILE F 103 22.10 14.65 -35.73
C ILE F 103 20.95 13.75 -36.01
N TRP F 104 20.12 14.12 -36.98
CA TRP F 104 18.96 13.30 -37.24
C TRP F 104 19.34 12.06 -38.01
N ASP F 105 20.39 12.18 -38.78
CA ASP F 105 20.98 11.08 -39.52
C ASP F 105 22.35 10.83 -38.96
N ASN F 106 22.88 9.64 -39.18
CA ASN F 106 24.22 9.25 -38.73
C ASN F 106 24.38 9.20 -37.21
N MET F 107 23.27 9.14 -36.51
CA MET F 107 23.26 9.03 -35.07
C MET F 107 21.95 8.42 -34.59
N THR F 108 22.03 7.60 -33.53
CA THR F 108 20.86 6.97 -32.90
C THR F 108 20.44 7.74 -31.68
N TRP F 109 19.26 7.45 -31.13
CA TRP F 109 18.84 8.16 -29.93
C TRP F 109 19.66 7.81 -28.72
N LEU F 110 20.21 6.60 -28.68
CA LEU F 110 21.00 6.23 -27.53
C LEU F 110 22.27 7.08 -27.50
N GLN F 111 22.87 7.28 -28.67
CA GLN F 111 24.09 8.05 -28.73
C GLN F 111 23.83 9.49 -28.40
N TRP F 112 22.72 9.99 -28.90
CA TRP F 112 22.34 11.36 -28.67
C TRP F 112 22.10 11.61 -27.21
N ASP F 113 21.40 10.71 -26.54
CA ASP F 113 21.15 10.95 -25.16
C ASP F 113 22.45 11.06 -24.42
N LYS F 114 23.43 10.25 -24.75
CA LYS F 114 24.66 10.41 -24.04
C LYS F 114 25.30 11.75 -24.35
N GLU F 115 25.28 12.15 -25.61
CA GLU F 115 25.94 13.40 -26.01
C GLU F 115 25.46 14.60 -25.24
N ILE F 116 24.17 14.71 -24.99
CA ILE F 116 23.68 15.89 -24.32
C ILE F 116 23.15 15.65 -22.91
N SER F 117 23.55 14.56 -22.27
CA SER F 117 22.96 14.28 -20.95
C SER F 117 23.22 15.36 -19.89
N ASN F 118 24.33 16.11 -19.99
CA ASN F 118 24.75 17.17 -19.07
C ASN F 118 23.81 18.39 -19.07
N TYR F 119 23.01 18.57 -20.14
CA TYR F 119 22.14 19.72 -20.33
C TYR F 119 20.68 19.38 -20.11
N THR F 120 20.39 18.18 -19.63
CA THR F 120 18.99 17.83 -19.51
C THR F 120 18.23 18.74 -18.58
N GLN F 121 18.79 19.07 -17.43
CA GLN F 121 18.05 19.88 -16.49
C GLN F 121 17.95 21.31 -16.93
N ILE F 122 18.93 21.78 -17.67
CA ILE F 122 18.93 23.14 -18.13
C ILE F 122 17.82 23.31 -19.11
N ILE F 123 17.71 22.37 -20.03
CA ILE F 123 16.69 22.46 -21.03
C ILE F 123 15.33 22.38 -20.42
N TYR F 124 15.12 21.48 -19.50
CA TYR F 124 13.80 21.39 -18.93
C TYR F 124 13.41 22.68 -18.22
N GLY F 125 14.35 23.30 -17.51
CA GLY F 125 14.01 24.54 -16.85
C GLY F 125 13.61 25.63 -17.84
N LEU F 126 14.30 25.69 -18.97
CA LEU F 126 13.97 26.69 -19.96
C LEU F 126 12.59 26.44 -20.56
N LEU F 127 12.24 25.19 -20.79
CA LEU F 127 10.95 24.91 -21.37
C LEU F 127 9.86 25.33 -20.43
N GLU F 128 10.05 25.09 -19.14
CA GLU F 128 9.07 25.48 -18.14
C GLU F 128 8.85 26.98 -18.09
N GLU F 129 9.93 27.74 -18.13
CA GLU F 129 9.78 29.17 -18.04
C GLU F 129 9.07 29.70 -19.26
N SER F 130 9.41 29.16 -20.42
CA SER F 130 8.79 29.64 -21.63
C SER F 130 7.31 29.38 -21.60
N GLN F 131 6.87 28.20 -21.16
CA GLN F 131 5.45 27.98 -21.14
C GLN F 131 4.75 28.84 -20.15
N ASN F 132 5.36 29.10 -19.00
CA ASN F 132 4.65 29.93 -18.07
C ASN F 132 4.44 31.32 -18.64
N GLN F 133 5.43 31.84 -19.35
CA GLN F 133 5.25 33.16 -19.91
C GLN F 133 4.18 33.14 -20.98
N GLN F 134 4.11 32.08 -21.75
CA GLN F 134 3.11 32.04 -22.79
C GLN F 134 1.72 32.01 -22.21
N GLU F 135 1.47 31.28 -21.13
CA GLU F 135 0.11 31.30 -20.60
C GLU F 135 -0.22 32.66 -20.07
N LYS F 136 0.76 33.32 -19.47
CA LYS F 136 0.53 34.62 -18.91
C LYS F 136 0.07 35.58 -19.99
N ASN F 137 0.57 35.40 -21.22
CA ASN F 137 0.22 36.31 -22.28
C ASN F 137 -1.01 35.88 -23.06
N GLU F 138 -1.69 34.83 -22.61
CA GLU F 138 -2.95 34.52 -23.22
C GLU F 138 -3.99 35.10 -22.29
N GLN F 139 -3.68 35.08 -20.99
CA GLN F 139 -4.60 35.61 -20.00
C GLN F 139 -4.84 37.10 -20.20
N ASP F 140 -3.79 37.86 -20.51
CA ASP F 140 -4.00 39.28 -20.73
C ASP F 140 -4.59 39.56 -22.10
N LEU F 141 -4.28 38.76 -23.07
CA LEU F 141 -4.78 38.97 -24.41
C LEU F 141 -6.29 38.81 -24.46
N LEU F 142 -6.80 37.85 -23.71
CA LEU F 142 -8.22 37.59 -23.68
C LEU F 142 -8.98 38.66 -22.92
N ALA F 143 -8.26 39.57 -22.29
CA ALA F 143 -8.87 40.70 -21.60
C ALA F 143 -9.23 41.86 -22.57
N LEU F 144 -8.60 41.92 -23.79
CA LEU F 144 -8.76 43.00 -24.77
C LEU F 144 -9.94 42.63 -25.64
N ASN G 35 -18.43 8.68 -46.18
CA ASN G 35 -19.63 9.49 -46.00
C ASN G 35 -19.83 9.87 -44.52
N LEU G 36 -19.76 8.87 -43.61
CA LEU G 36 -19.86 9.03 -42.16
C LEU G 36 -18.49 8.86 -41.57
N TRP G 37 -18.26 9.49 -40.44
CA TRP G 37 -16.96 9.46 -39.79
C TRP G 37 -16.95 8.78 -38.44
N VAL G 38 -15.83 8.16 -38.08
CA VAL G 38 -15.68 7.51 -36.77
C VAL G 38 -15.60 8.53 -35.63
N THR G 39 -16.42 8.34 -34.60
CA THR G 39 -16.39 9.19 -33.40
C THR G 39 -16.14 8.34 -32.19
N VAL G 40 -15.22 8.78 -31.37
CA VAL G 40 -14.87 8.05 -30.17
C VAL G 40 -15.48 8.72 -28.96
N TYR G 41 -16.26 7.95 -28.23
CA TYR G 41 -16.97 8.47 -27.08
C TYR G 41 -16.41 7.94 -25.79
N TYR G 42 -16.43 8.79 -24.78
CA TYR G 42 -16.03 8.37 -23.44
C TYR G 42 -17.08 8.73 -22.43
N GLY G 43 -17.47 7.75 -21.64
CA GLY G 43 -18.52 7.93 -20.66
C GLY G 43 -19.77 7.19 -21.12
N VAL G 44 -19.60 6.21 -21.99
CA VAL G 44 -20.69 5.44 -22.50
C VAL G 44 -21.25 4.50 -21.41
N PRO G 45 -22.57 4.49 -21.11
CA PRO G 45 -23.19 3.67 -20.07
C PRO G 45 -23.39 2.21 -20.49
N VAL G 46 -22.29 1.52 -20.73
CA VAL G 46 -22.23 0.12 -21.16
C VAL G 46 -21.39 -0.74 -20.25
N TRP G 47 -21.89 -1.92 -19.93
CA TRP G 47 -21.22 -2.84 -19.04
C TRP G 47 -21.07 -4.26 -19.53
N LYS G 48 -20.11 -4.96 -18.90
CA LYS G 48 -19.84 -6.37 -19.15
C LYS G 48 -19.75 -7.18 -17.88
N ASP G 49 -20.04 -8.47 -17.98
CA ASP G 49 -19.94 -9.34 -16.82
C ASP G 49 -18.53 -9.30 -16.30
N ALA G 50 -18.37 -9.22 -14.99
CA ALA G 50 -17.01 -9.17 -14.48
C ALA G 50 -16.85 -9.74 -13.10
N GLU G 51 -15.65 -10.15 -12.79
CA GLU G 51 -15.35 -10.60 -11.46
C GLU G 51 -14.38 -9.67 -10.79
N THR G 52 -14.81 -9.07 -9.70
CA THR G 52 -13.94 -8.17 -8.98
C THR G 52 -14.13 -8.43 -7.53
N THR G 53 -13.36 -7.76 -6.72
CA THR G 53 -13.48 -7.90 -5.29
C THR G 53 -14.43 -6.87 -4.74
N LEU G 54 -15.40 -7.32 -3.96
CA LEU G 54 -16.39 -6.46 -3.35
C LEU G 54 -15.98 -6.22 -1.93
N PHE G 55 -16.48 -5.17 -1.31
CA PHE G 55 -16.14 -4.99 0.09
C PHE G 55 -17.38 -5.06 0.94
N CYS G 56 -17.18 -5.42 2.20
CA CYS G 56 -18.28 -5.52 3.15
C CYS G 56 -18.38 -4.28 4.00
N ALA G 57 -19.51 -3.57 3.91
CA ALA G 57 -19.64 -2.31 4.62
C ALA G 57 -20.23 -2.31 6.03
N SER G 58 -21.19 -3.18 6.30
CA SER G 58 -21.95 -3.18 7.58
C SER G 58 -22.58 -1.82 7.87
N THR G 65 -22.54 -0.79 19.85
CA THR G 65 -22.45 -1.02 21.27
C THR G 65 -21.75 -2.37 21.30
N LYS G 66 -21.87 -3.06 20.17
CA LYS G 66 -21.37 -4.41 20.02
C LYS G 66 -19.92 -4.43 19.60
N LYS G 67 -19.07 -4.08 20.55
CA LYS G 67 -17.66 -3.86 20.31
C LYS G 67 -16.90 -5.17 20.17
N HIS G 68 -17.54 -6.26 20.54
CA HIS G 68 -16.92 -7.57 20.41
C HIS G 68 -17.66 -8.45 19.41
N ASN G 69 -18.49 -7.85 18.55
CA ASN G 69 -19.17 -8.63 17.53
C ASN G 69 -18.28 -8.74 16.31
N VAL G 70 -18.11 -9.93 15.81
CA VAL G 70 -17.24 -10.17 14.66
C VAL G 70 -17.65 -9.43 13.41
N TRP G 71 -18.92 -9.41 13.13
CA TRP G 71 -19.36 -8.79 11.91
C TRP G 71 -19.20 -7.30 12.05
N ALA G 72 -19.46 -6.80 13.26
CA ALA G 72 -19.35 -5.37 13.51
C ALA G 72 -17.92 -4.86 13.45
N THR G 73 -17.01 -5.65 13.99
CA THR G 73 -15.62 -5.29 14.12
C THR G 73 -14.81 -5.27 12.84
N HIS G 74 -14.99 -6.26 12.00
CA HIS G 74 -14.07 -6.34 10.87
C HIS G 74 -14.63 -5.83 9.58
N CYS G 75 -15.79 -5.28 9.64
CA CYS G 75 -16.51 -4.73 8.50
C CYS G 75 -17.15 -3.47 9.00
N CYS G 76 -16.42 -2.33 8.94
CA CYS G 76 -16.76 -1.07 9.59
C CYS G 76 -16.61 0.14 8.66
N VAL G 77 -17.20 0.09 7.48
CA VAL G 77 -17.06 1.24 6.60
C VAL G 77 -18.42 1.65 6.08
N PRO G 78 -19.27 2.27 6.91
CA PRO G 78 -20.65 2.54 6.62
C PRO G 78 -20.75 3.39 5.38
N THR G 79 -21.77 3.09 4.64
CA THR G 79 -22.14 3.75 3.43
C THR G 79 -23.23 4.74 3.70
N ASP G 80 -23.63 5.50 2.69
CA ASP G 80 -24.73 6.42 2.88
C ASP G 80 -25.93 5.55 3.25
N PRO G 81 -26.67 5.84 4.34
CA PRO G 81 -27.80 5.07 4.84
C PRO G 81 -29.00 5.00 3.90
N ASN G 82 -28.94 5.76 2.79
CA ASN G 82 -29.99 5.77 1.81
C ASN G 82 -29.45 5.33 0.45
N PRO G 83 -29.35 4.02 0.14
CA PRO G 83 -28.83 3.49 -1.10
C PRO G 83 -29.66 4.07 -2.21
N GLN G 84 -29.05 4.36 -3.34
CA GLN G 84 -29.81 4.94 -4.42
C GLN G 84 -30.02 3.98 -5.54
N GLU G 85 -31.21 3.44 -5.60
CA GLU G 85 -31.52 2.45 -6.60
C GLU G 85 -31.96 3.12 -7.88
N ILE G 86 -31.37 2.71 -8.99
CA ILE G 86 -31.73 3.30 -10.27
C ILE G 86 -32.52 2.32 -11.09
N HIS G 87 -33.74 2.65 -11.44
CA HIS G 87 -34.49 1.74 -12.28
C HIS G 87 -33.98 1.86 -13.69
N LEU G 88 -33.76 0.76 -14.39
CA LEU G 88 -33.34 0.89 -15.76
C LEU G 88 -34.44 0.47 -16.70
N GLU G 89 -35.07 1.45 -17.31
CA GLU G 89 -36.18 1.22 -18.21
C GLU G 89 -35.65 0.63 -19.50
N ASN G 90 -36.37 -0.32 -20.09
CA ASN G 90 -35.96 -0.94 -21.36
C ASN G 90 -34.63 -1.66 -21.28
N VAL G 91 -34.29 -2.23 -20.13
CA VAL G 91 -33.06 -2.96 -20.03
C VAL G 91 -33.36 -4.38 -19.64
N THR G 92 -32.81 -5.30 -20.39
CA THR G 92 -32.99 -6.72 -20.13
C THR G 92 -31.63 -7.25 -19.85
N GLU G 93 -31.49 -8.12 -18.85
CA GLU G 93 -30.18 -8.68 -18.57
C GLU G 93 -30.28 -10.11 -18.10
N GLU G 94 -29.24 -10.90 -18.34
CA GLU G 94 -29.17 -12.31 -17.96
C GLU G 94 -28.47 -12.60 -16.66
N PHE G 95 -29.15 -13.33 -15.80
CA PHE G 95 -28.64 -13.74 -14.51
C PHE G 95 -28.46 -15.24 -14.43
N ASN G 96 -27.49 -15.67 -13.62
CA ASN G 96 -27.29 -17.09 -13.36
C ASN G 96 -26.73 -17.27 -11.97
N MET G 97 -27.59 -17.56 -11.02
CA MET G 97 -27.17 -17.62 -9.63
C MET G 97 -26.19 -18.74 -9.34
N TRP G 98 -26.09 -19.71 -10.22
CA TRP G 98 -25.25 -20.85 -9.94
C TRP G 98 -23.80 -20.62 -10.30
N LYS G 99 -23.53 -19.51 -10.99
CA LYS G 99 -22.19 -19.17 -11.44
C LYS G 99 -21.83 -17.80 -10.91
N ASN G 100 -22.52 -17.40 -9.87
CA ASN G 100 -22.37 -16.08 -9.29
C ASN G 100 -21.20 -16.00 -8.32
N ASN G 101 -20.16 -15.26 -8.68
CA ASN G 101 -18.94 -15.20 -7.88
C ASN G 101 -19.08 -14.38 -6.61
N MET G 102 -20.23 -13.76 -6.43
CA MET G 102 -20.48 -13.02 -5.22
C MET G 102 -20.62 -14.04 -4.09
N VAL G 103 -21.05 -15.27 -4.43
CA VAL G 103 -21.24 -16.29 -3.44
C VAL G 103 -19.89 -16.75 -2.96
N GLU G 104 -18.96 -16.93 -3.88
CA GLU G 104 -17.66 -17.37 -3.49
C GLU G 104 -16.99 -16.35 -2.62
N GLN G 105 -17.18 -15.07 -2.89
CA GLN G 105 -16.55 -14.13 -2.00
C GLN G 105 -17.21 -14.14 -0.65
N MET G 106 -18.53 -14.24 -0.58
CA MET G 106 -19.09 -14.22 0.76
C MET G 106 -18.56 -15.39 1.54
N HIS G 107 -18.43 -16.54 0.90
CA HIS G 107 -17.94 -17.72 1.57
C HIS G 107 -16.52 -17.54 2.06
N THR G 108 -15.65 -17.05 1.20
CA THR G 108 -14.27 -16.87 1.61
C THR G 108 -14.13 -15.83 2.70
N ASP G 109 -14.84 -14.72 2.61
CA ASP G 109 -14.71 -13.70 3.63
C ASP G 109 -15.18 -14.21 4.96
N ILE G 110 -16.24 -15.00 4.98
CA ILE G 110 -16.70 -15.53 6.24
C ILE G 110 -15.68 -16.42 6.86
N ILE G 111 -15.07 -17.29 6.07
CA ILE G 111 -14.09 -18.16 6.65
C ILE G 111 -12.95 -17.35 7.20
N SER G 112 -12.48 -16.38 6.43
CA SER G 112 -11.37 -15.60 6.91
C SER G 112 -11.68 -14.88 8.20
N LEU G 113 -12.86 -14.29 8.30
CA LEU G 113 -13.18 -13.57 9.52
C LEU G 113 -13.29 -14.51 10.68
N TRP G 114 -13.83 -15.68 10.44
CA TRP G 114 -13.97 -16.64 11.49
C TRP G 114 -12.61 -16.95 12.07
N ASP G 115 -11.65 -17.26 11.18
CA ASP G 115 -10.34 -17.62 11.64
C ASP G 115 -9.64 -16.48 12.33
N GLN G 116 -9.85 -15.26 11.88
CA GLN G 116 -9.20 -14.16 12.54
C GLN G 116 -9.75 -13.96 13.93
N SER G 117 -11.04 -14.16 14.14
CA SER G 117 -11.57 -13.91 15.46
C SER G 117 -11.01 -14.86 16.48
N LEU G 118 -10.64 -16.06 16.08
CA LEU G 118 -10.10 -17.01 17.03
C LEU G 118 -8.59 -16.96 17.12
N LYS G 119 -7.98 -16.15 16.27
CA LYS G 119 -6.54 -16.11 16.18
C LYS G 119 -5.82 -15.79 17.47
N PRO G 120 -6.23 -14.77 18.25
CA PRO G 120 -5.54 -14.37 19.45
C PRO G 120 -5.88 -15.10 20.75
N CYS G 121 -6.70 -16.18 20.74
CA CYS G 121 -7.15 -16.84 21.98
C CYS G 121 -6.42 -18.14 22.29
N VAL G 122 -6.49 -18.45 23.56
CA VAL G 122 -5.85 -19.56 24.22
C VAL G 122 -6.15 -20.90 23.62
N LYS G 123 -5.10 -21.68 23.51
CA LYS G 123 -5.16 -23.01 22.97
C LYS G 123 -5.55 -23.90 24.12
N LEU G 124 -6.27 -24.97 23.85
CA LEU G 124 -6.65 -25.87 24.90
C LEU G 124 -5.90 -27.16 24.87
N THR G 125 -4.73 -27.15 24.26
CA THR G 125 -3.89 -28.32 24.21
C THR G 125 -3.75 -28.99 25.59
N PRO G 126 -3.54 -28.27 26.71
CA PRO G 126 -3.39 -28.83 28.04
C PRO G 126 -4.61 -29.62 28.54
N LEU G 127 -5.74 -29.54 27.86
CA LEU G 127 -6.90 -30.33 28.30
C LEU G 127 -6.92 -31.74 27.71
N CYS G 128 -6.05 -32.05 26.72
CA CYS G 128 -6.05 -33.34 26.05
C CYS G 128 -5.20 -34.33 26.86
N VAL G 129 -5.85 -34.79 27.92
CA VAL G 129 -5.29 -35.71 28.89
C VAL G 129 -6.27 -36.82 29.12
N THR G 130 -5.83 -37.92 29.70
CA THR G 130 -6.79 -38.94 30.04
C THR G 130 -7.76 -38.38 31.06
N LEU G 131 -9.06 -38.53 30.84
CA LEU G 131 -10.08 -38.07 31.76
C LEU G 131 -10.65 -39.24 32.55
N GLN G 132 -11.00 -39.02 33.82
CA GLN G 132 -11.66 -40.05 34.64
C GLN G 132 -13.10 -39.62 34.88
N CYS G 133 -14.07 -40.29 34.20
CA CYS G 133 -15.46 -39.84 34.13
C CYS G 133 -16.45 -40.72 34.88
N THR G 134 -17.51 -40.07 35.37
CA THR G 134 -18.69 -40.68 35.96
C THR G 134 -19.91 -40.35 35.08
N ASN G 135 -21.09 -40.83 35.47
CA ASN G 135 -22.31 -40.75 34.66
C ASN G 135 -23.35 -39.65 34.88
N VAL G 136 -23.06 -38.70 35.75
CA VAL G 136 -23.96 -37.54 36.07
C VAL G 136 -25.42 -37.92 36.28
N THR G 137 -25.66 -38.85 37.21
CA THR G 137 -27.00 -39.40 37.45
C THR G 137 -27.98 -38.64 38.34
N ASN G 138 -27.64 -37.42 38.74
CA ASN G 138 -28.55 -36.67 39.57
C ASN G 138 -29.60 -35.88 38.78
N ASN G 139 -30.86 -35.98 39.19
CA ASN G 139 -32.02 -35.30 38.60
C ASN G 139 -32.13 -35.32 37.09
N ILE G 140 -32.08 -36.51 36.54
CA ILE G 140 -32.20 -36.72 35.10
C ILE G 140 -33.62 -37.02 34.73
N THR G 141 -34.18 -36.18 33.89
CA THR G 141 -35.53 -36.41 33.46
C THR G 141 -35.34 -37.42 32.36
N ASP G 142 -35.34 -38.68 32.77
CA ASP G 142 -34.94 -39.78 31.92
C ASP G 142 -35.58 -39.64 30.55
N ARG G 145 -30.62 -39.46 29.61
CA ARG G 145 -29.71 -40.29 30.41
C ARG G 145 -28.46 -40.64 29.67
N GLY G 146 -27.33 -40.38 30.29
CA GLY G 146 -26.06 -40.67 29.68
C GLY G 146 -25.62 -39.56 28.73
N GLU G 147 -26.41 -38.48 28.67
CA GLU G 147 -26.11 -37.39 27.77
C GLU G 147 -24.94 -36.58 28.27
N LEU G 148 -24.81 -36.47 29.58
CA LEU G 148 -23.72 -35.70 30.16
C LEU G 148 -22.74 -36.61 30.83
N LYS G 149 -21.49 -36.20 30.85
CA LYS G 149 -20.50 -36.89 31.64
C LYS G 149 -19.76 -35.89 32.52
N ASN G 150 -19.42 -36.30 33.75
CA ASN G 150 -18.71 -35.51 34.75
C ASN G 150 -17.30 -36.09 34.89
N CYS G 151 -16.31 -35.35 34.35
CA CYS G 151 -14.94 -35.82 34.20
C CYS G 151 -13.93 -35.03 35.02
N SER G 152 -13.07 -35.76 35.70
CA SER G 152 -12.01 -35.19 36.49
C SER G 152 -10.70 -35.40 35.78
N PHE G 153 -9.81 -34.45 35.91
CA PHE G 153 -8.51 -34.57 35.27
C PHE G 153 -7.41 -33.75 35.94
N ASN G 154 -6.15 -34.10 35.61
CA ASN G 154 -4.92 -33.44 36.05
C ASN G 154 -4.47 -32.41 35.02
N MET G 155 -4.56 -31.11 35.34
CA MET G 155 -4.20 -29.99 34.46
C MET G 155 -3.20 -29.14 35.20
N THR G 156 -2.33 -28.45 34.48
CA THR G 156 -1.33 -27.64 35.15
C THR G 156 -1.89 -26.37 35.69
N THR G 157 -1.10 -25.73 36.55
CA THR G 157 -1.43 -24.43 37.11
C THR G 157 -0.53 -23.46 36.39
N GLU G 158 -0.39 -22.24 36.89
CA GLU G 158 0.45 -21.29 36.19
C GLU G 158 1.92 -21.67 36.26
N LEU G 159 2.28 -22.55 37.17
CA LEU G 159 3.67 -22.92 37.29
C LEU G 159 3.94 -24.20 36.55
N ARG G 160 5.10 -24.25 35.93
CA ARG G 160 5.50 -25.42 35.18
C ARG G 160 5.58 -26.68 36.04
N ASP G 161 5.93 -26.54 37.30
CA ASP G 161 6.09 -27.65 38.21
C ASP G 161 4.91 -27.96 39.14
N LYS G 162 3.73 -27.39 38.90
CA LYS G 162 2.59 -27.69 39.78
C LYS G 162 1.34 -28.08 39.00
N LYS G 163 0.57 -29.00 39.58
CA LYS G 163 -0.68 -29.45 38.99
C LYS G 163 -1.86 -29.28 39.91
N GLN G 164 -3.04 -29.23 39.31
CA GLN G 164 -4.30 -29.14 40.02
C GLN G 164 -5.29 -30.17 39.52
N LYS G 165 -6.13 -30.65 40.42
CA LYS G 165 -7.20 -31.56 40.02
C LYS G 165 -8.45 -30.77 39.84
N VAL G 166 -9.01 -30.85 38.66
CA VAL G 166 -10.20 -30.10 38.34
C VAL G 166 -11.23 -30.99 37.74
N TYR G 167 -12.47 -30.54 37.68
CA TYR G 167 -13.46 -31.35 37.01
C TYR G 167 -14.39 -30.47 36.26
N SER G 168 -15.08 -31.05 35.29
CA SER G 168 -16.08 -30.32 34.53
C SER G 168 -17.09 -31.22 33.85
N LEU G 169 -18.17 -30.63 33.39
CA LEU G 169 -19.13 -31.42 32.63
C LEU G 169 -18.88 -31.27 31.15
N PHE G 170 -19.13 -32.35 30.45
CA PHE G 170 -19.05 -32.42 29.02
C PHE G 170 -20.27 -33.10 28.45
N TYR G 171 -20.59 -32.78 27.22
CA TYR G 171 -21.66 -33.50 26.58
C TYR G 171 -21.08 -34.77 26.02
N ARG G 172 -21.85 -35.84 26.00
CA ARG G 172 -21.36 -37.11 25.51
C ARG G 172 -20.83 -37.04 24.12
N LEU G 173 -21.41 -36.21 23.28
CA LEU G 173 -20.96 -36.16 21.91
C LEU G 173 -19.50 -35.78 21.73
N ASP G 174 -18.91 -35.10 22.71
CA ASP G 174 -17.53 -34.66 22.59
C ASP G 174 -16.54 -35.54 23.35
N VAL G 175 -17.01 -36.63 23.92
CA VAL G 175 -16.14 -37.46 24.73
C VAL G 175 -16.10 -38.90 24.21
N VAL G 176 -14.92 -39.41 23.93
CA VAL G 176 -14.79 -40.75 23.38
C VAL G 176 -14.03 -41.69 24.29
N GLN G 177 -14.56 -42.90 24.46
CA GLN G 177 -13.94 -43.87 25.35
C GLN G 177 -12.63 -44.43 24.87
N ILE G 178 -11.68 -44.51 25.80
CA ILE G 178 -10.40 -45.11 25.56
C ILE G 178 -10.53 -46.60 25.84
N ASN G 179 -10.12 -47.47 24.88
CA ASN G 179 -10.18 -48.95 24.97
C ASN G 179 -11.64 -49.41 25.18
N ASN G 190 -13.71 -48.31 30.93
CA ASN G 190 -15.07 -47.71 30.93
C ASN G 190 -15.13 -46.34 31.66
N LYS G 191 -14.07 -45.99 32.41
CA LYS G 191 -13.89 -44.74 33.15
C LYS G 191 -12.97 -43.79 32.39
N GLU G 192 -12.09 -44.32 31.55
CA GLU G 192 -11.13 -43.47 30.87
C GLU G 192 -11.60 -42.95 29.53
N TYR G 193 -11.59 -41.62 29.40
CA TYR G 193 -12.05 -40.93 28.20
C TYR G 193 -11.12 -39.88 27.66
N ARG G 194 -11.24 -39.64 26.38
CA ARG G 194 -10.49 -38.65 25.65
C ARG G 194 -11.41 -37.62 25.02
N LEU G 195 -10.92 -36.41 24.75
CA LEU G 195 -11.77 -35.49 24.01
C LEU G 195 -11.78 -35.98 22.57
N ILE G 196 -12.89 -35.80 21.89
CA ILE G 196 -13.05 -36.32 20.55
C ILE G 196 -12.04 -35.88 19.51
N ASN G 197 -11.50 -34.67 19.59
CA ASN G 197 -10.55 -34.28 18.55
C ASN G 197 -9.04 -34.41 18.88
N CYS G 198 -8.66 -35.10 19.99
CA CYS G 198 -7.25 -35.28 20.39
C CYS G 198 -6.38 -35.97 19.36
N ASN G 199 -6.91 -36.88 18.60
CA ASN G 199 -6.05 -37.54 17.63
C ASN G 199 -6.07 -36.87 16.23
N THR G 200 -6.80 -35.74 16.06
CA THR G 200 -6.96 -35.04 14.78
C THR G 200 -6.45 -33.63 14.75
N SER G 201 -6.76 -32.84 15.77
CA SER G 201 -6.47 -31.42 15.69
C SER G 201 -6.28 -30.69 16.99
N ALA G 202 -5.75 -29.48 16.89
CA ALA G 202 -5.67 -28.65 18.06
C ALA G 202 -7.03 -28.05 18.28
N ILE G 203 -7.40 -27.90 19.53
CA ILE G 203 -8.66 -27.29 19.87
C ILE G 203 -8.34 -25.98 20.47
N THR G 204 -8.97 -24.93 19.99
CA THR G 204 -8.70 -23.64 20.58
C THR G 204 -9.95 -23.17 21.26
N GLN G 205 -9.83 -22.28 22.22
CA GLN G 205 -11.02 -21.80 22.91
C GLN G 205 -11.59 -20.61 22.22
N ALA G 206 -12.89 -20.57 22.05
CA ALA G 206 -13.47 -19.40 21.46
C ALA G 206 -13.27 -18.28 22.44
N CYS G 207 -13.08 -17.05 21.95
CA CYS G 207 -12.85 -15.86 22.75
C CYS G 207 -14.16 -15.50 23.47
N PRO G 208 -14.25 -15.61 24.81
CA PRO G 208 -15.47 -15.49 25.60
C PRO G 208 -15.91 -14.07 25.85
N LYS G 209 -16.04 -13.33 24.78
CA LYS G 209 -16.44 -11.95 24.77
C LYS G 209 -17.08 -11.75 23.45
N VAL G 210 -16.59 -12.54 22.53
CA VAL G 210 -16.89 -12.40 21.14
C VAL G 210 -18.19 -13.03 20.75
N SER G 211 -18.95 -12.27 20.02
CA SER G 211 -20.23 -12.72 19.56
C SER G 211 -20.27 -12.86 18.07
N PHE G 212 -20.97 -13.89 17.63
CA PHE G 212 -21.14 -14.14 16.22
C PHE G 212 -22.55 -13.86 15.75
N GLU G 213 -23.35 -13.20 16.59
CA GLU G 213 -24.72 -12.89 16.21
C GLU G 213 -24.69 -12.15 14.89
N PRO G 214 -25.39 -12.57 13.87
CA PRO G 214 -25.35 -11.95 12.59
C PRO G 214 -25.89 -10.54 12.61
N ILE G 215 -25.20 -9.68 11.91
CA ILE G 215 -25.55 -8.30 11.68
C ILE G 215 -25.68 -8.26 10.21
N PRO G 216 -26.72 -7.71 9.62
CA PRO G 216 -26.84 -7.68 8.19
C PRO G 216 -25.63 -7.00 7.64
N ILE G 217 -25.09 -7.54 6.58
CA ILE G 217 -23.95 -6.92 5.97
C ILE G 217 -24.31 -6.63 4.55
N HIS G 218 -23.59 -5.73 3.94
CA HIS G 218 -23.90 -5.34 2.59
C HIS G 218 -22.65 -5.45 1.76
N TYR G 219 -22.75 -6.10 0.62
CA TYR G 219 -21.60 -6.14 -0.26
C TYR G 219 -21.72 -5.01 -1.25
N CYS G 220 -20.63 -4.23 -1.38
CA CYS G 220 -20.59 -3.01 -2.17
C CYS G 220 -19.53 -3.07 -3.27
N ALA G 221 -19.87 -2.51 -4.41
CA ALA G 221 -18.96 -2.48 -5.54
C ALA G 221 -17.89 -1.39 -5.38
N PRO G 222 -16.67 -1.60 -5.87
CA PRO G 222 -15.62 -0.63 -5.99
C PRO G 222 -15.94 0.27 -7.17
N ALA G 223 -15.36 1.46 -7.22
CA ALA G 223 -15.63 2.31 -8.38
C ALA G 223 -15.20 1.60 -9.65
N GLY G 224 -15.99 1.80 -10.69
CA GLY G 224 -15.73 1.20 -11.98
C GLY G 224 -16.62 -0.02 -12.17
N PHE G 225 -17.30 -0.40 -11.10
CA PHE G 225 -18.21 -1.53 -11.06
C PHE G 225 -19.59 -1.16 -10.55
N ALA G 226 -20.56 -1.98 -10.90
CA ALA G 226 -21.92 -1.76 -10.46
C ALA G 226 -22.61 -3.07 -10.19
N ILE G 227 -23.59 -3.07 -9.30
CA ILE G 227 -24.31 -4.29 -9.03
C ILE G 227 -25.72 -4.21 -9.58
N LEU G 228 -26.08 -5.17 -10.39
CA LEU G 228 -27.40 -5.17 -10.97
C LEU G 228 -28.32 -6.06 -10.14
N LYS G 229 -29.51 -5.56 -9.85
CA LYS G 229 -30.49 -6.29 -9.06
C LYS G 229 -31.74 -6.63 -9.87
N CYS G 230 -32.09 -7.91 -9.87
CA CYS G 230 -33.25 -8.42 -10.59
C CYS G 230 -34.45 -8.43 -9.63
N LYS G 231 -35.49 -7.66 -9.95
CA LYS G 231 -36.66 -7.56 -9.07
C LYS G 231 -37.89 -8.22 -9.64
N ASP G 232 -37.71 -8.95 -10.70
CA ASP G 232 -38.81 -9.61 -11.34
C ASP G 232 -39.48 -10.57 -10.41
N LYS G 233 -40.79 -10.65 -10.49
CA LYS G 233 -41.50 -11.55 -9.62
C LYS G 233 -41.29 -12.94 -10.17
N LYS G 234 -41.22 -13.92 -9.29
CA LYS G 234 -41.09 -15.30 -9.67
C LYS G 234 -39.83 -15.57 -10.50
N PHE G 235 -38.74 -14.91 -10.13
CA PHE G 235 -37.48 -15.16 -10.79
C PHE G 235 -36.84 -16.34 -10.07
N ASN G 236 -36.52 -17.34 -10.90
CA ASN G 236 -35.97 -18.64 -10.51
C ASN G 236 -34.47 -18.85 -10.69
N GLY G 237 -33.70 -17.79 -10.50
CA GLY G 237 -32.24 -17.80 -10.46
C GLY G 237 -31.58 -17.85 -11.81
N THR G 238 -32.28 -18.25 -12.86
CA THR G 238 -31.56 -18.25 -14.12
C THR G 238 -32.37 -17.62 -15.23
N GLY G 239 -31.66 -17.12 -16.22
CA GLY G 239 -32.29 -16.61 -17.41
C GLY G 239 -32.43 -15.10 -17.33
N PRO G 240 -32.94 -14.48 -18.39
CA PRO G 240 -33.11 -13.06 -18.53
C PRO G 240 -34.23 -12.63 -17.64
N CYS G 241 -34.18 -11.35 -17.21
CA CYS G 241 -35.26 -10.73 -16.45
C CYS G 241 -35.25 -9.26 -16.86
N THR G 242 -36.34 -8.54 -16.57
CA THR G 242 -36.44 -7.16 -17.04
C THR G 242 -36.54 -5.98 -16.07
N ASN G 243 -36.54 -6.16 -14.71
CA ASN G 243 -36.57 -5.00 -13.79
C ASN G 243 -35.16 -4.37 -13.65
N VAL G 244 -34.15 -5.23 -13.62
CA VAL G 244 -32.72 -4.88 -13.52
C VAL G 244 -32.10 -3.72 -12.74
N SER G 245 -32.68 -3.37 -11.58
CA SER G 245 -32.24 -2.10 -10.94
C SER G 245 -30.78 -2.15 -10.52
N THR G 246 -30.16 -0.96 -10.51
CA THR G 246 -28.74 -0.67 -10.36
C THR G 246 -28.48 -0.11 -8.96
N VAL G 247 -27.71 -0.84 -8.16
CA VAL G 247 -27.43 -0.43 -6.81
C VAL G 247 -25.94 -0.34 -6.54
N GLN G 248 -25.61 0.37 -5.49
CA GLN G 248 -24.22 0.45 -5.07
C GLN G 248 -23.80 -0.73 -4.17
N CYS G 249 -24.76 -1.22 -3.35
CA CYS G 249 -24.60 -2.27 -2.36
C CYS G 249 -25.83 -3.16 -2.39
N THR G 250 -25.66 -4.37 -1.92
CA THR G 250 -26.76 -5.31 -1.80
C THR G 250 -27.57 -4.96 -0.60
N HIS G 251 -28.73 -5.60 -0.48
CA HIS G 251 -29.56 -5.41 0.68
C HIS G 251 -28.80 -6.00 1.83
N GLY G 252 -29.23 -5.70 3.05
CA GLY G 252 -28.50 -6.30 4.15
C GLY G 252 -28.79 -7.78 4.21
N ILE G 253 -27.76 -8.57 4.29
CA ILE G 253 -27.88 -10.01 4.36
C ILE G 253 -27.33 -10.51 5.65
N LYS G 254 -28.12 -11.26 6.40
CA LYS G 254 -27.57 -11.80 7.62
C LYS G 254 -26.84 -13.08 7.31
N PRO G 255 -25.57 -13.24 7.67
CA PRO G 255 -24.77 -14.41 7.44
C PRO G 255 -25.14 -15.49 8.42
N VAL G 256 -26.34 -16.00 8.29
CA VAL G 256 -26.87 -16.99 9.20
C VAL G 256 -26.39 -18.35 8.80
N VAL G 257 -25.91 -19.11 9.74
CA VAL G 257 -25.43 -20.43 9.45
C VAL G 257 -26.39 -21.50 9.90
N SER G 258 -26.80 -22.35 8.98
CA SER G 258 -27.67 -23.45 9.30
C SER G 258 -27.59 -24.50 8.22
N THR G 259 -28.11 -25.68 8.52
CA THR G 259 -28.24 -26.71 7.47
C THR G 259 -29.67 -27.15 7.43
N GLN G 260 -30.09 -27.77 6.33
CA GLN G 260 -31.45 -28.30 6.11
C GLN G 260 -32.53 -27.23 6.04
N LEU G 261 -32.71 -26.46 7.09
CA LEU G 261 -33.67 -25.38 7.11
C LEU G 261 -32.94 -24.07 7.24
N LEU G 262 -33.19 -23.19 6.27
CA LEU G 262 -32.62 -21.87 6.19
C LEU G 262 -33.37 -20.97 7.10
N LEU G 263 -32.64 -20.16 7.86
CA LEU G 263 -33.28 -19.25 8.79
C LEU G 263 -33.02 -17.79 8.47
N ASN G 264 -34.01 -16.93 8.82
CA ASN G 264 -34.01 -15.46 8.82
C ASN G 264 -33.63 -14.81 7.46
N GLY G 265 -34.08 -15.37 6.32
CA GLY G 265 -33.84 -14.82 4.97
C GLY G 265 -35.06 -14.07 4.45
N SER G 266 -35.05 -13.78 3.15
CA SER G 266 -36.18 -13.08 2.54
C SER G 266 -37.29 -14.07 2.25
N LEU G 267 -38.49 -13.59 1.91
CA LEU G 267 -39.61 -14.50 1.64
C LEU G 267 -40.21 -14.63 0.24
N ALA G 268 -39.43 -14.61 -0.81
CA ALA G 268 -39.98 -14.88 -2.15
C ALA G 268 -41.22 -14.08 -2.54
N GLU G 269 -41.23 -12.80 -2.28
CA GLU G 269 -42.37 -11.99 -2.69
C GLU G 269 -43.71 -12.61 -2.26
N GLU G 270 -44.53 -13.04 -3.22
CA GLU G 270 -45.88 -13.57 -2.96
C GLU G 270 -46.12 -15.05 -3.29
N GLU G 271 -45.08 -15.85 -3.57
CA GLU G 271 -45.32 -17.25 -3.94
C GLU G 271 -44.14 -18.14 -3.57
N VAL G 272 -44.36 -19.43 -3.43
CA VAL G 272 -43.25 -20.33 -3.15
C VAL G 272 -42.47 -20.57 -4.42
N ILE G 273 -41.17 -20.38 -4.36
CA ILE G 273 -40.33 -20.52 -5.54
C ILE G 273 -39.33 -21.63 -5.39
N ILE G 274 -39.31 -22.53 -6.34
CA ILE G 274 -38.39 -23.64 -6.28
C ILE G 274 -37.25 -23.46 -7.25
N ARG G 275 -36.03 -23.42 -6.75
CA ARG G 275 -34.89 -23.16 -7.60
C ARG G 275 -33.89 -24.32 -7.64
N SER G 276 -33.42 -24.64 -8.82
CA SER G 276 -32.42 -25.67 -8.99
C SER G 276 -31.57 -25.42 -10.20
N GLU G 277 -30.34 -25.87 -10.12
CA GLU G 277 -29.40 -25.77 -11.23
C GLU G 277 -29.82 -26.60 -12.46
N ASN G 278 -30.37 -27.83 -12.24
CA ASN G 278 -30.71 -28.80 -13.28
C ASN G 278 -32.14 -29.40 -13.11
N ILE G 279 -32.65 -29.58 -11.85
CA ILE G 279 -33.94 -30.23 -11.47
C ILE G 279 -33.96 -31.75 -11.69
N THR G 280 -33.65 -32.15 -12.91
CA THR G 280 -33.60 -33.53 -13.36
C THR G 280 -32.51 -34.36 -12.68
N ASN G 281 -31.36 -33.76 -12.48
CA ASN G 281 -30.19 -34.42 -11.92
C ASN G 281 -30.33 -34.53 -10.41
N ASN G 282 -30.40 -35.75 -9.91
CA ASN G 282 -30.69 -35.99 -8.50
C ASN G 282 -29.49 -35.75 -7.61
N ALA G 283 -28.37 -35.41 -8.20
CA ALA G 283 -27.17 -35.09 -7.46
C ALA G 283 -27.17 -33.62 -7.06
N LYS G 284 -28.15 -32.86 -7.50
CA LYS G 284 -28.22 -31.44 -7.19
C LYS G 284 -29.20 -31.14 -6.07
N ASN G 285 -28.92 -30.07 -5.34
CA ASN G 285 -29.83 -29.67 -4.28
C ASN G 285 -30.93 -28.78 -4.83
N ILE G 286 -32.06 -28.81 -4.17
CA ILE G 286 -33.18 -27.97 -4.50
C ILE G 286 -33.37 -26.93 -3.42
N LEU G 287 -33.38 -25.68 -3.79
CA LEU G 287 -33.54 -24.64 -2.81
C LEU G 287 -34.95 -24.11 -2.87
N VAL G 288 -35.68 -24.24 -1.79
CA VAL G 288 -37.06 -23.81 -1.80
C VAL G 288 -37.26 -22.59 -0.94
N GLN G 289 -37.76 -21.51 -1.52
CA GLN G 289 -37.99 -20.32 -0.74
C GLN G 289 -39.46 -20.15 -0.49
N LEU G 290 -39.81 -19.89 0.76
CA LEU G 290 -41.21 -19.79 1.14
C LEU G 290 -41.75 -18.38 1.07
N ASN G 291 -43.09 -18.22 0.86
CA ASN G 291 -43.77 -16.91 0.84
C ASN G 291 -44.24 -16.44 2.23
N GLU G 292 -44.11 -17.28 3.26
CA GLU G 292 -44.48 -17.06 4.65
C GLU G 292 -43.42 -17.69 5.52
N SER G 293 -43.12 -17.08 6.63
CA SER G 293 -42.18 -17.69 7.54
C SER G 293 -42.88 -18.70 8.40
N VAL G 294 -42.13 -19.66 8.91
CA VAL G 294 -42.68 -20.59 9.87
C VAL G 294 -41.96 -20.36 11.17
N GLN G 295 -42.69 -20.09 12.21
CA GLN G 295 -42.01 -19.80 13.44
C GLN G 295 -41.60 -21.03 14.19
N ILE G 296 -40.35 -21.01 14.65
CA ILE G 296 -39.76 -22.07 15.47
C ILE G 296 -39.20 -21.48 16.79
N ASN G 297 -39.61 -22.05 17.94
CA ASN G 297 -39.21 -21.66 19.30
C ASN G 297 -38.29 -22.73 19.91
N CYS G 298 -37.00 -22.41 20.12
CA CYS G 298 -35.98 -23.35 20.60
C CYS G 298 -35.51 -23.00 22.00
N THR G 299 -35.14 -24.03 22.75
CA THR G 299 -34.61 -23.81 24.06
C THR G 299 -33.61 -24.83 24.56
N ARG G 300 -32.76 -24.35 25.45
CA ARG G 300 -31.84 -25.17 26.18
C ARG G 300 -32.18 -24.87 27.65
N PRO G 301 -33.03 -25.68 28.27
CA PRO G 301 -33.68 -25.50 29.57
C PRO G 301 -32.81 -25.64 30.82
N ASN G 302 -31.61 -26.16 30.67
CA ASN G 302 -30.78 -26.38 31.84
C ASN G 302 -30.12 -25.10 32.28
N ASN G 303 -30.14 -24.80 33.60
CA ASN G 303 -29.51 -23.63 34.21
C ASN G 303 -28.05 -23.94 34.53
N ASN G 304 -27.12 -23.46 33.67
CA ASN G 304 -25.68 -23.72 33.77
C ASN G 304 -24.98 -22.70 34.58
N THR G 305 -23.84 -23.09 35.09
CA THR G 305 -22.96 -22.16 35.73
C THR G 305 -21.63 -22.33 35.05
N ARG G 306 -20.65 -21.55 35.43
CA ARG G 306 -19.38 -21.66 34.75
C ARG G 306 -18.21 -21.56 35.67
N LYS G 307 -17.21 -22.37 35.42
CA LYS G 307 -15.99 -22.34 36.18
C LYS G 307 -14.93 -21.71 35.35
N SER G 308 -13.97 -21.07 35.99
CA SER G 308 -12.86 -20.50 35.25
C SER G 308 -11.60 -20.99 35.90
N ILE G 309 -10.88 -21.77 35.14
CA ILE G 309 -9.70 -22.43 35.65
C ILE G 309 -8.43 -21.87 35.06
N ARG G 310 -7.53 -21.45 35.91
CA ARG G 310 -6.29 -20.90 35.42
C ARG G 310 -5.58 -22.04 34.72
N ILE G 311 -5.19 -21.84 33.47
CA ILE G 311 -4.57 -22.92 32.69
C ILE G 311 -3.11 -22.68 32.41
N GLY G 312 -2.68 -21.44 32.52
CA GLY G 312 -1.29 -21.09 32.30
C GLY G 312 -1.14 -19.61 32.60
N PRO G 313 0.06 -19.05 32.58
CA PRO G 313 0.26 -17.65 32.89
C PRO G 313 -0.54 -16.78 31.96
N GLY G 314 -1.43 -15.98 32.54
CA GLY G 314 -2.26 -15.06 31.75
C GLY G 314 -3.41 -15.76 31.01
N GLN G 315 -3.60 -17.06 31.23
CA GLN G 315 -4.60 -17.79 30.47
C GLN G 315 -5.63 -18.50 31.31
N TRP G 316 -6.88 -18.44 30.83
CA TRP G 316 -7.98 -19.11 31.49
C TRP G 316 -8.79 -20.00 30.59
N PHE G 317 -9.23 -21.12 31.16
CA PHE G 317 -10.12 -22.07 30.52
C PHE G 317 -11.50 -22.02 31.11
N TYR G 318 -12.50 -22.02 30.25
CA TYR G 318 -13.87 -22.00 30.72
C TYR G 318 -14.51 -23.35 30.67
N ALA G 319 -14.85 -23.83 31.84
CA ALA G 319 -15.40 -25.15 32.02
C ALA G 319 -16.88 -25.10 32.35
N THR G 320 -17.60 -26.13 31.99
CA THR G 320 -19.02 -26.17 32.35
C THR G 320 -19.13 -26.61 33.78
N GLY G 321 -19.85 -25.83 34.59
CA GLY G 321 -19.98 -26.17 36.00
C GLY G 321 -21.22 -26.99 36.26
N ASP G 322 -21.57 -27.14 37.52
CA ASP G 322 -22.71 -27.96 37.87
C ASP G 322 -24.02 -27.36 37.40
N ILE G 323 -24.97 -28.21 37.04
CA ILE G 323 -26.30 -27.76 36.65
C ILE G 323 -27.16 -27.55 37.87
N ILE G 324 -27.88 -26.44 37.87
CA ILE G 324 -28.76 -26.08 38.94
C ILE G 324 -30.17 -26.52 38.59
N GLY G 325 -30.74 -27.38 39.40
CA GLY G 325 -32.08 -27.88 39.13
C GLY G 325 -32.04 -29.06 38.18
N ASP G 326 -33.21 -29.41 37.64
CA ASP G 326 -33.37 -30.58 36.80
C ASP G 326 -32.60 -30.51 35.52
N ILE G 327 -32.15 -31.68 35.06
CA ILE G 327 -31.46 -31.79 33.80
C ILE G 327 -32.43 -32.30 32.75
N ARG G 328 -32.67 -31.46 31.75
CA ARG G 328 -33.68 -31.66 30.74
C ARG G 328 -33.16 -31.58 29.31
N GLN G 329 -33.97 -32.12 28.41
CA GLN G 329 -33.69 -32.15 26.99
C GLN G 329 -33.88 -30.83 26.27
N ALA G 330 -32.89 -30.45 25.46
CA ALA G 330 -33.00 -29.25 24.61
C ALA G 330 -33.95 -29.60 23.50
N HIS G 331 -34.73 -28.65 23.06
CA HIS G 331 -35.69 -28.95 22.01
C HIS G 331 -36.20 -27.72 21.26
N CYS G 332 -36.85 -27.93 20.09
CA CYS G 332 -37.51 -26.89 19.29
C CYS G 332 -38.97 -27.23 18.97
N ASN G 333 -39.82 -26.23 19.09
CA ASN G 333 -41.25 -26.30 18.81
C ASN G 333 -41.63 -25.58 17.52
N VAL G 334 -42.02 -26.33 16.47
CA VAL G 334 -42.44 -25.80 15.16
C VAL G 334 -43.94 -25.77 15.14
N SER G 335 -44.56 -24.66 14.78
CA SER G 335 -46.02 -24.70 14.82
C SER G 335 -46.53 -25.81 13.90
N LYS G 336 -47.38 -26.70 14.43
CA LYS G 336 -47.79 -27.84 13.61
C LYS G 336 -48.75 -27.54 12.49
N ALA G 337 -49.66 -26.59 12.68
CA ALA G 337 -50.59 -26.35 11.61
C ALA G 337 -49.90 -25.63 10.49
N THR G 338 -48.99 -24.72 10.86
CA THR G 338 -48.32 -23.94 9.86
C THR G 338 -47.45 -24.85 9.04
N TRP G 339 -46.74 -25.76 9.71
CA TRP G 339 -45.85 -26.64 8.96
C TRP G 339 -46.61 -27.49 7.95
N ASN G 340 -47.80 -28.04 8.32
CA ASN G 340 -48.64 -28.86 7.45
C ASN G 340 -49.05 -28.07 6.18
N GLU G 341 -49.45 -26.77 6.36
CA GLU G 341 -49.83 -25.88 5.25
C GLU G 341 -48.64 -25.54 4.38
N THR G 342 -47.49 -25.35 5.01
CA THR G 342 -46.29 -25.01 4.30
C THR G 342 -45.90 -26.12 3.38
N LEU G 343 -45.94 -27.36 3.85
CA LEU G 343 -45.58 -28.42 2.96
C LEU G 343 -46.61 -28.52 1.86
N GLY G 344 -47.89 -28.33 2.16
CA GLY G 344 -48.84 -28.47 1.07
C GLY G 344 -48.52 -27.50 -0.07
N LYS G 345 -48.14 -26.25 0.26
CA LYS G 345 -47.79 -25.28 -0.77
C LYS G 345 -46.56 -25.71 -1.56
N VAL G 346 -45.57 -26.26 -0.86
CA VAL G 346 -44.37 -26.69 -1.53
C VAL G 346 -44.69 -27.81 -2.47
N VAL G 347 -45.51 -28.75 -2.04
CA VAL G 347 -45.87 -29.87 -2.86
C VAL G 347 -46.58 -29.42 -4.10
N LYS G 348 -47.50 -28.48 -3.99
CA LYS G 348 -48.17 -28.02 -5.19
C LYS G 348 -47.17 -27.55 -6.25
N GLN G 349 -46.22 -26.71 -5.83
CA GLN G 349 -45.26 -26.16 -6.75
C GLN G 349 -44.21 -27.16 -7.18
N LEU G 350 -43.90 -28.09 -6.32
CA LEU G 350 -42.89 -29.06 -6.63
C LEU G 350 -43.45 -30.03 -7.65
N ARG G 351 -44.70 -30.43 -7.47
CA ARG G 351 -45.37 -31.40 -8.31
C ARG G 351 -45.45 -31.01 -9.76
N LYS G 352 -45.66 -29.73 -10.05
CA LYS G 352 -45.79 -29.35 -11.45
C LYS G 352 -44.54 -29.68 -12.29
N HIS G 353 -43.39 -29.92 -11.65
CA HIS G 353 -42.19 -30.22 -12.40
C HIS G 353 -41.94 -31.72 -12.57
N PHE G 354 -42.76 -32.55 -11.92
CA PHE G 354 -42.57 -33.99 -12.01
C PHE G 354 -43.77 -34.66 -12.66
N GLY G 355 -44.91 -33.99 -12.61
CA GLY G 355 -46.15 -34.50 -13.17
C GLY G 355 -47.33 -34.11 -12.29
N ASN G 356 -48.43 -33.62 -12.92
CA ASN G 356 -49.62 -33.08 -12.23
C ASN G 356 -50.42 -34.14 -11.45
N ASN G 357 -50.21 -35.44 -11.76
CA ASN G 357 -50.86 -36.58 -11.14
C ASN G 357 -49.88 -37.47 -10.40
N THR G 358 -48.68 -36.99 -10.08
CA THR G 358 -47.76 -37.84 -9.34
C THR G 358 -47.88 -37.57 -7.85
N ILE G 359 -47.31 -38.48 -7.07
CA ILE G 359 -47.34 -38.43 -5.63
C ILE G 359 -46.02 -38.02 -5.03
N ILE G 360 -46.09 -37.13 -4.06
CA ILE G 360 -44.87 -36.68 -3.39
C ILE G 360 -44.77 -37.10 -1.97
N ARG G 361 -43.65 -37.71 -1.67
CA ARG G 361 -43.36 -38.18 -0.35
C ARG G 361 -42.20 -37.46 0.28
N PHE G 362 -42.33 -37.18 1.55
CA PHE G 362 -41.23 -36.62 2.28
C PHE G 362 -40.73 -37.67 3.21
N ALA G 363 -39.44 -37.68 3.36
CA ALA G 363 -38.76 -38.60 4.22
C ALA G 363 -37.66 -37.84 4.90
N ASN G 364 -37.12 -38.40 5.99
CA ASN G 364 -36.08 -37.79 6.80
C ASN G 364 -34.70 -37.99 6.15
N SER G 365 -33.63 -37.50 6.82
CA SER G 365 -32.26 -37.52 6.33
C SER G 365 -31.62 -38.90 6.32
N SER G 366 -30.52 -39.00 5.59
CA SER G 366 -29.79 -40.24 5.44
C SER G 366 -28.55 -40.31 6.30
N GLY G 367 -27.43 -40.73 5.72
CA GLY G 367 -26.20 -40.89 6.50
C GLY G 367 -25.35 -39.62 6.54
N GLY G 368 -24.17 -39.75 7.11
CA GLY G 368 -23.26 -38.63 7.26
C GLY G 368 -23.20 -38.21 8.73
N ASP G 369 -22.43 -37.18 9.04
CA ASP G 369 -22.28 -36.79 10.44
C ASP G 369 -23.43 -35.88 10.85
N LEU G 370 -23.44 -35.46 12.10
CA LEU G 370 -24.53 -34.63 12.60
C LEU G 370 -24.65 -33.34 11.80
N GLU G 371 -23.56 -32.84 11.29
CA GLU G 371 -23.59 -31.59 10.58
C GLU G 371 -24.53 -31.64 9.36
N VAL G 372 -24.76 -32.82 8.81
CA VAL G 372 -25.63 -32.92 7.67
C VAL G 372 -26.90 -33.73 7.93
N THR G 373 -26.90 -34.60 8.94
CA THR G 373 -28.09 -35.41 9.17
C THR G 373 -29.08 -34.70 10.07
N THR G 374 -28.64 -33.72 10.83
CA THR G 374 -29.55 -33.01 11.70
C THR G 374 -29.59 -31.57 11.29
N HIS G 375 -30.50 -30.83 11.88
CA HIS G 375 -30.57 -29.41 11.62
C HIS G 375 -29.51 -28.72 12.42
N SER G 376 -28.49 -28.22 11.75
CA SER G 376 -27.43 -27.54 12.45
C SER G 376 -27.88 -26.14 12.68
N PHE G 377 -27.87 -25.76 13.93
CA PHE G 377 -28.37 -24.49 14.39
C PHE G 377 -27.48 -23.78 15.41
N ASN G 378 -27.04 -22.59 15.08
CA ASN G 378 -26.16 -21.82 15.97
C ASN G 378 -26.91 -20.65 16.58
N CYS G 379 -27.27 -20.71 17.87
CA CYS G 379 -28.08 -19.66 18.50
C CYS G 379 -27.85 -19.59 20.00
N GLY G 380 -27.73 -18.35 20.46
CA GLY G 380 -27.57 -18.05 21.87
C GLY G 380 -26.14 -18.26 22.27
N GLY G 381 -25.32 -18.62 21.31
CA GLY G 381 -23.93 -18.94 21.50
C GLY G 381 -23.70 -20.46 21.61
N GLU G 382 -24.74 -21.27 21.42
CA GLU G 382 -24.56 -22.71 21.45
C GLU G 382 -24.97 -23.41 20.19
N PHE G 383 -24.39 -24.60 20.03
CA PHE G 383 -24.60 -25.40 18.85
C PHE G 383 -25.54 -26.54 19.05
N PHE G 384 -26.67 -26.41 18.38
CA PHE G 384 -27.77 -27.35 18.44
C PHE G 384 -27.79 -28.23 17.22
N TYR G 385 -28.10 -29.48 17.44
CA TYR G 385 -28.25 -30.46 16.39
C TYR G 385 -29.61 -31.13 16.52
N CYS G 386 -30.64 -30.55 15.87
CA CYS G 386 -32.05 -30.92 16.07
C CYS G 386 -32.49 -32.01 15.09
N ASN G 387 -33.23 -32.96 15.62
CA ASN G 387 -33.73 -34.08 14.84
C ASN G 387 -35.03 -33.67 14.15
N THR G 388 -34.96 -33.52 12.81
CA THR G 388 -36.01 -33.04 11.91
C THR G 388 -36.80 -34.14 11.30
N SER G 389 -36.63 -35.38 11.73
CA SER G 389 -37.41 -36.41 11.08
C SER G 389 -38.90 -36.20 11.29
N GLY G 390 -39.28 -35.52 12.37
CA GLY G 390 -40.68 -35.27 12.65
C GLY G 390 -41.30 -34.24 11.71
N LEU G 391 -40.47 -33.56 10.92
CA LEU G 391 -40.96 -32.58 9.97
C LEU G 391 -41.10 -33.14 8.57
N PHE G 392 -40.47 -34.28 8.28
CA PHE G 392 -40.45 -34.80 6.92
C PHE G 392 -40.82 -36.27 6.88
N ASN G 393 -42.09 -36.57 7.20
CA ASN G 393 -42.62 -37.92 7.33
C ASN G 393 -44.09 -37.90 6.91
N SER G 394 -44.35 -37.90 5.58
CA SER G 394 -45.72 -37.85 5.02
C SER G 394 -45.77 -38.22 3.55
N THR G 395 -46.95 -38.60 3.09
CA THR G 395 -47.14 -38.81 1.66
C THR G 395 -48.32 -37.99 1.21
N TRP G 396 -48.12 -37.21 0.17
CA TRP G 396 -49.14 -36.33 -0.37
C TRP G 396 -49.76 -36.90 -1.64
N ILE G 397 -51.03 -37.36 -1.52
CA ILE G 397 -51.85 -38.03 -2.55
C ILE G 397 -51.24 -39.41 -2.79
N SER G 413 -47.99 -27.72 17.94
CA SER G 413 -46.56 -27.73 18.19
C SER G 413 -45.94 -29.13 17.95
N ILE G 414 -44.90 -29.17 17.10
CA ILE G 414 -44.10 -30.37 16.79
C ILE G 414 -42.84 -30.25 17.60
N THR G 415 -42.57 -31.18 18.50
CA THR G 415 -41.36 -31.03 19.29
C THR G 415 -40.24 -31.86 18.73
N LEU G 416 -39.15 -31.20 18.44
CA LEU G 416 -37.95 -31.79 17.90
C LEU G 416 -36.93 -31.83 19.02
N PRO G 417 -36.41 -32.97 19.44
CA PRO G 417 -35.40 -33.05 20.45
C PRO G 417 -34.16 -32.51 19.79
N CYS G 418 -33.22 -31.90 20.56
CA CYS G 418 -31.94 -31.36 20.04
C CYS G 418 -30.74 -31.73 20.90
N ARG G 419 -29.63 -32.06 20.26
CA ARG G 419 -28.42 -32.32 21.00
C ARG G 419 -27.54 -31.10 21.05
N ILE G 420 -26.72 -30.98 22.08
CA ILE G 420 -25.79 -29.87 22.22
C ILE G 420 -24.36 -30.36 22.15
N LYS G 421 -23.55 -29.67 21.38
CA LYS G 421 -22.15 -30.04 21.21
C LYS G 421 -21.27 -28.82 21.52
N GLN G 422 -20.08 -29.00 22.12
CA GLN G 422 -19.21 -27.87 22.41
C GLN G 422 -17.96 -27.81 21.57
N ILE G 423 -17.43 -28.95 21.17
CA ILE G 423 -16.22 -28.90 20.35
C ILE G 423 -16.69 -29.00 18.91
N ILE G 424 -16.55 -27.92 18.19
CA ILE G 424 -17.14 -27.81 16.89
C ILE G 424 -16.16 -27.83 15.74
N ASN G 425 -16.33 -28.79 14.86
CA ASN G 425 -15.51 -28.84 13.66
C ASN G 425 -16.28 -28.03 12.67
N MET G 426 -16.24 -26.72 12.86
CA MET G 426 -17.10 -25.86 12.10
C MET G 426 -16.83 -26.15 10.67
N TRP G 427 -17.88 -26.42 9.91
CA TRP G 427 -17.58 -26.81 8.57
C TRP G 427 -17.30 -25.72 7.62
N GLN G 428 -16.11 -25.29 7.75
CA GLN G 428 -15.51 -24.33 6.93
C GLN G 428 -14.43 -25.21 6.35
N ARG G 429 -14.00 -26.18 7.20
CA ARG G 429 -12.89 -27.08 6.89
C ARG G 429 -12.68 -28.20 7.89
N ILE G 430 -11.73 -29.08 7.62
CA ILE G 430 -11.33 -30.16 8.53
C ILE G 430 -9.91 -29.96 9.05
N GLY G 431 -9.66 -30.31 10.31
CA GLY G 431 -8.32 -30.24 10.87
C GLY G 431 -8.09 -29.23 11.99
N GLN G 432 -9.08 -28.40 12.27
CA GLN G 432 -9.01 -27.42 13.35
C GLN G 432 -10.34 -27.42 14.07
N ALA G 433 -10.34 -27.20 15.39
CA ALA G 433 -11.63 -27.19 16.09
C ALA G 433 -11.76 -26.09 17.09
N MET G 434 -12.98 -25.61 17.24
CA MET G 434 -13.28 -24.58 18.21
C MET G 434 -13.99 -25.10 19.43
N TYR G 435 -13.59 -24.66 20.60
CA TYR G 435 -14.33 -25.01 21.79
C TYR G 435 -15.22 -23.89 22.19
N ALA G 436 -16.50 -24.14 22.19
CA ALA G 436 -17.41 -23.12 22.58
C ALA G 436 -17.55 -23.16 24.08
N PRO G 437 -17.23 -22.10 24.81
CA PRO G 437 -17.29 -22.08 26.22
C PRO G 437 -18.75 -22.13 26.54
N PRO G 438 -19.15 -22.62 27.69
CA PRO G 438 -20.50 -22.68 28.15
C PRO G 438 -21.05 -21.33 28.50
N ILE G 439 -22.35 -21.23 28.37
CA ILE G 439 -23.09 -20.03 28.69
C ILE G 439 -23.98 -20.24 29.91
N GLN G 440 -23.81 -19.38 30.90
CA GLN G 440 -24.54 -19.50 32.15
C GLN G 440 -25.99 -19.15 31.99
N GLY G 441 -26.84 -19.74 32.83
CA GLY G 441 -28.26 -19.46 32.74
C GLY G 441 -28.87 -20.37 31.70
N VAL G 442 -29.94 -19.92 31.06
CA VAL G 442 -30.66 -20.74 30.11
C VAL G 442 -30.78 -20.01 28.80
N ILE G 443 -31.03 -20.75 27.72
CA ILE G 443 -31.15 -20.12 26.42
C ILE G 443 -32.48 -20.31 25.75
N ARG G 444 -33.03 -19.21 25.28
CA ARG G 444 -34.26 -19.25 24.51
C ARG G 444 -34.05 -18.49 23.22
N CYS G 445 -34.37 -19.13 22.06
CA CYS G 445 -34.23 -18.61 20.71
C CYS G 445 -35.53 -18.68 19.95
N VAL G 446 -35.79 -17.63 19.20
CA VAL G 446 -36.96 -17.61 18.34
C VAL G 446 -36.50 -17.25 16.97
N SER G 447 -36.85 -18.04 15.99
CA SER G 447 -36.39 -17.75 14.66
C SER G 447 -37.41 -18.07 13.57
N ASN G 448 -37.15 -17.55 12.36
CA ASN G 448 -37.98 -17.68 11.16
C ASN G 448 -37.42 -18.70 10.17
N ILE G 449 -38.18 -19.77 9.85
CA ILE G 449 -37.79 -20.73 8.81
C ILE G 449 -38.24 -20.08 7.53
N THR G 450 -37.30 -19.80 6.65
CA THR G 450 -37.61 -19.10 5.43
C THR G 450 -37.40 -19.95 4.20
N GLY G 451 -36.71 -21.07 4.36
CA GLY G 451 -36.51 -21.94 3.21
C GLY G 451 -35.98 -23.29 3.58
N LEU G 452 -36.03 -24.19 2.61
CA LEU G 452 -35.61 -25.56 2.78
C LEU G 452 -34.57 -26.01 1.77
N ILE G 453 -33.69 -26.92 2.16
CA ILE G 453 -32.81 -27.53 1.20
C ILE G 453 -33.16 -28.99 1.08
N LEU G 454 -33.60 -29.39 -0.11
CA LEU G 454 -34.05 -30.76 -0.35
C LEU G 454 -33.29 -31.46 -1.44
N THR G 455 -33.21 -32.78 -1.36
CA THR G 455 -32.66 -33.56 -2.45
C THR G 455 -33.63 -34.64 -2.86
N ARG G 456 -33.52 -35.09 -4.09
CA ARG G 456 -34.36 -36.18 -4.56
C ARG G 456 -33.72 -37.52 -4.25
N ASP G 457 -34.54 -38.43 -3.79
CA ASP G 457 -34.05 -39.75 -3.48
C ASP G 457 -34.09 -40.52 -4.77
N GLY G 458 -33.08 -40.31 -5.60
CA GLY G 458 -33.10 -40.87 -6.94
C GLY G 458 -32.62 -42.31 -7.01
N GLY G 459 -32.63 -42.87 -8.23
CA GLY G 459 -32.21 -44.24 -8.50
C GLY G 459 -33.41 -45.16 -8.71
N SER G 460 -34.59 -44.66 -8.37
CA SER G 460 -35.84 -45.38 -8.55
C SER G 460 -36.40 -45.10 -9.91
N THR G 461 -37.10 -46.07 -10.46
CA THR G 461 -37.76 -45.95 -11.75
C THR G 461 -39.27 -45.83 -11.60
N ASN G 462 -39.77 -45.88 -10.37
CA ASN G 462 -41.19 -45.81 -10.22
C ASN G 462 -41.65 -44.38 -10.14
N SER G 463 -41.98 -43.85 -11.30
CA SER G 463 -42.34 -42.45 -11.51
C SER G 463 -43.62 -42.06 -10.79
N THR G 464 -44.35 -43.05 -10.28
CA THR G 464 -45.56 -42.75 -9.57
C THR G 464 -45.25 -41.82 -8.41
N THR G 465 -44.18 -42.10 -7.66
CA THR G 465 -43.89 -41.30 -6.48
C THR G 465 -42.47 -40.79 -6.41
N GLU G 466 -42.36 -39.51 -6.16
CA GLU G 466 -41.06 -38.89 -5.97
C GLU G 466 -40.85 -38.76 -4.48
N THR G 467 -39.64 -38.95 -4.01
CA THR G 467 -39.36 -38.78 -2.59
C THR G 467 -38.27 -37.75 -2.38
N PHE G 468 -38.52 -36.86 -1.43
CA PHE G 468 -37.59 -35.80 -1.10
C PHE G 468 -37.12 -35.91 0.34
N ARG G 469 -35.86 -35.60 0.55
CA ARG G 469 -35.28 -35.64 1.88
C ARG G 469 -34.52 -34.34 2.14
N PRO G 470 -34.37 -33.89 3.38
CA PRO G 470 -33.53 -32.76 3.75
C PRO G 470 -32.09 -33.03 3.37
N GLY G 471 -31.42 -32.00 2.91
CA GLY G 471 -30.02 -32.11 2.54
C GLY G 471 -29.25 -30.83 2.85
N GLY G 472 -28.22 -30.55 2.07
CA GLY G 472 -27.40 -29.39 2.29
C GLY G 472 -26.16 -29.73 3.10
N GLY G 473 -25.58 -28.73 3.74
CA GLY G 473 -24.32 -28.87 4.46
C GLY G 473 -23.19 -28.09 3.79
N ASP G 474 -23.38 -27.76 2.52
CA ASP G 474 -22.42 -26.94 1.80
C ASP G 474 -22.86 -25.53 2.02
N MET G 475 -22.09 -24.79 2.77
CA MET G 475 -22.48 -23.46 3.16
C MET G 475 -22.73 -22.52 2.04
N ARG G 476 -22.17 -22.75 0.88
CA ARG G 476 -22.38 -21.79 -0.17
C ARG G 476 -23.84 -21.73 -0.59
N ASP G 477 -24.60 -22.79 -0.37
CA ASP G 477 -25.98 -22.78 -0.79
C ASP G 477 -26.80 -21.83 0.05
N ASN G 478 -26.33 -21.53 1.26
CA ASN G 478 -27.10 -20.65 2.11
C ASN G 478 -26.93 -19.22 1.71
N TRP G 479 -25.90 -18.96 0.92
CA TRP G 479 -25.63 -17.61 0.49
C TRP G 479 -26.25 -17.42 -0.87
N ARG G 480 -26.20 -18.47 -1.68
CA ARG G 480 -26.72 -18.41 -3.01
C ARG G 480 -28.18 -18.04 -2.97
N SER G 481 -28.88 -18.51 -1.94
CA SER G 481 -30.29 -18.25 -1.77
C SER G 481 -30.64 -16.77 -1.50
N GLU G 482 -29.68 -15.93 -1.11
CA GLU G 482 -29.93 -14.49 -0.90
C GLU G 482 -29.35 -13.65 -2.02
N LEU G 483 -28.24 -14.10 -2.59
CA LEU G 483 -27.51 -13.37 -3.60
C LEU G 483 -27.94 -13.69 -5.00
N TYR G 484 -28.97 -14.49 -5.15
CA TYR G 484 -29.44 -14.91 -6.46
C TYR G 484 -29.89 -13.79 -7.35
N LYS G 485 -30.29 -12.68 -6.79
CA LYS G 485 -30.79 -11.61 -7.60
C LYS G 485 -29.72 -10.60 -7.95
N TYR G 486 -28.48 -10.82 -7.54
CA TYR G 486 -27.48 -9.82 -7.84
C TYR G 486 -26.42 -10.28 -8.83
N LYS G 487 -25.98 -9.36 -9.68
CA LYS G 487 -24.89 -9.64 -10.60
C LYS G 487 -23.87 -8.52 -10.61
N VAL G 488 -22.59 -8.85 -10.74
CA VAL G 488 -21.55 -7.82 -10.81
C VAL G 488 -21.04 -7.60 -12.20
N VAL G 489 -21.07 -6.33 -12.62
CA VAL G 489 -20.58 -5.99 -13.94
C VAL G 489 -19.57 -4.86 -13.84
N LYS G 490 -18.73 -4.75 -14.86
CA LYS G 490 -17.75 -3.68 -14.94
C LYS G 490 -18.21 -2.72 -15.98
N ILE G 491 -17.80 -1.49 -15.83
CA ILE G 491 -18.17 -0.49 -16.78
C ILE G 491 -17.05 -0.31 -17.79
N GLU G 492 -17.40 -0.24 -19.07
CA GLU G 492 -16.44 -0.02 -20.16
C GLU G 492 -16.79 1.26 -20.93
N PRO G 493 -16.35 2.43 -20.47
CA PRO G 493 -16.68 3.76 -20.94
C PRO G 493 -16.35 4.11 -22.38
N LEU G 494 -15.43 3.41 -23.05
CA LEU G 494 -15.18 3.80 -24.43
C LEU G 494 -16.03 3.06 -25.40
N GLY G 495 -16.39 3.77 -26.44
CA GLY G 495 -17.13 3.17 -27.52
C GLY G 495 -17.03 4.03 -28.74
N VAL G 496 -17.46 3.49 -29.84
CA VAL G 496 -17.34 4.17 -31.12
C VAL G 496 -18.66 4.15 -31.88
N ALA G 497 -19.01 5.25 -32.54
CA ALA G 497 -20.20 5.33 -33.38
C ALA G 497 -19.94 6.33 -34.52
N PRO G 498 -20.58 6.24 -35.70
CA PRO G 498 -20.45 7.15 -36.82
C PRO G 498 -21.13 8.50 -36.62
N THR G 499 -20.60 9.54 -37.24
CA THR G 499 -21.23 10.86 -37.23
C THR G 499 -21.14 11.60 -38.57
N ARG G 500 -21.54 12.87 -38.58
CA ARG G 500 -21.61 13.73 -39.78
C ARG G 500 -20.46 14.72 -39.92
N CYS G 501 -19.38 14.54 -39.19
CA CYS G 501 -18.27 15.46 -39.23
C CYS G 501 -16.90 14.89 -39.01
N LYS G 502 -15.92 15.66 -39.46
CA LYS G 502 -14.51 15.34 -39.29
C LYS G 502 -13.72 16.59 -38.90
N ARG G 503 -12.87 16.48 -37.87
CA ARG G 503 -11.97 17.51 -37.35
C ARG G 503 -11.32 18.39 -38.45
N GLY H 2 -27.71 8.62 -10.34
CA GLY H 2 -28.20 8.33 -11.68
C GLY H 2 -27.09 7.83 -12.63
N PHE H 3 -26.07 7.13 -12.10
CA PHE H 3 -24.89 6.63 -12.80
C PHE H 3 -25.18 5.80 -14.07
N LEU H 4 -26.09 4.86 -14.03
CA LEU H 4 -26.41 4.14 -15.26
C LEU H 4 -27.78 4.52 -15.75
N GLY H 5 -28.29 5.68 -15.34
CA GLY H 5 -29.65 6.07 -15.69
C GLY H 5 -29.91 6.12 -17.19
N ALA H 6 -28.90 6.41 -17.98
CA ALA H 6 -29.04 6.51 -19.44
C ALA H 6 -28.95 5.15 -20.13
N ALA H 7 -28.77 4.07 -19.40
CA ALA H 7 -28.61 2.76 -19.99
C ALA H 7 -29.80 2.37 -20.85
N GLY H 8 -30.99 2.82 -20.47
CA GLY H 8 -32.20 2.51 -21.20
C GLY H 8 -32.59 3.56 -22.25
N SER H 9 -31.73 4.55 -22.46
CA SER H 9 -32.06 5.65 -23.35
C SER H 9 -31.45 5.58 -24.73
N THR H 10 -32.01 6.37 -25.61
CA THR H 10 -31.57 6.50 -26.97
C THR H 10 -30.09 6.86 -27.01
N MET H 11 -29.31 6.21 -27.90
CA MET H 11 -27.87 6.52 -27.93
C MET H 11 -27.56 7.99 -28.00
N GLY H 12 -28.33 8.75 -28.78
CA GLY H 12 -28.10 10.18 -28.90
C GLY H 12 -28.51 10.98 -27.67
N ALA H 13 -29.41 10.43 -26.84
CA ALA H 13 -29.90 11.12 -25.65
C ALA H 13 -28.92 10.94 -24.52
N ALA H 14 -28.29 9.78 -24.52
CA ALA H 14 -27.36 9.33 -23.52
C ALA H 14 -26.07 10.12 -23.61
N SER H 15 -25.91 10.84 -24.69
CA SER H 15 -24.74 11.65 -24.91
C SER H 15 -24.70 12.79 -23.90
N MET H 16 -25.83 13.05 -23.23
CA MET H 16 -25.89 14.15 -22.28
C MET H 16 -25.46 13.75 -20.86
N THR H 17 -25.13 12.48 -20.64
CA THR H 17 -24.74 12.05 -19.30
C THR H 17 -23.32 11.57 -19.29
N LEU H 18 -22.56 11.88 -20.32
CA LEU H 18 -21.22 11.34 -20.39
C LEU H 18 -20.35 11.79 -19.22
N THR H 19 -20.58 12.99 -18.65
CA THR H 19 -19.76 13.41 -17.53
C THR H 19 -20.15 12.73 -16.23
N VAL H 20 -21.33 12.14 -16.20
CA VAL H 20 -21.80 11.45 -15.02
C VAL H 20 -21.07 10.14 -14.98
N GLN H 21 -21.03 9.46 -16.12
CA GLN H 21 -20.37 8.20 -16.07
C GLN H 21 -18.90 8.41 -15.94
N ALA H 22 -18.33 9.38 -16.64
CA ALA H 22 -16.90 9.56 -16.54
C ALA H 22 -16.45 9.93 -15.14
N ARG H 23 -17.20 10.78 -14.46
CA ARG H 23 -16.79 11.23 -13.16
C ARG H 23 -16.74 10.11 -12.14
N ASN H 24 -17.64 9.15 -12.25
CA ASN H 24 -17.70 8.13 -11.22
C ASN H 24 -16.81 6.94 -11.50
N LEU H 25 -15.97 7.05 -12.51
CA LEU H 25 -15.03 5.98 -12.77
C LEU H 25 -13.89 6.20 -11.83
N LEU H 26 -13.74 7.45 -11.42
CA LEU H 26 -12.69 7.85 -10.54
C LEU H 26 -13.42 8.56 -9.44
N SER H 27 -14.02 7.80 -8.53
CA SER H 27 -14.89 8.38 -7.52
C SER H 27 -14.14 9.33 -6.62
N GLY H 28 -12.84 9.19 -6.61
CA GLY H 28 -12.01 10.02 -5.79
C GLY H 28 -11.84 9.38 -4.46
N ILE H 29 -11.77 10.22 -3.46
CA ILE H 29 -11.45 9.86 -2.10
C ILE H 29 -12.67 10.15 -1.22
N VAL H 30 -13.82 9.97 -1.85
CA VAL H 30 -15.13 10.20 -1.27
C VAL H 30 -15.50 9.19 -0.21
N GLN H 31 -15.01 7.96 -0.32
CA GLN H 31 -15.30 6.98 0.70
C GLN H 31 -14.56 7.43 1.94
N GLN H 32 -15.23 7.41 3.08
CA GLN H 32 -14.62 7.90 4.30
C GLN H 32 -14.09 6.80 5.18
N GLN H 33 -13.11 7.16 6.00
CA GLN H 33 -12.55 6.25 6.99
C GLN H 33 -13.04 6.63 8.38
N SER H 34 -13.84 5.76 8.98
CA SER H 34 -14.42 6.06 10.28
C SER H 34 -13.50 5.63 11.43
N ASN H 35 -12.87 6.62 12.10
CA ASN H 35 -11.89 6.50 13.20
C ASN H 35 -10.72 5.59 12.80
N CYS H 42 -12.40 2.60 13.95
CA CYS H 42 -11.67 1.42 13.57
C CYS H 42 -10.50 1.82 12.66
N GLN H 43 -10.47 1.26 11.45
CA GLN H 43 -9.49 1.53 10.39
C GLN H 43 -8.11 0.98 10.72
N GLN H 44 -7.54 1.41 11.85
CA GLN H 44 -6.25 0.91 12.30
C GLN H 44 -6.40 -0.56 12.63
N HIS H 45 -7.64 -0.94 12.87
CA HIS H 45 -8.04 -2.29 13.09
C HIS H 45 -8.00 -3.08 11.80
N LEU H 46 -8.52 -2.48 10.73
CA LEU H 46 -8.65 -3.17 9.46
C LEU H 46 -7.27 -3.46 8.89
N LEU H 47 -6.30 -2.66 9.25
CA LEU H 47 -4.93 -2.88 8.80
C LEU H 47 -4.36 -4.21 9.28
N LYS H 48 -4.94 -4.79 10.34
CA LYS H 48 -4.46 -6.06 10.88
C LYS H 48 -4.90 -7.23 10.01
N LEU H 49 -5.92 -7.02 9.20
CA LEU H 49 -6.44 -8.07 8.35
C LEU H 49 -5.60 -8.00 7.11
N THR H 50 -4.38 -8.53 7.22
CA THR H 50 -3.36 -8.39 6.21
C THR H 50 -3.88 -8.71 4.84
N VAL H 51 -4.62 -9.79 4.72
CA VAL H 51 -5.13 -10.17 3.42
C VAL H 51 -6.10 -9.15 2.89
N TRP H 52 -6.95 -8.58 3.73
CA TRP H 52 -7.92 -7.63 3.22
C TRP H 52 -7.21 -6.35 2.84
N GLY H 53 -6.12 -6.06 3.54
CA GLY H 53 -5.31 -4.89 3.25
C GLY H 53 -4.77 -5.01 1.85
N ILE H 54 -4.20 -6.16 1.53
CA ILE H 54 -3.64 -6.37 0.23
C ILE H 54 -4.72 -6.42 -0.83
N LYS H 55 -5.83 -7.09 -0.58
CA LYS H 55 -6.84 -7.11 -1.62
C LYS H 55 -7.37 -5.71 -1.94
N GLN H 56 -7.57 -4.86 -0.93
CA GLN H 56 -8.09 -3.55 -1.26
C GLN H 56 -7.06 -2.72 -1.99
N LEU H 57 -5.79 -2.86 -1.67
CA LEU H 57 -4.83 -2.10 -2.43
C LEU H 57 -4.82 -2.58 -3.85
N GLN H 58 -4.97 -3.88 -4.08
CA GLN H 58 -4.98 -4.34 -5.45
C GLN H 58 -6.15 -3.76 -6.20
N ALA H 59 -7.31 -3.68 -5.55
CA ALA H 59 -8.47 -3.13 -6.20
C ALA H 59 -8.29 -1.68 -6.58
N ARG H 60 -7.65 -0.91 -5.71
CA ARG H 60 -7.46 0.51 -5.96
C ARG H 60 -6.45 0.74 -7.04
N VAL H 61 -5.38 -0.05 -7.04
CA VAL H 61 -4.36 0.12 -8.03
C VAL H 61 -4.93 -0.22 -9.37
N LEU H 62 -5.71 -1.28 -9.47
CA LEU H 62 -6.27 -1.62 -10.75
C LEU H 62 -7.17 -0.53 -11.24
N ALA H 63 -8.02 0.03 -10.38
CA ALA H 63 -8.91 1.06 -10.89
C ALA H 63 -8.12 2.20 -11.50
N VAL H 64 -6.99 2.57 -10.88
CA VAL H 64 -6.19 3.62 -11.44
C VAL H 64 -5.59 3.22 -12.76
N GLU H 65 -5.07 2.01 -12.84
CA GLU H 65 -4.47 1.60 -14.09
C GLU H 65 -5.47 1.56 -15.21
N ARG H 66 -6.69 1.12 -14.96
CA ARG H 66 -7.67 1.08 -16.03
C ARG H 66 -7.98 2.48 -16.49
N TYR H 67 -8.11 3.40 -15.55
CA TYR H 67 -8.38 4.78 -15.90
C TYR H 67 -7.32 5.33 -16.80
N LEU H 68 -6.06 5.14 -16.41
CA LEU H 68 -4.99 5.70 -17.18
C LEU H 68 -4.89 5.07 -18.53
N ARG H 69 -5.14 3.79 -18.66
CA ARG H 69 -5.01 3.19 -19.98
C ARG H 69 -6.01 3.82 -20.93
N ASP H 70 -7.23 4.07 -20.48
CA ASP H 70 -8.19 4.68 -21.38
C ASP H 70 -7.80 6.11 -21.72
N GLN H 71 -7.26 6.83 -20.76
CA GLN H 71 -6.87 8.18 -21.09
C GLN H 71 -5.72 8.20 -22.05
N GLN H 72 -4.80 7.25 -21.93
CA GLN H 72 -3.70 7.24 -22.84
C GLN H 72 -4.18 6.99 -24.24
N LEU H 73 -5.14 6.10 -24.41
CA LEU H 73 -5.59 5.88 -25.77
C LEU H 73 -6.21 7.12 -26.36
N LEU H 74 -6.95 7.87 -25.58
CA LEU H 74 -7.52 9.07 -26.14
C LEU H 74 -6.39 10.02 -26.50
N GLY H 75 -5.34 10.03 -25.71
CA GLY H 75 -4.19 10.87 -25.99
C GLY H 75 -3.57 10.51 -27.34
N ILE H 76 -3.29 9.25 -27.54
CA ILE H 76 -2.67 8.74 -28.76
C ILE H 76 -3.52 8.97 -29.96
N TRP H 77 -4.81 8.87 -29.82
CA TRP H 77 -5.73 9.06 -30.93
C TRP H 77 -6.06 10.53 -31.19
N GLY H 78 -5.51 11.44 -30.39
CA GLY H 78 -5.78 12.87 -30.56
C GLY H 78 -7.10 13.42 -30.01
N CYS H 79 -7.74 12.74 -29.05
CA CYS H 79 -9.02 13.08 -28.43
C CYS H 79 -8.86 13.42 -26.95
N SER H 80 -7.67 13.81 -26.57
CA SER H 80 -7.46 14.13 -25.18
C SER H 80 -8.33 15.29 -24.76
N GLY H 81 -8.96 15.14 -23.61
CA GLY H 81 -9.79 16.21 -23.07
C GLY H 81 -11.19 16.28 -23.67
N LYS H 82 -11.55 15.34 -24.53
CA LYS H 82 -12.86 15.39 -25.15
C LYS H 82 -13.71 14.19 -24.82
N LEU H 83 -15.03 14.36 -24.82
CA LEU H 83 -15.95 13.27 -24.57
C LEU H 83 -16.63 12.80 -25.83
N ILE H 84 -16.79 13.69 -26.80
CA ILE H 84 -17.48 13.36 -28.05
C ILE H 84 -16.65 13.64 -29.34
N CYS H 85 -15.33 13.34 -29.31
CA CYS H 85 -14.32 13.58 -30.35
C CYS H 85 -14.45 12.79 -31.65
N CYS H 86 -14.39 13.50 -32.78
CA CYS H 86 -14.45 12.82 -34.06
C CYS H 86 -13.09 12.87 -34.75
N THR H 87 -12.84 11.89 -35.58
CA THR H 87 -11.59 11.81 -36.31
C THR H 87 -11.76 11.62 -37.79
N ASN H 88 -10.65 11.43 -38.48
CA ASN H 88 -10.65 11.33 -39.94
C ASN H 88 -10.55 9.93 -40.47
N VAL H 89 -10.95 8.98 -39.67
CA VAL H 89 -11.05 7.62 -40.12
C VAL H 89 -12.51 7.51 -40.56
N PRO H 90 -12.80 7.16 -41.81
CA PRO H 90 -14.12 7.05 -42.37
C PRO H 90 -14.77 5.84 -41.80
N TRP H 91 -16.07 5.82 -41.76
CA TRP H 91 -16.75 4.64 -41.30
C TRP H 91 -16.85 3.61 -42.45
N ASN H 92 -16.46 2.35 -42.18
CA ASN H 92 -16.53 1.19 -43.08
C ASN H 92 -17.87 0.48 -42.78
N SER H 93 -18.77 0.42 -43.80
CA SER H 93 -20.16 -0.09 -43.67
C SER H 93 -20.25 -1.55 -43.24
N THR H 94 -19.16 -2.29 -43.38
CA THR H 94 -19.17 -3.69 -42.97
C THR H 94 -19.30 -3.76 -41.45
N TRP H 95 -18.88 -2.70 -40.75
CA TRP H 95 -18.88 -2.66 -39.31
C TRP H 95 -20.31 -2.61 -38.78
N SER H 96 -21.23 -2.08 -39.58
CA SER H 96 -22.62 -1.94 -39.21
C SER H 96 -23.39 -1.53 -40.46
N ASN H 97 -24.10 -2.44 -41.08
CA ASN H 97 -24.75 -2.07 -42.33
C ASN H 97 -26.11 -1.46 -42.14
N ARG H 98 -26.13 -0.27 -41.56
CA ARG H 98 -27.35 0.48 -41.31
C ARG H 98 -27.03 1.95 -41.52
N ASN H 99 -28.05 2.77 -41.70
CA ASN H 99 -27.75 4.18 -41.93
C ASN H 99 -27.57 4.97 -40.63
N LEU H 100 -27.24 6.25 -40.74
CA LEU H 100 -26.95 7.02 -39.52
C LEU H 100 -28.17 7.15 -38.63
N SER H 101 -29.33 7.29 -39.25
CA SER H 101 -30.60 7.49 -38.58
C SER H 101 -31.07 6.24 -37.84
N GLU H 102 -30.44 5.10 -38.13
CA GLU H 102 -30.77 3.83 -37.55
C GLU H 102 -29.81 3.50 -36.41
N ILE H 103 -28.85 4.41 -36.16
CA ILE H 103 -27.84 4.24 -35.13
C ILE H 103 -28.07 5.12 -33.95
N TRP H 104 -28.26 6.40 -34.20
CA TRP H 104 -28.39 7.30 -33.08
C TRP H 104 -29.75 7.26 -32.42
N ASP H 105 -30.67 6.57 -33.05
CA ASP H 105 -31.98 6.39 -32.49
C ASP H 105 -32.38 4.94 -32.72
N ASN H 106 -33.54 4.56 -32.21
CA ASN H 106 -34.10 3.21 -32.32
C ASN H 106 -33.19 2.15 -31.68
N MET H 107 -32.31 2.58 -30.77
CA MET H 107 -31.33 1.70 -30.12
C MET H 107 -30.64 2.42 -28.97
N THR H 108 -30.11 1.66 -28.02
CA THR H 108 -29.28 2.22 -26.94
C THR H 108 -27.81 1.82 -27.08
N TRP H 109 -26.97 2.25 -26.13
CA TRP H 109 -25.52 1.97 -26.17
C TRP H 109 -25.23 0.52 -25.88
N LEU H 110 -26.12 -0.11 -25.14
CA LEU H 110 -26.08 -1.53 -24.90
C LEU H 110 -26.60 -1.90 -26.25
N GLN H 111 -26.39 -3.09 -26.75
CA GLN H 111 -26.87 -3.46 -28.09
C GLN H 111 -25.90 -2.93 -29.12
N TRP H 112 -25.67 -1.62 -29.16
CA TRP H 112 -24.73 -1.09 -30.10
C TRP H 112 -23.36 -1.73 -30.02
N ASP H 113 -22.88 -2.05 -28.83
CA ASP H 113 -21.55 -2.61 -28.74
C ASP H 113 -21.52 -4.05 -29.24
N LYS H 114 -22.68 -4.67 -29.33
CA LYS H 114 -22.76 -6.03 -29.79
C LYS H 114 -22.77 -6.01 -31.29
N GLU H 115 -23.26 -4.89 -31.85
CA GLU H 115 -23.28 -4.73 -33.30
C GLU H 115 -21.85 -4.59 -33.79
N ILE H 116 -21.03 -3.88 -33.00
CA ILE H 116 -19.63 -3.68 -33.36
C ILE H 116 -18.77 -4.89 -33.03
N SER H 117 -18.94 -5.49 -31.86
CA SER H 117 -18.19 -6.69 -31.56
C SER H 117 -16.69 -6.58 -31.78
N ASN H 118 -16.18 -7.50 -32.60
CA ASN H 118 -14.78 -7.67 -32.89
C ASN H 118 -14.18 -6.63 -33.79
N TYR H 119 -14.97 -5.67 -34.25
CA TYR H 119 -14.42 -4.65 -35.11
C TYR H 119 -13.67 -3.63 -34.28
N THR H 120 -13.79 -3.69 -32.96
CA THR H 120 -13.15 -2.74 -32.07
C THR H 120 -11.64 -2.70 -32.25
N GLN H 121 -11.00 -3.85 -32.36
CA GLN H 121 -9.55 -3.87 -32.47
C GLN H 121 -9.06 -3.19 -33.74
N ILE H 122 -9.82 -3.33 -34.82
CA ILE H 122 -9.47 -2.76 -36.08
C ILE H 122 -9.54 -1.26 -35.99
N ILE H 123 -10.61 -0.78 -35.39
CA ILE H 123 -10.79 0.65 -35.28
C ILE H 123 -9.66 1.26 -34.49
N TYR H 124 -9.27 0.64 -33.38
CA TYR H 124 -8.21 1.26 -32.61
C TYR H 124 -6.91 1.35 -33.38
N GLY H 125 -6.56 0.33 -34.15
CA GLY H 125 -5.31 0.42 -34.90
C GLY H 125 -5.35 1.58 -35.91
N LEU H 126 -6.51 1.78 -36.54
CA LEU H 126 -6.65 2.84 -37.52
C LEU H 126 -6.50 4.21 -36.90
N LEU H 127 -7.05 4.37 -35.71
CA LEU H 127 -7.01 5.66 -35.06
C LEU H 127 -5.58 6.04 -34.71
N GLU H 128 -4.80 5.07 -34.22
CA GLU H 128 -3.42 5.35 -33.84
C GLU H 128 -2.56 5.76 -35.02
N GLU H 129 -2.69 5.07 -36.14
CA GLU H 129 -1.83 5.46 -37.23
C GLU H 129 -2.21 6.81 -37.78
N SER H 130 -3.51 7.11 -37.82
CA SER H 130 -3.87 8.39 -38.35
C SER H 130 -3.26 9.50 -37.54
N GLN H 131 -3.29 9.40 -36.21
CA GLN H 131 -2.74 10.49 -35.45
C GLN H 131 -1.26 10.63 -35.69
N ASN H 132 -0.55 9.53 -35.89
CA ASN H 132 0.87 9.65 -36.11
C ASN H 132 1.17 10.49 -37.34
N GLN H 133 0.32 10.34 -38.36
CA GLN H 133 0.56 11.07 -39.58
C GLN H 133 0.20 12.53 -39.40
N GLN H 134 -0.83 12.80 -38.61
CA GLN H 134 -1.25 14.18 -38.42
C GLN H 134 -0.20 14.96 -37.69
N GLU H 135 0.45 14.35 -36.71
CA GLU H 135 1.46 15.08 -35.99
C GLU H 135 2.65 15.36 -36.87
N LYS H 136 3.02 14.41 -37.72
CA LYS H 136 4.14 14.67 -38.58
C LYS H 136 3.84 15.80 -39.53
N ASN H 137 2.62 15.85 -40.06
CA ASN H 137 2.33 16.91 -40.99
C ASN H 137 2.39 18.28 -40.34
N GLU H 138 1.94 18.38 -39.09
CA GLU H 138 1.98 19.66 -38.41
C GLU H 138 3.41 20.07 -38.13
N GLN H 139 4.26 19.08 -37.85
CA GLN H 139 5.65 19.36 -37.56
C GLN H 139 6.32 19.96 -38.78
N ASP H 140 5.95 19.54 -39.99
CA ASP H 140 6.56 20.16 -41.13
C ASP H 140 5.95 21.50 -41.45
N LEU H 141 4.67 21.68 -41.20
CA LEU H 141 4.06 22.99 -41.48
C LEU H 141 4.73 24.09 -40.67
N LEU H 142 5.08 23.78 -39.43
CA LEU H 142 5.70 24.75 -38.53
C LEU H 142 7.13 25.09 -38.91
N ALA H 143 7.69 24.36 -39.86
CA ALA H 143 9.03 24.64 -40.37
C ALA H 143 9.08 25.84 -41.35
N LEU H 144 7.92 26.27 -41.93
CA LEU H 144 7.83 27.33 -42.94
C LEU H 144 7.80 28.67 -42.23
C1 NAG I . 12.22 8.55 49.65
C2 NAG I . 10.72 8.06 49.89
C3 NAG I . 10.24 8.67 51.25
C4 NAG I . 11.19 8.23 52.41
C5 NAG I . 12.65 8.71 52.07
C6 NAG I . 13.72 8.26 53.07
C7 NAG I . 9.39 7.89 47.78
C8 NAG I . 8.57 8.55 46.71
N2 NAG I . 9.87 8.62 48.80
O3 NAG I . 8.92 8.15 51.52
O4 NAG I . 10.75 8.94 53.61
O5 NAG I . 13.05 8.14 50.76
O6 NAG I . 15.00 8.80 52.75
O7 NAG I . 9.63 6.67 47.71
C1 NAG I . 10.66 8.12 54.88
C2 NAG I . 10.79 9.10 56.11
C3 NAG I . 10.75 8.24 57.42
C4 NAG I . 9.41 7.41 57.46
C5 NAG I . 9.32 6.50 56.18
C6 NAG I . 8.00 5.72 56.07
C7 NAG I . 12.18 11.17 56.02
C8 NAG I . 13.54 11.82 55.86
N2 NAG I . 12.08 9.84 55.99
O3 NAG I . 10.82 9.11 58.57
O4 NAG I . 9.39 6.59 58.63
O5 NAG I . 9.43 7.35 54.96
O6 NAG I . 6.86 6.57 55.92
O7 NAG I . 11.19 11.90 56.17
C1 NAG J . 27.21 11.31 44.84
C2 NAG J . 28.41 10.57 44.11
C3 NAG J . 29.11 9.63 45.15
C4 NAG J . 29.60 10.44 46.39
C5 NAG J . 28.36 11.18 47.03
C6 NAG J . 28.72 12.10 48.20
C7 NAG J . 28.04 10.05 41.69
C8 NAG J . 27.38 9.22 40.62
N2 NAG J . 27.82 9.78 43.00
O3 NAG J . 30.23 9.00 44.49
O4 NAG J . 30.08 9.52 47.41
O5 NAG J . 27.72 12.05 46.00
O6 NAG J . 27.57 12.44 48.95
O7 NAG J . 28.78 10.98 41.36
C1 NAG J . 31.57 9.46 47.63
C2 NAG J . 31.82 8.78 49.05
C3 NAG J . 33.37 8.69 49.27
C4 NAG J . 34.02 7.87 48.10
C5 NAG J . 33.72 8.59 46.75
C6 NAG J . 34.26 7.82 45.53
C7 NAG J . 30.04 9.35 50.71
C8 NAG J . 29.51 10.27 51.78
N2 NAG J . 31.22 9.64 50.11
O3 NAG J . 33.62 8.03 50.53
O4 NAG J . 35.44 7.79 48.31
O5 NAG J . 32.25 8.71 46.58
O6 NAG J . 34.12 8.59 44.33
O7 NAG J . 29.38 8.36 50.41
C1 NAG K . 29.27 14.43 37.07
C2 NAG K . 29.37 15.70 38.02
C3 NAG K . 30.35 16.73 37.38
C4 NAG K . 31.76 16.07 37.15
C5 NAG K . 31.56 14.81 36.21
C6 NAG K . 32.84 14.04 35.90
C7 NAG K . 27.25 16.38 39.17
C8 NAG K . 25.87 16.97 39.10
N2 NAG K . 28.00 16.29 38.07
O3 NAG K . 30.48 17.85 38.27
O4 NAG K . 32.61 17.04 36.49
O5 NAG K . 30.61 13.86 36.86
O6 NAG K . 32.59 12.91 35.07
O7 NAG K . 27.67 15.99 40.27
C1 NAG K . 33.98 17.25 37.10
C2 NAG K . 34.75 18.29 36.20
C3 NAG K . 36.19 18.49 36.81
C4 NAG K . 36.08 18.95 38.30
C5 NAG K . 35.28 17.87 39.12
C6 NAG K . 35.05 18.26 40.58
C7 NAG K . 34.10 18.20 33.80
C8 NAG K . 34.27 17.59 32.43
N2 NAG K . 34.86 17.76 34.82
O3 NAG K . 36.88 19.50 36.04
O4 NAG K . 37.39 19.09 38.85
O5 NAG K . 33.93 17.69 38.49
O6 NAG K . 34.54 17.18 41.35
O7 NAG K . 33.25 19.10 33.96
C1 NAG L . 21.59 11.52 27.74
C2 NAG L . 21.29 9.98 27.96
C3 NAG L . 22.57 9.30 28.51
C4 NAG L . 23.77 9.49 27.54
C5 NAG L . 23.99 11.04 27.34
C6 NAG L . 25.09 11.37 26.32
C7 NAG L . 19.13 9.08 28.81
C8 NAG L . 18.14 8.97 29.92
N2 NAG L . 20.23 9.83 28.98
O3 NAG L . 22.32 7.89 28.63
O4 NAG L . 24.95 8.95 28.20
O5 NAG L . 22.74 11.66 26.85
O6 NAG L . 24.83 10.84 25.02
O7 NAG L . 18.91 8.47 27.77
C1 NAG L . 25.73 7.94 27.41
C2 NAG L . 27.13 7.71 28.09
C3 NAG L . 27.95 6.72 27.18
C4 NAG L . 27.15 5.37 27.02
C5 NAG L . 25.73 5.69 26.42
C6 NAG L . 24.82 4.46 26.34
C7 NAG L . 28.17 9.58 29.39
C8 NAG L . 28.83 10.92 29.44
N2 NAG L . 27.82 9.04 28.21
O3 NAG L . 29.22 6.46 27.79
O4 NAG L . 27.83 4.54 26.04
O5 NAG L . 25.03 6.68 27.26
O6 NAG L . 24.45 3.98 27.65
O7 NAG L . 27.95 8.98 30.45
C1 BMA L . 28.48 3.28 26.55
C2 BMA L . 28.71 2.28 25.36
C3 BMA L . 29.34 0.99 25.93
C4 BMA L . 30.66 1.33 26.64
C5 BMA L . 30.37 2.35 27.79
C6 BMA L . 31.65 2.79 28.52
O2 BMA L . 29.55 2.88 24.37
O3 BMA L . 29.60 0.04 24.86
O4 BMA L . 31.21 0.14 27.19
O5 BMA L . 29.73 3.56 27.23
O6 BMA L . 32.74 2.98 27.61
C1 MAN L . 28.58 -1.06 24.68
C2 MAN L . 29.24 -2.29 23.99
C3 MAN L . 29.57 -1.90 22.54
C4 MAN L . 28.28 -1.49 21.85
C5 MAN L . 27.70 -0.28 22.60
C6 MAN L . 26.41 0.19 21.96
O2 MAN L . 28.29 -3.38 24.04
O3 MAN L . 30.18 -3.00 21.85
O4 MAN L . 28.56 -1.13 20.51
O5 MAN L . 27.41 -0.64 23.98
O6 MAN L . 26.62 0.61 20.62
C1 MAN L . 28.88 -4.75 24.36
C2 MAN L . 27.72 -5.81 24.52
C3 MAN L . 26.96 -5.49 25.85
C4 MAN L . 27.95 -5.53 27.07
C5 MAN L . 29.08 -4.45 26.83
C6 MAN L . 30.16 -4.45 27.92
O2 MAN L . 28.25 -7.14 24.50
O3 MAN L . 25.90 -6.46 26.04
O4 MAN L . 27.24 -5.21 28.29
O5 MAN L . 29.76 -4.76 25.54
O6 MAN L . 30.76 -3.17 28.10
C1 MAN L . 33.85 3.82 28.13
C2 MAN L . 33.58 5.33 27.77
C3 MAN L . 33.64 5.46 26.21
C4 MAN L . 35.05 4.98 25.68
C5 MAN L . 35.27 3.49 26.13
C6 MAN L . 36.65 2.93 25.76
O2 MAN L . 34.51 6.18 28.44
O3 MAN L . 33.41 6.82 25.83
O4 MAN L . 35.06 5.09 24.25
O5 MAN L . 35.15 3.39 27.62
O6 MAN L . 36.79 2.74 24.36
C1 NAG M . 24.07 -18.50 45.99
C2 NAG M . 25.51 -17.88 46.30
C3 NAG M . 26.59 -18.80 45.63
C4 NAG M . 26.48 -20.26 46.20
C5 NAG M . 25.02 -20.78 45.93
C6 NAG M . 24.74 -22.17 46.52
C7 NAG M . 25.34 -15.39 46.41
C8 NAG M . 25.51 -14.06 45.73
N2 NAG M . 25.62 -16.51 45.72
O3 NAG M . 27.90 -18.24 45.86
O4 NAG M . 27.38 -21.10 45.43
O5 NAG M . 24.02 -19.86 46.54
O6 NAG M . 23.43 -22.65 46.17
O7 NAG M . 24.97 -15.43 47.59
C1 NAG M . 28.34 -21.98 46.20
C2 NAG M . 28.88 -23.08 45.19
C3 NAG M . 29.86 -24.02 45.97
C4 NAG M . 31.04 -23.18 46.57
C5 NAG M . 30.44 -22.08 47.53
C6 NAG M . 31.50 -21.14 48.10
C7 NAG M . 27.33 -23.84 43.39
C8 NAG M . 26.15 -24.67 42.96
N2 NAG M . 27.72 -23.87 44.67
O3 NAG M . 30.39 -25.01 45.07
O4 NAG M . 31.91 -24.03 47.31
O5 NAG M . 29.46 -21.24 46.77
O6 NAG M . 32.18 -20.40 47.07
O7 NAG M . 27.92 -23.14 42.54
C1 NAG N . 14.52 -30.37 41.70
C2 NAG N . 14.07 -29.60 43.02
C3 NAG N . 14.39 -30.50 44.25
C4 NAG N . 13.64 -31.88 44.11
C5 NAG N . 14.11 -32.57 42.78
C6 NAG N . 13.38 -33.88 42.49
C7 NAG N . 14.35 -27.15 43.35
C8 NAG N . 15.26 -25.96 43.42
N2 NAG N . 14.87 -28.36 43.10
O3 NAG N . 13.94 -29.84 45.45
O4 NAG N . 14.04 -32.73 45.21
O5 NAG N . 13.83 -31.67 41.64
O6 NAG N . 13.95 -34.59 41.40
O7 NAG N . 13.13 -27.00 43.53
C1 NAG N . 12.96 -33.12 46.18
C2 NAG N . 13.48 -34.32 47.06
C3 NAG N . 12.35 -34.72 48.06
C4 NAG N . 11.96 -33.48 48.95
C5 NAG N . 11.47 -32.31 48.01
C6 NAG N . 11.16 -31.02 48.76
C7 NAG N . 15.04 -35.73 45.72
C8 NAG N . 15.27 -36.91 44.80
N2 NAG N . 13.80 -35.47 46.16
O3 NAG N . 12.82 -35.78 48.92
O4 NAG N . 10.92 -33.85 49.86
O5 NAG N . 12.55 -31.99 47.02
O6 NAG N . 10.53 -30.05 47.93
O7 NAG N . 16.02 -35.04 46.05
C1 NAG O . -0.71 -11.97 41.40
C2 NAG O . -2.05 -11.14 41.22
C3 NAG O . -1.84 -9.74 41.90
C4 NAG O . -1.50 -9.93 43.42
C5 NAG O . -0.21 -10.84 43.54
C6 NAG O . 0.14 -11.21 44.98
C7 NAG O . -3.52 -11.37 39.23
C8 NAG O . -3.74 -11.20 37.76
N2 NAG O . -2.35 -10.99 39.78
O3 NAG O . -3.04 -8.98 41.76
O4 NAG O . -1.17 -8.61 43.95
O5 NAG O . -0.43 -12.13 42.83
O6 NAG O . -0.87 -11.99 45.63
O7 NAG O . -4.44 -11.86 39.92
C1 NAG O . -1.90 -8.20 45.20
C2 NAG O . -1.09 -7.01 45.87
C3 NAG O . -1.85 -6.62 47.20
C4 NAG O . -3.33 -6.21 46.87
C5 NAG O . -4.05 -7.42 46.16
C6 NAG O . -5.46 -7.10 45.70
C7 NAG O . 1.37 -7.19 45.43
C8 NAG O . 2.72 -7.71 45.81
N2 NAG O . 0.29 -7.48 46.19
O3 NAG O . -1.17 -5.51 47.83
O4 NAG O . -4.01 -5.88 48.08
O5 NAG O . -3.28 -7.80 44.94
O6 NAG O . -6.15 -8.26 45.23
O7 NAG O . 1.26 -6.50 44.40
C1 NAG P . 22.75 -0.56 -39.54
C2 NAG P . 21.28 -0.09 -39.90
C3 NAG P . 20.96 -0.58 -41.36
C4 NAG P . 21.99 0.04 -42.38
C5 NAG P . 23.46 -0.34 -41.90
C6 NAG P . 24.55 0.33 -42.75
C7 NAG P . 19.27 0.04 -38.45
C8 NAG P . 18.35 -0.55 -37.42
N2 NAG P . 20.33 -0.65 -38.90
O3 NAG P . 19.61 -0.21 -41.71
O4 NAG P . 21.83 -0.64 -43.65
O5 NAG P . 23.69 0.07 -40.48
O6 NAG P . 24.54 1.75 -42.65
O7 NAG P . 19.03 1.19 -38.87
C1 NAG P . 21.15 0.10 -44.78
C2 NAG P . 21.25 -0.86 -46.03
C3 NAG P . 20.53 -0.19 -47.25
C4 NAG P . 19.04 0.13 -46.88
C5 NAG P . 19.02 1.09 -45.63
C6 NAG P . 17.61 1.39 -45.12
C7 NAG P . 23.29 -2.30 -46.22
C8 NAG P . 24.75 -2.44 -46.55
N2 NAG P . 22.69 -1.10 -46.35
O3 NAG P . 20.56 -1.08 -48.37
O4 NAG P . 18.39 0.76 -48.00
O5 NAG P . 19.75 0.43 -44.51
O6 NAG P . 16.89 2.27 -45.99
O7 NAG P . 22.67 -3.30 -45.84
C1 NAG Q . 37.39 -39.55 -0.68
C2 NAG Q . 37.64 -39.32 0.87
C3 NAG Q . 39.18 -39.42 1.13
C4 NAG Q . 39.75 -40.80 0.64
C5 NAG Q . 39.42 -40.94 -0.89
C6 NAG Q . 39.91 -42.25 -1.50
C7 NAG Q . 36.10 -37.69 1.92
C8 NAG Q . 35.69 -36.25 2.15
N2 NAG Q . 37.16 -37.95 1.16
O3 NAG Q . 39.37 -39.28 2.55
O4 NAG Q . 41.19 -40.83 0.76
O5 NAG Q . 37.97 -40.84 -1.10
O6 NAG Q . 39.45 -43.40 -0.81
O7 NAG Q . 35.44 -38.60 2.44
C1 NAG Q . 41.77 -41.53 1.97
C2 NAG Q . 43.20 -42.09 1.57
C3 NAG Q . 43.81 -42.80 2.83
C4 NAG Q . 43.90 -41.78 4.02
C5 NAG Q . 42.46 -41.23 4.34
C6 NAG Q . 42.45 -40.14 5.40
C7 NAG Q . 43.77 -43.02 -0.66
C8 NAG Q . 43.55 -44.04 -1.75
N2 NAG Q . 43.05 -43.06 0.45
O3 NAG Q . 45.13 -43.29 2.51
O4 NAG Q . 44.41 -42.45 5.19
O5 NAG Q . 41.88 -40.63 3.11
O6 NAG Q . 43.26 -39.00 5.07
O7 NAG Q . 44.64 -42.15 -0.84
C1 NAG R . 28.71 -48.37 -11.07
C2 NAG R . 27.26 -49.06 -11.02
C3 NAG R . 27.36 -50.36 -10.17
C4 NAG R . 28.43 -51.33 -10.80
C5 NAG R . 29.81 -50.58 -10.85
C6 NAG R . 30.90 -51.41 -11.54
C7 NAG R . 25.39 -47.42 -11.08
C8 NAG R . 24.47 -46.45 -10.39
N2 NAG R . 26.30 -48.10 -10.38
O3 NAG R . 26.07 -51.00 -10.18
O4 NAG R . 28.61 -52.50 -9.94
O5 NAG R . 29.67 -49.34 -11.63
O6 NAG R . 32.19 -50.81 -11.41
O7 NAG R . 25.29 -47.58 -12.30
C1 NAG R . 28.05 -53.81 -10.47
C2 NAG R . 28.76 -54.99 -9.70
C3 NAG R . 28.16 -56.35 -10.23
C4 NAG R . 26.61 -56.36 -10.02
C5 NAG R . 25.98 -55.14 -10.78
C6 NAG R . 24.47 -55.02 -10.57
C7 NAG R . 31.16 -54.99 -9.01
C8 NAG R . 32.62 -54.93 -9.38
N2 NAG R . 30.22 -54.95 -9.98
O3 NAG R . 28.75 -57.45 -9.53
O4 NAG R . 26.07 -57.59 -10.53
O5 NAG R . 26.59 -53.88 -10.30
O6 NAG R . 24.10 -54.93 -9.19
O7 NAG R . 30.86 -55.07 -7.82
C1 NAG S . 21.63 -34.15 -21.13
C2 NAG S . 20.21 -33.41 -21.17
C3 NAG S . 19.38 -33.97 -22.35
C4 NAG S . 20.17 -33.75 -23.69
C5 NAG S . 21.56 -34.49 -23.59
C6 NAG S . 22.47 -34.26 -24.79
C7 NAG S . 19.12 -32.77 -19.03
C8 NAG S . 18.45 -33.21 -17.76
N2 NAG S . 19.53 -33.72 -19.89
O3 NAG S . 18.13 -33.27 -22.39
O4 NAG S . 19.36 -34.33 -24.74
O5 NAG S . 22.31 -33.97 -22.41
O6 NAG S . 23.73 -34.92 -24.65
O7 NAG S . 19.29 -31.57 -19.25
C1 NAG S . 19.19 -33.51 -26.01
C2 NAG S . 18.79 -34.50 -27.18
C3 NAG S . 18.67 -33.65 -28.50
C4 NAG S . 17.62 -32.50 -28.31
C5 NAG S . 18.05 -31.61 -27.09
C6 NAG S . 17.04 -30.51 -26.77
C7 NAG S . 19.73 -36.77 -26.79
C8 NAG S . 20.84 -37.77 -26.97
N2 NAG S . 19.84 -35.55 -27.33
O3 NAG S . 18.27 -34.50 -29.58
O4 NAG S . 17.55 -31.71 -29.49
O5 NAG S . 18.22 -32.44 -25.87
O6 NAG S . 15.73 -31.02 -26.49
O7 NAG S . 18.73 -37.12 -26.14
C1 NAG T . 18.28 -33.27 -13.81
C2 NAG T . 17.85 -33.48 -12.29
C3 NAG T . 17.38 -34.96 -12.13
C4 NAG T . 16.17 -35.26 -13.09
C5 NAG T . 16.64 -34.97 -14.56
C6 NAG T . 15.53 -35.15 -15.60
C7 NAG T . 18.93 -32.64 -10.21
C8 NAG T . 20.16 -32.40 -9.40
N2 NAG T . 19.03 -33.20 -11.42
O3 NAG T . 16.95 -35.16 -10.77
O4 NAG T . 15.83 -36.67 -12.99
O5 NAG T . 17.12 -33.58 -14.65
O6 NAG T . 14.45 -34.24 -15.45
O7 NAG T . 17.84 -32.32 -9.74
C1 NAG T . 14.39 -36.98 -12.67
C2 NAG T . 14.13 -38.51 -12.87
C3 NAG T . 12.60 -38.77 -12.62
C4 NAG T . 12.20 -38.28 -11.18
C5 NAG T . 12.56 -36.76 -11.04
C6 NAG T . 12.31 -36.19 -9.64
C7 NAG T . 15.47 -39.84 -14.51
C8 NAG T . 15.84 -40.16 -15.93
N2 NAG T . 14.54 -38.90 -14.25
O3 NAG T . 12.34 -40.18 -12.76
O4 NAG T . 10.75 -38.38 -11.01
O5 NAG T . 14.00 -36.56 -11.33
O6 NAG T . 13.18 -36.70 -8.63
O7 NAG T . 16.03 -40.44 -13.59
C1 BMA T . 10.24 -39.45 -10.08
C2 BMA T . 8.80 -39.08 -9.59
C3 BMA T . 8.31 -40.18 -8.60
C4 BMA T . 8.33 -41.55 -9.32
C5 BMA T . 9.78 -41.84 -9.82
C6 BMA T . 9.88 -43.15 -10.62
O2 BMA T . 7.92 -38.96 -10.72
O3 BMA T . 6.95 -39.85 -8.18
O4 BMA T . 7.93 -42.57 -8.42
O5 BMA T . 10.24 -40.76 -10.71
O6 BMA T . 8.64 -43.50 -11.24
C1 MAN T . 6.67 -40.06 -6.71
C2 MAN T . 5.12 -39.95 -6.41
C3 MAN T . 4.69 -38.46 -6.59
C4 MAN T . 5.53 -37.53 -5.65
C5 MAN T . 7.06 -37.71 -6.00
C6 MAN T . 8.00 -36.93 -5.09
O2 MAN T . 4.83 -40.44 -5.10
O3 MAN T . 3.28 -38.34 -6.29
O4 MAN T . 5.13 -36.18 -5.85
O5 MAN T . 7.42 -39.15 -5.85
O6 MAN T . 7.99 -35.54 -5.35
C1 MAN T . 8.72 -44.14 -12.59
C2 MAN T . 8.79 -43.05 -13.72
C3 MAN T . 7.42 -42.28 -13.73
C4 MAN T . 6.24 -43.28 -13.95
C5 MAN T . 6.28 -44.34 -12.80
C6 MAN T . 5.21 -45.43 -12.95
O2 MAN T . 9.07 -43.66 -14.99
O3 MAN T . 7.45 -41.30 -14.79
O4 MAN T . 5.01 -42.56 -13.92
O5 MAN T . 7.59 -45.04 -12.81
O6 MAN T . 5.07 -46.22 -11.76
C1 NAG U . 15.93 -52.12 15.88
C2 NAG U . 15.87 -53.36 14.88
C3 NAG U . 14.40 -53.90 14.88
C4 NAG U . 13.97 -54.33 16.34
C5 NAG U . 14.11 -53.07 17.27
C6 NAG U . 13.73 -53.31 18.74
C7 NAG U . 17.47 -53.03 13.00
C8 NAG U . 17.76 -52.56 11.60
N2 NAG U . 16.23 -52.92 13.51
O3 NAG U . 14.28 -54.99 13.94
O4 NAG U . 12.58 -54.75 16.33
O5 NAG U . 15.50 -52.55 17.22
O6 NAG U . 13.63 -52.09 19.46
O7 NAG U . 18.40 -53.52 13.67
C1 NAG U . 12.27 -56.10 16.93
C2 NAG U . 10.71 -56.20 17.12
C3 NAG U . 10.38 -57.60 17.76
C4 NAG U . 10.95 -58.75 16.86
C5 NAG U . 12.51 -58.56 16.70
C6 NAG U . 13.16 -59.58 15.77
C7 NAG U . 9.59 -54.02 17.63
C8 NAG U . 9.19 -52.99 18.65
N2 NAG U . 10.26 -55.12 18.04
O3 NAG U . 8.96 -57.75 17.88
O4 NAG U . 10.67 -60.02 17.47
O5 NAG U . 12.78 -57.21 16.12
O6 NAG U . 14.57 -59.56 15.87
O7 NAG U . 9.31 -53.82 16.43
C1 NAG V . 26.82 -28.35 19.70
C2 NAG V . 28.07 -27.44 20.05
C3 NAG V . 29.21 -27.74 19.02
C4 NAG V . 29.59 -29.26 19.10
C5 NAG V . 28.31 -30.11 18.79
C6 NAG V . 28.54 -31.62 18.92
C7 NAG V . 27.24 -25.31 21.03
C8 NAG V . 26.83 -23.88 20.87
N2 NAG V . 27.65 -26.01 19.97
O3 NAG V . 30.35 -26.93 19.34
O4 NAG V . 30.58 -29.54 18.06
O5 NAG V . 27.22 -29.77 19.75
O6 NAG V . 29.07 -32.02 20.19
O7 NAG V . 27.21 -25.83 22.17
C1 NAG V . 31.87 -30.16 18.52
C2 NAG V . 32.56 -30.83 17.27
C3 NAG V . 33.92 -31.47 17.74
C4 NAG V . 34.83 -30.37 18.40
C5 NAG V . 34.06 -29.74 19.61
C6 NAG V . 34.82 -28.60 20.29
C7 NAG V . 30.90 -31.80 15.67
C8 NAG V . 30.04 -32.96 15.24
N2 NAG V . 31.67 -31.92 16.75
O3 NAG V . 34.60 -32.03 16.61
O4 NAG V . 36.04 -30.97 18.87
O5 NAG V . 32.76 -29.18 19.14
O6 NAG V . 35.14 -27.54 19.39
O7 NAG V . 30.86 -30.75 15.01
C1 NAG W . -36.08 -21.36 -14.69
C2 NAG W . -36.09 -20.47 -15.92
C3 NAG W . -36.28 -21.33 -17.15
C4 NAG W . -35.20 -22.40 -17.18
C5 NAG W . -35.24 -23.20 -15.89
C6 NAG W . -34.10 -24.21 -15.87
C7 NAG W . -37.27 -18.58 -16.86
C8 NAG W . -38.39 -17.60 -16.74
N2 NAG W . -37.11 -19.43 -15.86
O3 NAG W . -36.11 -20.55 -18.32
O4 NAG W . -35.66 -23.26 -18.22
O5 NAG W . -35.07 -22.36 -14.76
O6 NAG W . -34.27 -25.09 -14.74
O7 NAG W . -36.54 -18.59 -17.85
C1 NAG W . -34.73 -23.37 -19.30
C2 NAG W . -34.73 -24.82 -19.77
C3 NAG W . -33.74 -24.97 -20.92
C4 NAG W . -34.16 -24.01 -22.01
C5 NAG W . -34.18 -22.59 -21.49
C6 NAG W . -34.62 -21.70 -22.65
C7 NAG W . -35.44 -26.47 -18.12
C8 NAG W . -35.01 -27.31 -16.95
N2 NAG W . -34.46 -25.76 -18.70
O3 NAG W . -33.75 -26.31 -21.41
O4 NAG W . -33.22 -24.09 -23.09
O5 NAG W . -35.09 -22.53 -20.40
O6 NAG W . -35.75 -20.87 -22.33
O7 NAG W . -36.59 -26.45 -18.50
C1 NAG X . -35.27 -38.97 15.45
C2 NAG X . -34.27 -40.16 15.79
C3 NAG X . -34.92 -41.50 15.31
C4 NAG X . -36.31 -41.70 16.02
C5 NAG X . -37.22 -40.47 15.70
C6 NAG X . -38.58 -40.52 16.42
C7 NAG X . -31.82 -39.89 15.58
C8 NAG X . -30.63 -39.57 14.74
N2 NAG X . -33.02 -39.88 15.05
O3 NAG X . -34.05 -42.60 15.66
O4 NAG X . -36.98 -42.86 15.46
O5 NAG X . -36.55 -39.21 16.13
O6 NAG X . -38.47 -40.76 17.82
O7 NAG X . -31.65 -40.14 16.78
C1 NAG X . -37.14 -44.07 16.37
C2 NAG X . -38.34 -44.94 15.82
C3 NAG X . -38.47 -46.22 16.73
C4 NAG X . -37.12 -47.01 16.75
C5 NAG X . -35.99 -46.07 17.28
C6 NAG X . -34.61 -46.71 17.27
C7 NAG X . -40.38 -43.82 14.90
C8 NAG X . -41.65 -43.05 15.14
N2 NAG X . -39.61 -44.17 15.93
O3 NAG X . -39.52 -47.06 16.22
O4 NAG X . -37.25 -48.17 17.58
O5 NAG X . -35.91 -44.85 16.42
O6 NAG X . -34.42 -47.66 18.29
O7 NAG X . -40.08 -44.12 13.73
C1 NAG Y . -40.51 -13.43 11.19
C2 NAG Y . -39.67 -12.11 10.87
C3 NAG Y . -40.47 -10.87 11.37
C4 NAG Y . -41.88 -10.83 10.67
C5 NAG Y . -42.64 -12.17 11.02
C6 NAG Y . -44.03 -12.29 10.37
C7 NAG Y . -37.19 -12.30 10.93
C8 NAG Y . -35.92 -12.43 11.72
N2 NAG Y . -38.37 -12.22 11.59
O3 NAG Y . -39.73 -9.68 11.07
O4 NAG Y . -42.63 -9.70 11.16
O5 NAG Y . -41.83 -13.33 10.57
O6 NAG Y . -44.68 -13.51 10.72
O7 NAG Y . -37.13 -12.27 9.70
C1 NAG Y . -43.28 -8.83 10.11
C2 NAG Y . -44.23 -7.80 10.83
C3 NAG Y . -44.94 -6.94 9.73
C4 NAG Y . -43.86 -6.23 8.84
C5 NAG Y . -42.93 -7.31 8.19
C6 NAG Y . -41.78 -6.70 7.39
C7 NAG Y . -45.19 -8.63 12.99
C8 NAG Y . -46.24 -9.42 13.72
N2 NAG Y . -45.24 -8.55 11.65
O3 NAG Y . -45.77 -5.94 10.35
O4 NAG Y . -44.51 -5.47 7.82
O5 NAG Y . -42.31 -8.14 9.27
O6 NAG Y . -41.08 -7.70 6.65
O7 NAG Y . -44.30 -8.07 13.65
C1 NAG Z . -33.31 -14.78 13.84
C2 NAG Z . -32.09 -15.31 14.70
C3 NAG Z . -32.50 -15.30 16.21
C4 NAG Z . -32.91 -13.86 16.65
C5 NAG Z . -34.08 -13.37 15.74
C6 NAG Z . -34.53 -11.94 16.04
C7 NAG Z . -30.57 -17.24 14.26
C8 NAG Z . -30.37 -18.64 13.81
N2 NAG Z . -31.81 -16.70 14.25
O3 NAG Z . -31.38 -15.74 17.00
O4 NAG Z . -33.43 -13.91 18.02
O5 NAG Z . -33.67 -13.43 14.31
O6 NAG Z . -35.47 -11.43 15.09
O7 NAG Z . -29.60 -16.59 14.64
C1 NAG Z . -32.73 -13.06 19.03
C2 NAG Z . -33.56 -13.06 20.37
C3 NAG Z . -32.86 -12.09 21.38
C4 NAG Z . -31.38 -12.59 21.64
C5 NAG Z . -30.62 -12.64 20.26
C6 NAG Z . -29.22 -13.24 20.38
C7 NAG Z . -36.02 -13.40 20.48
C8 NAG Z . -37.42 -12.95 20.18
N2 NAG Z . -34.97 -12.65 20.10
O3 NAG Z . -33.61 -12.09 22.62
O4 NAG Z . -30.67 -11.63 22.48
O5 NAG Z . -31.37 -13.49 19.29
O6 NAG Z . -29.22 -14.61 20.80
O7 NAG Z . -35.86 -14.46 21.10
C1 BMA Z . -30.36 -12.10 23.87
C2 BMA Z . -29.26 -11.19 24.53
C3 BMA Z . -28.95 -11.76 25.93
C4 BMA Z . -30.24 -11.78 26.79
C5 BMA Z . -31.31 -12.66 26.05
C6 BMA Z . -32.67 -12.70 26.77
O2 BMA Z . -29.70 -9.83 24.59
O3 BMA Z . -27.93 -10.94 26.57
O4 BMA Z . -29.95 -12.33 28.06
O5 BMA Z . -31.55 -12.14 24.70
O6 BMA Z . -32.75 -11.88 27.93
C1 MAN Z . -26.78 -11.71 27.24
C2 MAN Z . -26.17 -10.91 28.40
C3 MAN Z . -25.50 -9.66 27.84
C4 MAN Z . -24.42 -10.12 26.86
C5 MAN Z . -25.06 -10.93 25.73
C6 MAN Z . -24.01 -11.46 24.80
O2 MAN Z . -25.15 -11.73 29.01
O3 MAN Z . -24.93 -8.88 28.89
O4 MAN Z . -23.76 -8.98 26.32
O5 MAN Z . -25.76 -12.09 26.29
O6 MAN Z . -23.27 -10.40 24.21
C1 MAN Z . -25.35 -12.10 30.48
C2 MAN Z . -23.98 -12.59 31.10
C3 MAN Z . -23.61 -13.96 30.45
C4 MAN Z . -24.76 -15.00 30.71
C5 MAN Z . -26.09 -14.44 30.07
C6 MAN Z . -27.29 -15.37 30.31
O2 MAN Z . -24.08 -12.66 32.52
O3 MAN Z . -22.37 -14.44 31.00
O4 MAN Z . -24.43 -16.26 30.14
O5 MAN Z . -26.40 -13.11 30.67
O6 MAN Z . -28.51 -14.80 29.83
C1 MAN Z . -34.12 -11.40 28.30
C2 MAN Z . -34.35 -9.98 27.65
C3 MAN Z . -33.35 -8.98 28.31
C4 MAN Z . -33.56 -8.96 29.86
C5 MAN Z . -33.35 -10.42 30.43
C6 MAN Z . -33.61 -10.56 31.93
O2 MAN Z . -35.72 -9.58 27.81
O3 MAN Z . -33.55 -7.66 27.76
O4 MAN Z . -32.59 -8.07 30.45
O5 MAN Z . -34.29 -11.35 29.75
O6 MAN Z . -32.56 -10.02 32.72
C1 NAG AA . -19.20 -33.94 39.58
C2 NAG AA . -20.43 -33.31 40.36
C3 NAG AA . -19.84 -32.50 41.57
C4 NAG AA . -19.03 -33.46 42.51
C5 NAG AA . -17.88 -34.14 41.66
C6 NAG AA . -17.12 -35.22 42.41
C7 NAG AA . -22.31 -32.76 38.84
C8 NAG AA . -23.03 -31.77 37.99
N2 NAG AA . -21.20 -32.39 39.49
O3 NAG AA . -20.91 -31.86 42.30
O4 NAG AA . -18.39 -32.64 43.55
O5 NAG AA . -18.47 -34.82 40.49
O6 NAG AA . -15.94 -35.62 41.72
O7 NAG AA . -22.75 -33.91 38.94
C1 NAG AA . -18.68 -32.99 44.98
C2 NAG AA . -17.45 -32.58 45.89
C3 NAG AA . -17.78 -33.04 47.36
C4 NAG AA . -19.10 -32.34 47.86
C5 NAG AA . -20.26 -32.71 46.88
C6 NAG AA . -21.55 -31.95 47.19
C7 NAG AA . -15.26 -32.55 44.69
C8 NAG AA . -14.03 -33.26 44.19
N2 NAG AA . -16.21 -33.22 45.38
O3 NAG AA . -16.68 -32.70 48.21
O4 NAG AA . -19.43 -32.91 49.16
O5 NAG AA . -19.90 -32.35 45.47
O6 NAG AA . -21.46 -30.57 46.85
O7 NAG AA . -15.36 -31.33 44.47
C1 BMA AA . -19.27 -32.04 50.39
C2 BMA AA . -18.72 -32.95 51.55
C3 BMA AA . -18.60 -32.08 52.85
C4 BMA AA . -17.64 -30.87 52.58
C5 BMA AA . -18.23 -30.01 51.38
C6 BMA AA . -17.31 -28.85 50.99
O2 BMA AA . -17.47 -33.55 51.18
O3 BMA AA . -18.10 -32.90 53.93
O4 BMA AA . -17.57 -30.06 53.75
O5 BMA AA . -18.37 -30.89 50.19
O6 BMA AA . -17.96 -27.95 50.08
C1 NAG BA . -3.40 -37.37 38.83
C2 NAG BA . -4.55 -38.45 38.63
C3 NAG BA . -4.44 -39.50 39.79
C4 NAG BA . -3.03 -40.17 39.79
C5 NAG BA . -1.96 -39.04 39.98
C6 NAG BA . -0.50 -39.52 39.93
C7 NAG BA . -6.67 -37.54 37.69
C8 NAG BA . -8.01 -36.90 37.93
N2 NAG BA . -5.88 -37.81 38.74
O3 NAG BA . -5.47 -40.50 39.62
O4 NAG BA . -2.96 -41.09 40.92
O5 NAG BA . -2.10 -38.05 38.88
O6 NAG BA . -0.19 -40.39 38.85
O7 NAG BA . -6.34 -37.80 36.53
C1 NAG BA . -2.39 -42.48 40.64
C2 NAG BA . -1.83 -43.09 41.99
C3 NAG BA . -1.23 -44.50 41.67
C4 NAG BA . -2.34 -45.42 41.02
C5 NAG BA . -2.87 -44.73 39.71
C6 NAG BA . -4.00 -45.51 39.04
C7 NAG BA . -0.87 -41.44 43.61
C8 NAG BA . 0.28 -40.58 44.04
N2 NAG BA . -0.76 -42.19 42.50
O3 NAG BA . -0.77 -45.11 42.89
O4 NAG BA . -1.77 -46.71 40.73
O5 NAG BA . -3.39 -43.37 40.04
O6 NAG BA . -4.28 -45.03 37.73
O7 NAG BA . -1.90 -41.44 44.29
C1 NAG CA . -9.60 -40.99 16.41
C2 NAG CA . -9.70 -41.22 14.84
C3 NAG CA . -11.18 -41.52 14.49
C4 NAG CA . -11.69 -42.78 15.26
C5 NAG CA . -11.49 -42.55 16.81
C6 NAG CA . -11.82 -43.75 17.70
C7 NAG CA . -8.06 -39.91 13.52
C8 NAG CA . -7.66 -38.63 12.84
N2 NAG CA . -9.24 -40.00 14.15
O3 NAG CA . -11.30 -41.73 13.07
O4 NAG CA . -13.13 -42.83 14.98
O5 NAG CA . -10.07 -42.21 17.09
O6 NAG CA . -11.20 -44.96 17.28
O7 NAG CA . -7.27 -40.87 13.49
C1 NAG CA . -13.74 -44.19 14.77
C2 NAG CA . -15.31 -44.02 14.84
C3 NAG CA . -15.96 -45.44 14.67
C4 NAG CA . -15.49 -46.07 13.30
C5 NAG CA . -13.92 -46.18 13.30
C6 NAG CA . -13.34 -46.71 11.99
C7 NAG CA . -15.94 -42.19 16.41
C8 NAG CA . -16.28 -41.72 17.80
N2 NAG CA . -15.67 -43.48 16.19
O3 NAG CA . -17.39 -45.30 14.66
O4 NAG CA . -16.07 -47.38 13.16
O5 NAG CA . -13.34 -44.81 13.51
O6 NAG CA . -11.95 -47.02 12.12
O7 NAG CA . -15.90 -41.34 15.49
C1 NAG DA . -34.29 -41.43 9.51
C2 NAG DA . -33.30 -41.49 10.74
C3 NAG DA . -32.54 -42.86 10.66
C4 NAG DA . -33.57 -44.05 10.73
C5 NAG DA . -34.60 -43.89 9.54
C6 NAG DA . -35.72 -44.93 9.58
C7 NAG DA . -32.54 -39.23 11.50
C8 NAG DA . -31.60 -38.06 11.46
N2 NAG DA . -32.36 -40.32 10.72
O3 NAG DA . -31.59 -42.95 11.74
O4 NAG DA . -32.85 -45.29 10.50
O5 NAG DA . -35.25 -42.55 9.61
O6 NAG DA . -36.44 -44.94 10.81
O7 NAG DA . -33.52 -39.16 12.26
C1 NAG DA . -33.04 -46.36 11.56
C2 NAG DA . -32.40 -47.71 11.01
C3 NAG DA . -32.62 -48.81 12.10
C4 NAG DA . -31.95 -48.37 13.45
C5 NAG DA . -32.60 -47.01 13.90
C6 NAG DA . -31.92 -46.43 15.14
C7 NAG DA . -32.48 -48.20 8.56
C8 NAG DA . -33.27 -48.61 7.34
N2 NAG DA . -33.10 -48.10 9.75
O3 NAG DA . -32.01 -50.04 11.65
O4 NAG DA . -32.20 -49.37 14.45
O5 NAG DA . -32.45 -45.99 12.84
O6 NAG DA . -30.53 -46.14 14.95
O7 NAG DA . -31.28 -47.95 8.44
C1 NAG EA . -1.34 30.53 26.95
C2 NAG EA . -2.27 31.58 26.22
C3 NAG EA . -3.38 32.06 27.22
C4 NAG EA . -4.18 30.82 27.74
C5 NAG EA . -3.18 29.81 28.43
C6 NAG EA . -3.84 28.56 28.99
C7 NAG EA . -1.11 33.06 24.58
C8 NAG EA . -0.22 34.24 24.32
N2 NAG EA . -1.42 32.74 25.85
O3 NAG EA . -4.26 32.96 26.52
O4 NAG EA . -5.18 31.28 28.66
O5 NAG EA . -2.14 29.40 27.45
O6 NAG EA . -4.61 28.87 30.14
O7 NAG EA . -1.53 32.41 23.62
C1 NAG FA . 11.64 36.04 13.53
C2 NAG FA . 12.00 37.17 14.59
C3 NAG FA . 13.26 37.95 14.08
C4 NAG FA . 14.45 36.96 13.89
C5 NAG FA . 14.04 35.84 12.88
C6 NAG FA . 15.11 34.76 12.72
C7 NAG FA . 9.99 37.99 15.83
C8 NAG FA . 8.83 38.93 15.96
N2 NAG FA . 10.83 38.07 14.78
O3 NAG FA . 13.62 38.96 15.04
O4 NAG FA . 15.57 37.68 13.36
O5 NAG FA . 12.81 35.15 13.37
O6 NAG FA . 15.38 34.05 13.94
O7 NAG FA . 10.16 37.15 16.72
C1 NAG GA . -10.36 25.08 31.65
C2 NAG GA . -10.75 26.06 30.47
C3 NAG GA . -12.01 26.89 30.92
C4 NAG GA . -13.19 25.92 31.28
C5 NAG GA . -12.72 24.96 32.43
C6 NAG GA . -13.78 23.92 32.82
C7 NAG GA . -8.74 26.81 29.21
C8 NAG GA . -7.58 27.75 29.06
N2 NAG GA . -9.59 26.96 30.23
O3 NAG GA . -12.42 27.74 29.82
O4 NAG GA . -14.31 26.69 31.73
O5 NAG GA . -11.50 24.21 31.97
O6 NAG GA . -13.35 23.12 33.91
O7 NAG GA . -8.88 25.89 28.38
C1 NAG HA . 12.83 18.69 53.93
C2 NAG HA . 13.28 17.23 54.38
C3 NAG HA . 13.47 17.25 55.95
C4 NAG HA . 14.56 18.30 56.34
C5 NAG HA . 14.10 19.71 55.83
C6 NAG HA . 15.14 20.81 56.08
C7 NAG HA . 12.50 15.08 53.38
C8 NAG HA . 11.39 14.14 53.01
N2 NAG HA . 12.23 16.25 53.99
O3 NAG HA . 13.86 15.93 56.40
O4 NAG HA . 14.74 18.32 57.76
O5 NAG HA . 13.86 19.64 54.36
O6 NAG HA . 14.66 22.09 55.71
O7 NAG HA . 13.66 14.75 53.11
C1 NAG IA . 18.05 28.87 48.00
C2 NAG IA . 17.39 30.00 47.09
C3 NAG IA . 16.96 31.20 48.02
C4 NAG IA . 15.95 30.68 49.09
C5 NAG IA . 16.62 29.52 49.93
C6 NAG IA . 15.67 28.90 50.95
C7 NAG IA . 18.16 30.74 44.83
C8 NAG IA . 19.27 31.14 43.91
N2 NAG IA . 18.43 30.42 46.11
O3 NAG IA . 16.34 32.24 47.24
O4 NAG IA . 15.57 31.76 49.96
O5 NAG IA . 17.07 28.44 49.02
O6 NAG IA . 16.35 28.00 51.82
O7 NAG IA . 17.00 30.72 44.39
C1 NAG JA . 23.86 19.60 28.30
C2 NAG JA . 24.35 18.85 26.98
C3 NAG JA . 25.72 19.45 26.54
C4 NAG JA . 25.56 20.99 26.28
C5 NAG JA . 25.04 21.68 27.58
C6 NAG JA . 24.75 23.18 27.39
C7 NAG JA . 23.71 16.46 26.77
C8 NAG JA . 23.88 15.03 27.18
N2 NAG JA . 24.48 17.41 27.31
O3 NAG JA . 26.16 18.80 25.34
O4 NAG JA . 26.83 21.54 25.91
O5 NAG JA . 23.75 21.04 28.00
O6 NAG JA . 24.47 23.82 28.62
O7 NAG JA . 22.83 16.75 25.94
C1 NAG KA . 34.83 -6.75 38.12
C2 NAG KA . 35.75 -5.56 37.62
C3 NAG KA . 36.68 -6.11 36.49
C4 NAG KA . 37.56 -7.28 37.04
C5 NAG KA . 36.61 -8.41 37.59
C6 NAG KA . 37.35 -9.56 38.26
C7 NAG KA . 34.59 -3.36 37.75
C8 NAG KA . 33.71 -2.33 37.12
N2 NAG KA . 34.89 -4.48 37.06
O3 NAG KA . 37.55 -5.05 36.03
O4 NAG KA . 38.37 -7.81 35.99
O5 NAG KA . 35.71 -7.83 38.63
O6 NAG KA . 37.95 -10.45 37.32
O7 NAG KA . 35.01 -3.18 38.91
C1 NAG LA . 15.49 -11.84 54.86
C2 NAG LA . 16.01 -11.21 56.22
C3 NAG LA . 14.82 -11.05 57.22
C4 NAG LA . 13.71 -10.15 56.57
C5 NAG LA . 13.24 -10.80 55.22
C6 NAG LA . 12.22 -9.95 54.47
C7 NAG LA . 18.37 -11.88 56.71
C8 NAG LA . 19.35 -12.84 57.30
N2 NAG LA . 17.04 -12.10 56.81
O3 NAG LA . 15.28 -10.42 58.43
O4 NAG LA . 12.60 -10.02 57.48
O5 NAG LA . 14.42 -10.97 54.31
O6 NAG LA . 10.92 -10.03 55.06
O7 NAG LA . 18.81 -10.87 56.11
C1 NAG MA . 17.98 31.80 31.66
C2 NAG MA . 18.99 32.47 30.64
C3 NAG MA . 20.04 33.31 31.45
C4 NAG MA . 19.30 34.39 32.30
C5 NAG MA . 18.28 33.69 33.26
C6 NAG MA . 17.42 34.67 34.07
C7 NAG MA . 19.87 31.42 28.56
C8 NAG MA . 20.45 30.23 27.86
N2 NAG MA . 19.60 31.36 29.86
O3 NAG MA . 20.94 33.96 30.53
O4 NAG MA . 20.26 35.12 33.06
O5 NAG MA . 17.33 32.86 32.46
O6 NAG MA . 18.15 35.30 35.11
O7 NAG MA . 19.66 32.46 27.91
C1 NAG NA . 33.70 -9.39 50.96
C2 NAG NA . 33.83 -9.23 52.54
C3 NAG NA . 35.14 -9.94 53.01
C4 NAG NA . 35.07 -11.46 52.60
C5 NAG NA . 34.88 -11.57 51.04
C6 NAG NA . 34.68 -13.01 50.56
C7 NAG NA . 32.82 -7.16 53.52
C8 NAG NA . 32.86 -5.67 53.74
N2 NAG NA . 33.81 -7.76 52.83
O3 NAG NA . 35.28 -9.82 54.45
O4 NAG NA . 36.27 -12.11 53.01
O5 NAG NA . 33.66 -10.82 50.61
O6 NAG NA . 34.61 -13.09 49.13
O7 NAG NA . 31.86 -7.80 54.00
C1 NAG OA . 6.12 11.84 50.08
C2 NAG OA . 6.02 10.25 50.09
C3 NAG OA . 5.19 9.83 51.37
C4 NAG OA . 5.93 10.35 52.65
C5 NAG OA . 6.07 11.91 52.58
C6 NAG OA . 6.89 12.50 53.73
C7 NAG OA . 5.53 8.57 48.31
C8 NAG OA . 4.87 8.19 47.02
N2 NAG OA . 5.38 9.81 48.81
O3 NAG OA . 5.08 8.41 51.48
O4 NAG OA . 5.16 10.00 53.82
O5 NAG OA . 6.78 12.27 51.32
O6 NAG OA . 6.68 13.89 53.89
O7 NAG OA . 6.22 7.72 48.89
C1 NAG PA . -11.88 49.11 -4.38
C2 NAG PA . -12.85 50.37 -4.29
C3 NAG PA . -12.15 51.49 -3.44
C4 NAG PA . -11.82 50.93 -2.01
C5 NAG PA . -10.91 49.66 -2.15
C6 NAG PA . -10.65 48.94 -0.82
C7 NAG PA . -14.28 50.61 -6.33
C8 NAG PA . -14.47 51.14 -7.73
N2 NAG PA . -13.13 50.87 -5.68
O3 NAG PA . -13.02 52.62 -3.33
O4 NAG PA . -11.16 51.95 -1.25
O5 NAG PA . -11.58 48.65 -3.01
O6 NAG PA . -9.78 49.68 0.03
O7 NAG PA . -15.19 49.95 -5.81
C1 NAG QA . -18.98 30.67 5.47
C2 NAG QA . -19.28 32.23 5.65
C3 NAG QA . -18.78 32.66 7.08
C4 NAG QA . -19.51 31.81 8.17
C5 NAG QA . -19.21 30.29 7.92
C6 NAG QA . -19.95 29.37 8.89
C7 NAG QA . -19.08 33.87 3.79
C8 NAG QA . -18.23 34.57 2.76
N2 NAG QA . -18.53 32.99 4.62
O3 NAG QA . -19.08 34.06 7.28
O4 NAG QA . -19.01 32.19 9.47
O5 NAG QA . -19.65 29.92 6.55
O6 NAG QA . -19.53 28.01 8.75
O7 NAG QA . -20.29 34.13 3.83
C1 NAG RA . -25.54 35.12 -6.89
C2 NAG RA . -26.61 35.35 -8.05
C3 NAG RA . -28.03 35.49 -7.41
C4 NAG RA . -28.37 34.20 -6.59
C5 NAG RA . -27.27 33.99 -5.48
C6 NAG RA . -27.48 32.69 -4.70
C7 NAG RA . -25.69 36.63 -9.98
C8 NAG RA . -25.35 37.95 -10.61
N2 NAG RA . -26.24 36.61 -8.77
O3 NAG RA . -29.01 35.66 -8.45
O4 NAG RA . -29.65 34.36 -5.98
O5 NAG RA . -25.94 33.91 -6.13
O6 NAG RA . -26.54 32.56 -3.64
O7 NAG RA . -25.43 35.59 -10.60
C1 NAG SA . 37.47 -11.52 -20.43
C2 NAG SA . 37.32 -10.36 -21.50
C3 NAG SA . 38.31 -9.20 -21.12
C4 NAG SA . 37.98 -8.70 -19.66
C5 NAG SA . 38.11 -9.90 -18.67
C6 NAG SA . 37.74 -9.55 -17.22
C7 NAG SA . 36.86 -10.94 -23.88
C8 NAG SA . 37.32 -11.58 -25.17
N2 NAG SA . 37.68 -10.94 -22.82
O3 NAG SA . 38.16 -8.12 -22.06
O4 NAG SA . 38.91 -7.67 -19.31
O5 NAG SA . 37.19 -11.00 -19.09
O6 NAG SA . 38.25 -10.53 -16.30
O7 NAG SA . 35.73 -10.43 -23.83
C1 NAG TA . 26.37 -11.79 -34.53
C2 NAG TA . 27.80 -12.49 -34.50
C3 NAG TA . 28.27 -12.70 -35.98
C4 NAG TA . 27.22 -13.57 -36.77
C5 NAG TA . 25.83 -12.84 -36.72
C6 NAG TA . 24.71 -13.65 -37.37
C7 NAG TA . 29.55 -11.98 -32.78
C8 NAG TA . 30.44 -10.98 -32.09
N2 NAG TA . 28.72 -11.58 -33.77
O3 NAG TA . 29.54 -13.38 -36.00
O4 NAG TA . 27.65 -13.71 -38.13
O5 NAG TA . 25.44 -12.64 -35.29
O6 NAG TA . 23.50 -12.89 -37.46
O7 NAG TA . 29.60 -13.15 -32.40
C1 NAG UA . 42.57 -8.53 -10.90
C2 NAG UA . 42.24 -7.15 -11.61
C3 NAG UA . 43.58 -6.35 -11.76
C4 NAG UA . 44.23 -6.14 -10.36
C5 NAG UA . 44.49 -7.54 -9.69
C6 NAG UA . 45.07 -7.46 -8.27
C7 NAG UA . 40.43 -7.09 -13.32
C8 NAG UA . 39.91 -7.50 -14.68
N2 NAG UA . 41.65 -7.48 -12.93
O3 NAG UA . 43.28 -5.07 -12.36
O4 NAG UA . 45.48 -5.45 -10.52
O5 NAG UA . 43.20 -8.26 -9.59
O6 NAG UA . 45.63 -8.70 -7.86
O7 NAG UA . 39.72 -6.38 -12.60
C1 NAG VA . 45.49 -40.78 -7.99
C2 NAG VA . 44.97 -41.82 -6.90
C3 NAG VA . 46.11 -42.87 -6.62
C4 NAG VA . 46.50 -43.59 -7.95
C5 NAG VA . 46.97 -42.52 -9.00
C6 NAG VA . 47.31 -43.10 -10.37
C7 NAG VA . 43.55 -41.36 -4.92
C8 NAG VA . 43.26 -40.56 -3.68
N2 NAG VA . 44.62 -41.08 -5.66
O3 NAG VA . 45.65 -43.84 -5.66
O4 NAG VA . 47.56 -44.53 -7.71
O5 NAG VA . 45.88 -41.53 -9.20
O6 NAG VA . 47.88 -42.12 -11.24
O7 NAG VA . 42.76 -42.28 -5.23
C1 NAG WA . 43.18 -40.28 -20.33
C2 NAG WA . 43.37 -39.38 -21.61
C3 NAG WA . 44.80 -39.64 -22.21
C4 NAG WA . 45.87 -39.29 -21.11
C5 NAG WA . 45.61 -40.18 -19.83
C6 NAG WA . 46.55 -39.84 -18.67
C7 NAG WA . 41.49 -38.74 -23.10
C8 NAG WA . 40.37 -39.12 -24.03
N2 NAG WA . 42.27 -39.69 -22.57
O3 NAG WA . 45.00 -38.79 -23.37
O4 NAG WA . 47.18 -39.57 -21.62
O5 NAG WA . 44.21 -39.96 -19.34
O6 NAG WA . 46.60 -38.45 -18.37
O7 NAG WA . 41.66 -37.54 -22.84
C1 NAG XA . 22.66 -44.20 -17.04
C2 NAG XA . 23.87 -44.79 -17.89
C3 NAG XA . 23.42 -44.86 -19.39
C4 NAG XA . 22.14 -45.75 -19.52
C5 NAG XA . 21.00 -45.16 -18.63
C6 NAG XA . 19.72 -45.99 -18.63
C7 NAG XA . 26.09 -44.10 -16.98
C8 NAG XA . 27.17 -43.06 -16.84
N2 NAG XA . 25.00 -43.85 -17.73
O3 NAG XA . 24.50 -45.43 -20.16
O4 NAG XA . 21.73 -45.79 -20.90
O5 NAG XA . 21.47 -45.06 -17.22
O6 NAG XA . 18.61 -45.28 -18.10
O7 NAG XA . 26.21 -45.17 -16.38
C1 NAG YA . 10.84 -53.40 -1.19
C2 NAG YA . 10.66 -53.62 -2.76
C3 NAG YA . 9.13 -53.71 -3.08
C4 NAG YA . 8.49 -54.89 -2.28
C5 NAG YA . 8.74 -54.65 -0.74
C6 NAG YA . 8.24 -55.80 0.14
C7 NAG YA . 12.46 -52.54 -4.08
C8 NAG YA . 12.96 -51.34 -4.80
N2 NAG YA . 11.25 -52.48 -3.50
O3 NAG YA . 8.96 -53.95 -4.48
O4 NAG YA . 7.08 -54.92 -2.55
O5 NAG YA . 10.22 -54.54 -0.49
O6 NAG YA . 6.81 -55.84 0.21
O7 NAG YA . 13.16 -53.56 -4.03
C1 NAG ZA . 11.43 -44.50 29.30
C2 NAG ZA . 12.97 -44.92 29.17
C3 NAG ZA . 13.25 -46.10 30.16
C4 NAG ZA . 12.92 -45.67 31.62
C5 NAG ZA . 11.41 -45.24 31.69
C6 NAG ZA . 11.01 -44.70 33.06
C7 NAG ZA . 14.15 -44.84 26.98
C8 NAG ZA . 14.31 -45.38 25.59
N2 NAG ZA . 13.22 -45.38 27.78
O3 NAG ZA . 14.64 -46.46 30.07
O4 NAG ZA . 13.17 -46.76 32.51
O5 NAG ZA . 11.16 -44.15 30.71
O6 NAG ZA . 10.94 -45.71 34.06
O7 NAG ZA . 14.88 -43.92 27.37
C1 NAG AB . 29.52 -49.33 16.46
C2 NAG AB . 30.88 -50.00 16.41
C3 NAG AB . 31.87 -49.26 17.27
C4 NAG AB . 31.96 -47.83 16.77
C5 NAG AB . 30.58 -47.20 16.81
C6 NAG AB . 30.61 -45.77 16.28
C7 NAG AB . 31.01 -52.34 15.99
C8 NAG AB . 31.49 -51.86 14.65
N2 NAG AB . 30.76 -51.36 16.86
O3 NAG AB . 33.13 -49.91 17.15
O4 NAG AB . 32.83 -47.09 17.63
O5 NAG AB . 29.68 -47.97 16.01
O6 NAG AB . 30.64 -45.79 14.84
O7 NAG AB . 30.88 -53.51 16.27
C1 NAG BB . 49.60 -22.03 -27.50
C2 NAG BB . 50.49 -21.01 -28.38
C3 NAG BB . 49.53 -20.23 -29.34
C4 NAG BB . 48.77 -21.25 -30.26
C5 NAG BB . 47.97 -22.26 -29.36
C6 NAG BB . 47.28 -23.36 -30.19
C7 NAG BB . 52.53 -20.07 -27.27
C8 NAG BB . 53.15 -19.08 -26.33
N2 NAG BB . 51.19 -20.05 -27.47
O3 NAG BB . 50.30 -19.33 -30.16
O4 NAG BB . 47.87 -20.53 -31.11
O5 NAG BB . 48.89 -22.93 -28.42
O6 NAG BB . 46.46 -24.21 -29.39
O7 NAG BB . 53.26 -20.90 -27.84
C1 NAG CB . 42.11 -35.20 -0.56
C2 NAG CB . 41.30 -35.62 0.74
C3 NAG CB . 42.32 -35.88 1.89
C4 NAG CB . 43.29 -37.03 1.48
C5 NAG CB . 44.03 -36.62 0.16
C6 NAG CB . 44.90 -37.76 -0.40
C7 NAG CB . 39.03 -34.58 0.72
C8 NAG CB . 38.10 -33.49 1.14
N2 NAG CB . 40.31 -34.57 1.12
O3 NAG CB . 41.61 -36.23 3.11
O4 NAG CB . 44.25 -37.27 2.53
O5 NAG CB . 43.03 -36.30 -0.89
O6 NAG CB . 45.65 -37.35 -1.54
O7 NAG CB . 38.60 -35.51 0.00
C1 NAG DB . 29.21 15.70 -17.94
C2 NAG DB . 30.49 16.28 -18.72
C3 NAG DB . 31.71 15.34 -18.46
C4 NAG DB . 31.98 15.23 -16.92
C5 NAG DB . 30.69 14.71 -16.20
C6 NAG DB . 30.84 14.69 -14.67
C7 NAG DB . 29.96 17.52 -20.80
C8 NAG DB . 29.63 17.52 -22.27
N2 NAG DB . 30.19 16.35 -20.17
O3 NAG DB . 32.87 15.87 -19.13
O4 NAG DB . 33.07 14.33 -16.70
O5 NAG DB . 29.54 15.60 -16.50
O6 NAG DB . 31.07 15.97 -14.11
O7 NAG DB . 30.00 18.61 -20.20
C1 NAG EB . 24.66 29.77 -23.51
C2 NAG EB . 25.61 29.28 -22.33
C3 NAG EB . 26.10 30.54 -21.53
C4 NAG EB . 26.85 31.51 -22.51
C5 NAG EB . 25.88 31.92 -23.68
C6 NAG EB . 26.55 32.79 -24.75
C7 NAG EB . 25.01 27.04 -21.41
C8 NAG EB . 24.17 26.18 -20.51
N2 NAG EB . 24.82 28.37 -21.45
O3 NAG EB . 26.98 30.11 -20.48
O4 NAG EB . 27.29 32.67 -21.80
O5 NAG EB . 25.40 30.70 -24.36
O6 NAG EB . 25.63 33.18 -25.75
O7 NAG EB . 25.87 26.49 -22.11
C1 NAG FB . -40.86 -4.89 -13.41
C2 NAG FB . -41.78 -6.07 -13.64
C3 NAG FB . -43.19 -5.52 -13.72
C4 NAG FB . -43.53 -4.75 -12.46
C5 NAG FB . -42.56 -3.61 -12.28
C6 NAG FB . -42.82 -2.90 -10.96
C7 NAG FB . -42.22 -7.75 -15.32
C8 NAG FB . -41.46 -8.97 -15.73
N2 NAG FB . -41.49 -6.71 -14.90
O3 NAG FB . -44.14 -6.59 -13.81
O4 NAG FB . -44.82 -4.16 -12.58
O5 NAG FB . -41.27 -4.19 -12.25
O6 NAG FB . -41.65 -2.21 -10.49
O7 NAG FB . -43.44 -7.74 -15.35
C1 NAG GB . -29.09 -32.52 -16.20
C2 NAG GB . -29.61 -32.08 -17.64
C3 NAG GB . -29.82 -33.39 -18.49
C4 NAG GB . -28.47 -34.18 -18.59
C5 NAG GB . -27.98 -34.53 -17.14
C6 NAG GB . -26.61 -35.21 -17.11
C7 NAG GB . -30.97 -30.03 -17.36
C8 NAG GB . -32.32 -29.38 -17.22
N2 NAG GB . -30.89 -31.36 -17.53
O3 NAG GB . -30.27 -33.04 -19.82
O4 NAG GB . -28.70 -35.38 -19.33
O5 NAG GB . -27.83 -33.28 -16.35
O6 NAG GB . -26.66 -36.56 -17.58
O7 NAG GB . -29.97 -29.32 -17.31
C1 NAG HB . -44.87 -40.55 10.90
C2 NAG HB . -44.37 -40.66 12.40
C3 NAG HB . -45.15 -41.81 13.12
C4 NAG HB . -46.68 -41.50 13.07
C5 NAG HB . -47.13 -41.34 11.58
C6 NAG HB . -48.60 -40.90 11.45
C7 NAG HB . -42.02 -40.13 13.04
C8 NAG HB . -40.54 -40.41 12.94
N2 NAG HB . -42.90 -40.89 12.37
O3 NAG HB . -44.72 -41.91 14.49
O4 NAG HB . -47.41 -42.57 13.69
O5 NAG HB . -46.32 -40.28 10.92
O6 NAG HB . -49.00 -40.79 10.09
O7 NAG HB . -42.39 -39.18 13.75
C1 NAG IB . -52.40 -32.27 7.80
C2 NAG IB . -53.72 -31.39 8.00
C3 NAG IB . -54.96 -32.30 7.75
C4 NAG IB . -54.89 -32.89 6.29
C5 NAG IB . -53.56 -33.70 6.12
C6 NAG IB . -53.36 -34.25 4.70
C7 NAG IB . -53.72 -29.54 9.69
C8 NAG IB . -53.67 -29.08 11.11
N2 NAG IB . -53.68 -30.86 9.40
O3 NAG IB . -56.17 -31.53 7.90
O4 NAG IB . -56.01 -33.74 6.08
O5 NAG IB . -52.38 -32.82 6.43
O6 NAG IB . -52.46 -35.35 4.67
O7 NAG IB . -53.80 -28.68 8.79
C1 NAG JB . -43.12 -26.95 23.51
C2 NAG JB . -42.56 -25.98 24.64
C3 NAG JB . -42.65 -26.71 26.02
C4 NAG JB . -44.15 -27.10 26.31
C5 NAG JB . -44.67 -28.01 25.14
C6 NAG JB . -46.15 -28.35 25.27
C7 NAG JB . -40.80 -24.51 23.69
C8 NAG JB . -39.37 -24.22 23.34
N2 NAG JB . -41.15 -25.65 24.29
O3 NAG JB . -42.20 -25.82 27.05
O4 NAG JB . -44.22 -27.81 27.55
O5 NAG JB . -44.51 -27.30 23.85
O6 NAG JB . -46.59 -29.22 24.23
O7 NAG JB . -41.65 -23.65 23.39
C1 NAG KB . -43.24 -18.71 20.46
C2 NAG KB . -44.60 -19.41 19.99
C3 NAG KB . -45.69 -18.31 19.81
C4 NAG KB . -45.88 -17.51 21.15
C5 NAG KB . -44.51 -16.87 21.55
C6 NAG KB . -44.55 -16.11 22.88
C7 NAG KB . -44.23 -21.37 18.51
C8 NAG KB . -43.93 -21.94 17.17
N2 NAG KB . -44.33 -20.05 18.69
O3 NAG KB . -46.93 -18.95 19.46
O4 NAG KB . -46.88 -16.49 20.96
O5 NAG KB . -43.48 -17.94 21.69
O6 NAG KB . -43.43 -15.24 23.03
O7 NAG KB . -44.36 -22.16 19.47
C1 NAG LB . -29.90 -20.32 38.10
C2 NAG LB . -31.06 -19.26 37.88
C3 NAG LB . -30.65 -17.92 38.57
C4 NAG LB . -30.43 -18.17 40.10
C5 NAG LB . -29.32 -19.26 40.28
C6 NAG LB . -29.11 -19.67 41.74
C7 NAG LB . -32.36 -19.27 35.77
C8 NAG LB . -32.42 -19.01 34.29
N2 NAG LB . -31.22 -19.03 36.42
O3 NAG LB . -31.72 -16.95 38.40
O4 NAG LB . -30.03 -16.94 40.72
O5 NAG LB . -29.72 -20.50 39.55
O6 NAG LB . -28.47 -18.65 42.51
O7 NAG LB . -33.37 -19.70 36.35
C1 NAG MB . -23.80 -44.91 32.45
C2 NAG MB . -24.81 -45.98 32.83
C3 NAG MB . -24.52 -47.25 32.02
C4 NAG MB . -24.47 -46.91 30.54
C5 NAG MB . -23.46 -45.78 30.27
C6 NAG MB . -23.46 -45.34 28.83
C7 NAG MB . -25.59 -45.66 35.11
C8 NAG MB . -25.66 -46.24 36.48
N2 NAG MB . -24.79 -46.28 34.25
O3 NAG MB . -25.51 -48.23 32.29
O4 NAG MB . -24.07 -48.06 29.81
O5 NAG MB . -23.76 -44.62 31.07
O6 NAG MB . -24.71 -44.78 28.46
O7 NAG MB . -26.25 -44.68 34.78
C1 NAG NB . -53.17 -29.61 -12.31
C2 NAG NB . -53.25 -28.59 -13.56
C3 NAG NB . -53.94 -27.27 -13.08
C4 NAG NB . -55.36 -27.59 -12.53
C5 NAG NB . -55.25 -28.62 -11.35
C6 NAG NB . -56.60 -29.05 -10.78
C7 NAG NB . -51.34 -28.80 -15.16
C8 NAG NB . -49.92 -28.46 -15.53
N2 NAG NB . -51.86 -28.30 -14.03
O3 NAG NB . -54.03 -26.35 -14.18
O4 NAG NB . -55.97 -26.38 -12.05
O5 NAG NB . -54.54 -29.85 -11.82
O6 NAG NB . -57.46 -29.65 -11.75
O7 NAG NB . -51.99 -29.55 -15.91
C1 NAG OB . -48.80 -17.48 0.10
C2 NAG OB . -49.67 -16.18 0.42
C3 NAG OB . -51.14 -16.61 0.73
C4 NAG OB . -51.74 -17.38 -0.48
C5 NAG OB . -50.84 -18.64 -0.77
C6 NAG OB . -51.27 -19.44 -2.01
C7 NAG OB . -48.51 -14.30 1.60
C8 NAG OB . -47.91 -13.73 2.85
N2 NAG OB . -49.07 -15.51 1.62
O3 NAG OB . -51.92 -15.42 0.98
O4 NAG OB . -53.08 -17.79 -0.18
O5 NAG OB . -49.44 -18.20 -1.02
O6 NAG OB . -52.49 -20.15 -1.81
O7 NAG OB . -48.45 -13.63 0.55
C1 NAG PB . -31.49 -32.30 42.42
C2 NAG PB . -30.16 -31.56 42.47
C3 NAG PB . -29.74 -31.37 43.92
C4 NAG PB . -30.85 -30.63 44.63
C5 NAG PB . -32.15 -31.40 44.52
C6 NAG PB . -33.28 -30.64 45.22
C7 NAG PB . -28.74 -31.88 40.47
C8 NAG PB . -28.69 -30.40 40.21
N2 NAG PB . -29.11 -32.24 41.71
O3 NAG PB . -28.54 -30.61 43.96
O4 NAG PB . -30.50 -30.44 46.02
O5 NAG PB . -32.48 -31.57 43.14
O6 NAG PB . -34.22 -31.58 45.75
O7 NAG PB . -28.46 -32.69 39.60
C1 NAG QB . -13.90 -3.04 -44.44
C2 NAG QB . -12.56 -2.90 -45.29
C3 NAG QB . -12.28 -4.25 -46.03
C4 NAG QB . -12.15 -5.40 -44.99
C5 NAG QB . -13.47 -5.49 -44.16
C6 NAG QB . -13.43 -6.56 -43.05
C7 NAG QB . -11.94 -0.72 -46.32
C8 NAG QB . -12.21 0.34 -47.34
N2 NAG QB . -12.74 -1.80 -46.26
O3 NAG QB . -11.03 -4.13 -46.76
O4 NAG QB . -11.94 -6.64 -45.69
O5 NAG QB . -13.72 -4.17 -43.50
O6 NAG QB . -12.45 -6.29 -42.05
O7 NAG QB . -10.99 -0.58 -45.54
#